data_2LSR
#
_entry.id   2LSR
#
loop_
_entity.id
_entity.type
_entity.pdbx_description
1 polymer Harmonin
2 polymer 'peptide from Cadherin-23'
#
loop_
_entity_poly.entity_id
_entity_poly.type
_entity_poly.pdbx_seq_one_letter_code
_entity_poly.pdbx_strand_id
1 'polypeptide(L)' MDRKVAREFRHKVDFLIENDAEKDYLYDVLRMYHQTMDVAVLVGDLKLVINEPSRLPLFDAIRPLIPLKHQVEYDQLTPR A
2 'polypeptide(L)' GSLLKEVLEDYLRLKK B
#
# COMPACT_ATOMS: atom_id res chain seq x y z
N MET A 1 -9.16 13.80 7.58
CA MET A 1 -8.78 13.57 9.00
C MET A 1 -7.57 12.65 9.10
N ASP A 2 -7.44 11.73 8.15
CA ASP A 2 -6.33 10.80 8.14
C ASP A 2 -5.67 10.75 6.76
N ARG A 3 -5.65 11.90 6.09
CA ARG A 3 -5.05 11.98 4.76
C ARG A 3 -3.54 12.15 4.85
N LYS A 4 -3.09 12.85 5.89
CA LYS A 4 -1.66 13.09 6.09
C LYS A 4 -0.92 11.77 6.28
N VAL A 5 -1.58 10.80 6.90
CA VAL A 5 -0.99 9.49 7.14
C VAL A 5 -0.69 8.78 5.82
N ALA A 6 -1.56 8.98 4.84
CA ALA A 6 -1.40 8.35 3.54
C ALA A 6 -0.22 8.96 2.79
N ARG A 7 -0.21 10.28 2.71
CA ARG A 7 0.88 10.98 2.03
C ARG A 7 2.19 10.77 2.78
N GLU A 8 2.09 10.52 4.08
CA GLU A 8 3.27 10.30 4.90
C GLU A 8 3.90 8.96 4.57
N PHE A 9 3.08 7.92 4.51
CA PHE A 9 3.58 6.61 4.17
C PHE A 9 3.98 6.58 2.71
N ARG A 10 3.12 7.14 1.87
CA ARG A 10 3.39 7.22 0.44
C ARG A 10 4.72 7.93 0.20
N HIS A 11 4.93 9.02 0.93
CA HIS A 11 6.19 9.77 0.81
C HIS A 11 7.37 8.88 1.17
N LYS A 12 7.18 8.09 2.22
CA LYS A 12 8.22 7.17 2.68
C LYS A 12 8.55 6.16 1.58
N VAL A 13 7.53 5.74 0.85
CA VAL A 13 7.70 4.79 -0.25
C VAL A 13 8.63 5.36 -1.30
N ASP A 14 8.36 6.60 -1.71
CA ASP A 14 9.20 7.26 -2.71
C ASP A 14 10.64 7.33 -2.24
N PHE A 15 10.81 7.55 -0.93
CA PHE A 15 12.14 7.62 -0.33
C PHE A 15 12.82 6.25 -0.35
N LEU A 16 12.02 5.21 -0.13
CA LEU A 16 12.54 3.84 -0.11
C LEU A 16 12.32 3.14 -1.45
N ILE A 17 11.89 3.90 -2.45
CA ILE A 17 11.64 3.35 -3.77
C ILE A 17 11.89 4.41 -4.83
N GLU A 18 13.15 4.76 -4.98
CA GLU A 18 13.56 5.77 -5.95
C GLU A 18 13.15 5.37 -7.36
N ASN A 19 13.21 4.08 -7.64
CA ASN A 19 12.84 3.55 -8.95
C ASN A 19 11.36 3.79 -9.22
N ASP A 20 10.98 3.75 -10.49
CA ASP A 20 9.59 3.96 -10.88
C ASP A 20 8.85 2.63 -11.03
N ALA A 21 9.59 1.58 -11.39
CA ALA A 21 9.00 0.26 -11.57
C ALA A 21 8.38 -0.23 -10.28
N GLU A 22 9.18 -0.23 -9.21
CA GLU A 22 8.69 -0.67 -7.91
C GLU A 22 7.40 0.06 -7.59
N LYS A 23 7.33 1.31 -8.02
CA LYS A 23 6.14 2.13 -7.82
C LYS A 23 5.03 1.67 -8.74
N ASP A 24 5.40 1.23 -9.95
CA ASP A 24 4.43 0.74 -10.91
C ASP A 24 3.76 -0.53 -10.39
N TYR A 25 4.57 -1.43 -9.84
CA TYR A 25 4.06 -2.68 -9.29
C TYR A 25 3.14 -2.40 -8.11
N LEU A 26 3.55 -1.45 -7.27
CA LEU A 26 2.76 -1.07 -6.11
C LEU A 26 1.42 -0.49 -6.53
N TYR A 27 1.43 0.31 -7.60
CA TYR A 27 0.22 0.92 -8.11
C TYR A 27 -0.78 -0.15 -8.52
N ASP A 28 -0.29 -1.17 -9.21
CA ASP A 28 -1.14 -2.26 -9.66
C ASP A 28 -1.71 -3.03 -8.48
N VAL A 29 -0.92 -3.12 -7.40
CA VAL A 29 -1.34 -3.82 -6.20
C VAL A 29 -2.47 -3.06 -5.52
N LEU A 30 -2.33 -1.75 -5.43
CA LEU A 30 -3.34 -0.90 -4.81
C LEU A 30 -4.62 -0.92 -5.61
N ARG A 31 -4.49 -0.84 -6.93
CA ARG A 31 -5.64 -0.86 -7.82
C ARG A 31 -6.38 -2.19 -7.72
N MET A 32 -5.63 -3.26 -7.49
CA MET A 32 -6.21 -4.59 -7.36
C MET A 32 -7.07 -4.67 -6.12
N TYR A 33 -6.55 -4.18 -5.00
CA TYR A 33 -7.28 -4.21 -3.74
C TYR A 33 -8.59 -3.42 -3.85
N HIS A 34 -8.52 -2.29 -4.53
CA HIS A 34 -9.71 -1.45 -4.70
C HIS A 34 -10.74 -2.12 -5.59
N GLN A 35 -10.28 -2.72 -6.69
CA GLN A 35 -11.18 -3.39 -7.62
C GLN A 35 -11.63 -4.76 -7.10
N THR A 36 -10.67 -5.58 -6.66
CA THR A 36 -10.97 -6.91 -6.15
C THR A 36 -11.53 -6.87 -4.73
N MET A 37 -11.10 -5.88 -3.96
CA MET A 37 -11.54 -5.75 -2.58
C MET A 37 -11.11 -6.96 -1.75
N ASP A 38 -10.00 -7.56 -2.15
CA ASP A 38 -9.46 -8.74 -1.45
C ASP A 38 -8.07 -8.45 -0.91
N VAL A 39 -7.91 -8.61 0.40
CA VAL A 39 -6.62 -8.37 1.05
C VAL A 39 -5.67 -9.55 0.86
N ALA A 40 -6.18 -10.64 0.28
CA ALA A 40 -5.35 -11.82 0.05
C ALA A 40 -4.44 -11.60 -1.14
N VAL A 41 -4.96 -10.90 -2.14
CA VAL A 41 -4.18 -10.60 -3.32
C VAL A 41 -3.13 -9.55 -3.00
N LEU A 42 -3.47 -8.65 -2.09
CA LEU A 42 -2.57 -7.59 -1.67
C LEU A 42 -1.37 -8.17 -0.93
N VAL A 43 -1.62 -9.09 -0.01
CA VAL A 43 -0.54 -9.71 0.76
C VAL A 43 0.47 -10.39 -0.15
N GLY A 44 -0.02 -11.14 -1.13
CA GLY A 44 0.86 -11.84 -2.04
C GLY A 44 1.75 -10.90 -2.83
N ASP A 45 1.14 -9.98 -3.56
CA ASP A 45 1.89 -9.01 -4.37
C ASP A 45 2.72 -8.09 -3.50
N LEU A 46 2.17 -7.73 -2.33
CA LEU A 46 2.87 -6.85 -1.40
C LEU A 46 4.27 -7.38 -1.10
N LYS A 47 4.33 -8.62 -0.65
CA LYS A 47 5.61 -9.26 -0.33
C LYS A 47 6.56 -9.19 -1.52
N LEU A 48 6.03 -9.46 -2.70
CA LEU A 48 6.83 -9.43 -3.93
C LEU A 48 7.59 -8.11 -4.04
N VAL A 49 6.90 -7.00 -3.77
CA VAL A 49 7.53 -5.69 -3.83
C VAL A 49 7.88 -5.18 -2.43
N ILE A 50 7.73 -6.04 -1.43
CA ILE A 50 8.03 -5.68 -0.05
C ILE A 50 8.76 -6.82 0.67
N ASN A 51 9.48 -7.62 -0.10
CA ASN A 51 10.23 -8.74 0.46
C ASN A 51 11.62 -8.30 0.95
N GLU A 52 11.83 -7.00 1.11
CA GLU A 52 13.12 -6.51 1.58
C GLU A 52 12.93 -5.58 2.78
N PRO A 53 13.86 -5.61 3.75
CA PRO A 53 13.78 -4.76 4.93
C PRO A 53 13.51 -3.30 4.55
N SER A 54 14.12 -2.87 3.45
CA SER A 54 13.94 -1.51 2.97
C SER A 54 12.53 -1.31 2.44
N ARG A 55 11.97 -2.36 1.85
CA ARG A 55 10.63 -2.30 1.29
C ARG A 55 9.57 -2.70 2.32
N LEU A 56 10.01 -3.28 3.43
CA LEU A 56 9.10 -3.70 4.49
C LEU A 56 8.16 -2.57 4.93
N PRO A 57 8.69 -1.36 5.15
CA PRO A 57 7.90 -0.20 5.58
C PRO A 57 6.61 -0.02 4.78
N LEU A 58 6.57 -0.53 3.55
CA LEU A 58 5.39 -0.40 2.70
C LEU A 58 4.26 -1.32 3.19
N PHE A 59 4.61 -2.51 3.63
CA PHE A 59 3.63 -3.47 4.12
C PHE A 59 2.84 -2.90 5.29
N ASP A 60 3.56 -2.36 6.27
CA ASP A 60 2.95 -1.78 7.46
C ASP A 60 2.31 -0.43 7.14
N ALA A 61 2.91 0.27 6.19
CA ALA A 61 2.45 1.59 5.79
C ALA A 61 1.04 1.54 5.18
N ILE A 62 0.89 0.78 4.09
CA ILE A 62 -0.39 0.67 3.41
C ILE A 62 -1.49 0.11 4.32
N ARG A 63 -1.10 -0.79 5.22
CA ARG A 63 -2.05 -1.42 6.16
C ARG A 63 -3.06 -0.40 6.70
N PRO A 64 -2.61 0.62 7.45
CA PRO A 64 -3.47 1.64 8.04
C PRO A 64 -4.69 1.98 7.17
N LEU A 65 -4.50 1.93 5.85
CA LEU A 65 -5.58 2.23 4.92
C LEU A 65 -6.68 1.18 5.05
N ILE A 66 -6.28 -0.08 4.94
CA ILE A 66 -7.20 -1.20 5.06
C ILE A 66 -8.17 -1.00 6.23
N PRO A 67 -9.48 -1.22 6.00
CA PRO A 67 -10.50 -1.07 7.04
C PRO A 67 -10.26 -2.01 8.22
N LEU A 68 -10.94 -1.74 9.33
CA LEU A 68 -10.79 -2.55 10.53
C LEU A 68 -10.98 -4.03 10.23
N LYS A 69 -12.08 -4.36 9.56
CA LYS A 69 -12.37 -5.75 9.21
C LYS A 69 -11.23 -6.35 8.40
N HIS A 70 -10.96 -5.74 7.24
CA HIS A 70 -9.88 -6.22 6.39
C HIS A 70 -8.54 -6.16 7.12
N GLN A 71 -8.46 -5.30 8.14
CA GLN A 71 -7.25 -5.17 8.92
C GLN A 71 -6.98 -6.46 9.70
N VAL A 72 -8.04 -7.00 10.29
CA VAL A 72 -7.93 -8.24 11.05
C VAL A 72 -7.55 -9.39 10.13
N GLU A 73 -8.20 -9.47 8.98
CA GLU A 73 -7.92 -10.51 8.01
C GLU A 73 -6.56 -10.29 7.36
N TYR A 74 -6.20 -9.01 7.20
CA TYR A 74 -4.92 -8.65 6.60
C TYR A 74 -3.77 -8.99 7.53
N ASP A 75 -3.92 -8.64 8.80
CA ASP A 75 -2.90 -8.92 9.80
C ASP A 75 -2.69 -10.42 9.95
N GLN A 76 -3.79 -11.17 9.86
CA GLN A 76 -3.74 -12.62 9.97
C GLN A 76 -2.92 -13.23 8.83
N LEU A 77 -3.18 -12.75 7.62
CA LEU A 77 -2.48 -13.25 6.44
C LEU A 77 -0.99 -12.90 6.51
N THR A 78 -0.69 -11.73 7.08
CA THR A 78 0.68 -11.27 7.22
C THR A 78 1.39 -11.99 8.36
N PRO A 79 2.73 -12.09 8.29
CA PRO A 79 3.52 -12.76 9.33
C PRO A 79 3.55 -11.98 10.63
N ARG A 80 2.44 -12.00 11.36
CA ARG A 80 2.34 -11.29 12.63
C ARG A 80 1.00 -11.59 13.31
N GLY B 1 -13.71 6.72 5.05
CA GLY B 1 -13.45 7.71 4.01
C GLY B 1 -12.56 7.18 2.90
N SER B 2 -12.43 5.86 2.83
CA SER B 2 -11.60 5.23 1.80
C SER B 2 -10.17 5.78 1.83
N LEU B 3 -9.34 5.22 2.71
CA LEU B 3 -7.95 5.65 2.84
C LEU B 3 -7.13 5.18 1.64
N LEU B 4 -7.38 3.95 1.21
CA LEU B 4 -6.67 3.39 0.06
C LEU B 4 -6.80 4.29 -1.15
N LYS B 5 -8.04 4.63 -1.50
CA LYS B 5 -8.32 5.50 -2.64
C LYS B 5 -7.60 6.83 -2.50
N GLU B 6 -7.45 7.30 -1.27
CA GLU B 6 -6.76 8.57 -1.01
C GLU B 6 -5.30 8.50 -1.42
N VAL B 7 -4.66 7.38 -1.10
CA VAL B 7 -3.25 7.20 -1.44
C VAL B 7 -3.05 7.08 -2.94
N LEU B 8 -3.99 6.41 -3.62
CA LEU B 8 -3.89 6.26 -5.07
C LEU B 8 -3.95 7.61 -5.76
N GLU B 9 -4.90 8.45 -5.33
CA GLU B 9 -5.06 9.78 -5.90
C GLU B 9 -3.85 10.65 -5.59
N ASP B 10 -3.27 10.46 -4.40
CA ASP B 10 -2.10 11.22 -3.99
C ASP B 10 -0.94 10.97 -4.95
N TYR B 11 -0.78 9.72 -5.34
CA TYR B 11 0.29 9.34 -6.26
C TYR B 11 0.05 9.93 -7.65
N LEU B 12 -1.14 9.66 -8.19
CA LEU B 12 -1.52 10.16 -9.51
C LEU B 12 -1.28 11.65 -9.61
N ARG B 13 -1.54 12.36 -8.52
CA ARG B 13 -1.34 13.80 -8.48
C ARG B 13 0.14 14.13 -8.35
N LEU B 14 0.85 13.31 -7.58
CA LEU B 14 2.27 13.51 -7.38
C LEU B 14 3.03 13.21 -8.68
N LYS B 15 2.33 12.61 -9.65
CA LYS B 15 2.94 12.28 -10.93
C LYS B 15 3.01 13.50 -11.82
N LYS B 16 1.89 13.88 -12.40
CA LYS B 16 1.81 15.04 -13.28
C LYS B 16 2.76 14.88 -14.47
N MET A 1 -5.54 6.65 10.00
CA MET A 1 -6.90 7.26 10.12
C MET A 1 -6.87 8.76 9.80
N ASP A 2 -5.98 9.14 8.89
CA ASP A 2 -5.86 10.54 8.50
C ASP A 2 -5.39 10.66 7.05
N ARG A 3 -5.54 11.85 6.48
CA ARG A 3 -5.13 12.08 5.10
C ARG A 3 -3.62 12.26 5.01
N LYS A 4 -3.06 12.98 5.97
CA LYS A 4 -1.62 13.22 6.00
C LYS A 4 -0.85 11.91 6.11
N VAL A 5 -1.43 10.95 6.82
CA VAL A 5 -0.80 9.65 7.02
C VAL A 5 -0.59 8.94 5.69
N ALA A 6 -1.54 9.10 4.78
CA ALA A 6 -1.45 8.46 3.47
C ALA A 6 -0.34 9.08 2.64
N ARG A 7 -0.35 10.40 2.54
CA ARG A 7 0.66 11.11 1.78
C ARG A 7 2.02 10.98 2.46
N GLU A 8 1.99 10.78 3.77
CA GLU A 8 3.23 10.63 4.53
C GLU A 8 3.85 9.28 4.24
N PHE A 9 3.04 8.23 4.27
CA PHE A 9 3.55 6.89 3.98
C PHE A 9 3.88 6.79 2.50
N ARG A 10 2.99 7.31 1.66
CA ARG A 10 3.22 7.30 0.23
C ARG A 10 4.52 8.02 -0.10
N HIS A 11 4.74 9.17 0.54
CA HIS A 11 5.97 9.93 0.33
C HIS A 11 7.17 9.08 0.71
N LYS A 12 7.01 8.31 1.78
CA LYS A 12 8.07 7.43 2.25
C LYS A 12 8.39 6.37 1.20
N VAL A 13 7.34 5.89 0.53
CA VAL A 13 7.50 4.88 -0.50
C VAL A 13 8.40 5.40 -1.62
N ASP A 14 8.12 6.61 -2.09
CA ASP A 14 8.91 7.21 -3.14
C ASP A 14 10.38 7.31 -2.71
N PHE A 15 10.60 7.69 -1.47
CA PHE A 15 11.94 7.80 -0.92
C PHE A 15 12.57 6.43 -0.76
N LEU A 16 11.74 5.43 -0.45
CA LEU A 16 12.21 4.06 -0.26
C LEU A 16 12.06 3.24 -1.54
N ILE A 17 11.67 3.89 -2.64
CA ILE A 17 11.49 3.22 -3.90
C ILE A 17 11.84 4.16 -5.04
N GLU A 18 13.11 4.48 -5.13
CA GLU A 18 13.62 5.36 -6.17
C GLU A 18 13.26 4.86 -7.55
N ASN A 19 13.25 3.54 -7.72
CA ASN A 19 12.92 2.93 -8.99
C ASN A 19 11.48 3.23 -9.38
N ASP A 20 11.09 2.81 -10.58
CA ASP A 20 9.73 3.05 -11.06
C ASP A 20 8.94 1.74 -11.11
N ALA A 21 9.64 0.64 -11.34
CA ALA A 21 9.00 -0.67 -11.41
C ALA A 21 8.33 -1.01 -10.09
N GLU A 22 9.08 -0.91 -9.01
CA GLU A 22 8.55 -1.19 -7.69
C GLU A 22 7.26 -0.41 -7.49
N LYS A 23 7.23 0.80 -8.07
CA LYS A 23 6.05 1.65 -7.99
C LYS A 23 4.95 1.08 -8.87
N ASP A 24 5.33 0.47 -9.98
CA ASP A 24 4.37 -0.12 -10.91
C ASP A 24 3.64 -1.27 -10.22
N TYR A 25 4.39 -2.09 -9.49
CA TYR A 25 3.81 -3.22 -8.79
C TYR A 25 2.85 -2.73 -7.70
N LEU A 26 3.28 -1.69 -6.97
CA LEU A 26 2.47 -1.11 -5.91
C LEU A 26 1.14 -0.62 -6.46
N TYR A 27 1.20 0.00 -7.64
CA TYR A 27 -0.01 0.52 -8.28
C TYR A 27 -1.00 -0.60 -8.56
N ASP A 28 -0.50 -1.68 -9.13
CA ASP A 28 -1.34 -2.83 -9.45
C ASP A 28 -2.00 -3.38 -8.19
N VAL A 29 -1.24 -3.41 -7.10
CA VAL A 29 -1.75 -3.90 -5.83
C VAL A 29 -2.89 -3.02 -5.33
N LEU A 30 -2.66 -1.72 -5.32
CA LEU A 30 -3.66 -0.77 -4.88
C LEU A 30 -4.89 -0.84 -5.78
N ARG A 31 -4.65 -0.96 -7.07
CA ARG A 31 -5.74 -1.05 -8.04
C ARG A 31 -6.61 -2.26 -7.75
N MET A 32 -6.00 -3.34 -7.27
CA MET A 32 -6.73 -4.55 -6.94
C MET A 32 -7.67 -4.30 -5.77
N TYR A 33 -7.13 -3.73 -4.70
CA TYR A 33 -7.93 -3.43 -3.52
C TYR A 33 -9.14 -2.58 -3.89
N HIS A 34 -8.96 -1.71 -4.87
CA HIS A 34 -10.03 -0.83 -5.32
C HIS A 34 -11.05 -1.59 -6.18
N GLN A 35 -10.56 -2.22 -7.24
CA GLN A 35 -11.41 -2.94 -8.17
C GLN A 35 -11.85 -4.31 -7.63
N THR A 36 -10.88 -5.15 -7.26
CA THR A 36 -11.17 -6.49 -6.76
C THR A 36 -11.53 -6.47 -5.28
N MET A 37 -10.88 -5.62 -4.50
CA MET A 37 -11.13 -5.53 -3.08
C MET A 37 -10.73 -6.82 -2.37
N ASP A 38 -9.82 -7.57 -2.98
CA ASP A 38 -9.34 -8.82 -2.39
C ASP A 38 -7.99 -8.61 -1.72
N VAL A 39 -7.95 -8.76 -0.40
CA VAL A 39 -6.73 -8.59 0.36
C VAL A 39 -5.76 -9.74 0.14
N ALA A 40 -6.21 -10.78 -0.54
CA ALA A 40 -5.36 -11.93 -0.81
C ALA A 40 -4.37 -11.60 -1.91
N VAL A 41 -4.83 -10.78 -2.86
CA VAL A 41 -3.97 -10.38 -3.96
C VAL A 41 -2.93 -9.37 -3.50
N LEU A 42 -3.32 -8.55 -2.53
CA LEU A 42 -2.42 -7.53 -1.99
C LEU A 42 -1.30 -8.17 -1.18
N VAL A 43 -1.65 -9.18 -0.38
CA VAL A 43 -0.66 -9.86 0.44
C VAL A 43 0.45 -10.47 -0.42
N GLY A 44 0.06 -11.08 -1.53
CA GLY A 44 1.02 -11.69 -2.43
C GLY A 44 1.94 -10.67 -3.08
N ASP A 45 1.35 -9.70 -3.77
CA ASP A 45 2.12 -8.66 -4.45
C ASP A 45 2.92 -7.83 -3.45
N LEU A 46 2.25 -7.36 -2.40
CA LEU A 46 2.90 -6.55 -1.37
C LEU A 46 4.18 -7.22 -0.87
N LYS A 47 4.08 -8.51 -0.55
CA LYS A 47 5.24 -9.26 -0.07
C LYS A 47 6.39 -9.17 -1.06
N LEU A 48 6.09 -9.44 -2.33
CA LEU A 48 7.09 -9.38 -3.39
C LEU A 48 7.84 -8.05 -3.37
N VAL A 49 7.11 -6.97 -3.12
CA VAL A 49 7.72 -5.64 -3.06
C VAL A 49 7.94 -5.18 -1.62
N ILE A 50 7.71 -6.07 -0.67
CA ILE A 50 7.87 -5.75 0.74
C ILE A 50 8.42 -6.94 1.53
N ASN A 51 9.18 -7.79 0.85
CA ASN A 51 9.77 -8.96 1.48
C ASN A 51 11.16 -8.65 2.06
N GLU A 52 11.48 -7.36 2.19
CA GLU A 52 12.77 -6.97 2.74
C GLU A 52 12.60 -5.92 3.82
N PRO A 53 13.52 -5.88 4.80
CA PRO A 53 13.46 -4.90 5.89
C PRO A 53 13.33 -3.48 5.36
N SER A 54 14.04 -3.21 4.27
CA SER A 54 13.98 -1.89 3.64
C SER A 54 12.62 -1.66 3.01
N ARG A 55 12.02 -2.73 2.51
CA ARG A 55 10.71 -2.64 1.87
C ARG A 55 9.58 -2.89 2.87
N LEU A 56 9.94 -3.25 4.10
CA LEU A 56 8.95 -3.50 5.14
C LEU A 56 8.10 -2.26 5.44
N PRO A 57 8.73 -1.07 5.55
CA PRO A 57 8.01 0.18 5.83
C PRO A 57 6.72 0.34 5.02
N LEU A 58 6.66 -0.27 3.84
CA LEU A 58 5.48 -0.19 3.00
C LEU A 58 4.34 -1.04 3.55
N PHE A 59 4.71 -2.17 4.16
CA PHE A 59 3.73 -3.07 4.74
C PHE A 59 2.93 -2.39 5.84
N ASP A 60 3.65 -1.73 6.75
CA ASP A 60 3.02 -1.03 7.86
C ASP A 60 2.39 0.28 7.38
N ALA A 61 3.00 0.86 6.35
CA ALA A 61 2.52 2.12 5.79
C ALA A 61 1.09 1.99 5.26
N ILE A 62 0.92 1.15 4.24
CA ILE A 62 -0.39 0.93 3.63
C ILE A 62 -1.40 0.35 4.62
N ARG A 63 -0.89 -0.45 5.56
CA ARG A 63 -1.73 -1.10 6.58
C ARG A 63 -2.88 -0.20 7.05
N PRO A 64 -2.57 0.92 7.74
CA PRO A 64 -3.58 1.86 8.23
C PRO A 64 -4.78 2.03 7.29
N LEU A 65 -4.52 1.94 5.99
CA LEU A 65 -5.59 2.07 5.00
C LEU A 65 -6.56 0.92 5.14
N ILE A 66 -6.00 -0.28 5.16
CA ILE A 66 -6.76 -1.51 5.29
C ILE A 66 -7.83 -1.39 6.39
N PRO A 67 -9.11 -1.60 6.03
CA PRO A 67 -10.22 -1.52 6.98
C PRO A 67 -9.95 -2.30 8.27
N LEU A 68 -10.76 -2.05 9.29
CA LEU A 68 -10.60 -2.74 10.57
C LEU A 68 -10.63 -4.25 10.39
N LYS A 69 -11.72 -4.75 9.80
CA LYS A 69 -11.87 -6.18 9.56
C LYS A 69 -10.76 -6.67 8.64
N HIS A 70 -10.49 -5.93 7.58
CA HIS A 70 -9.46 -6.28 6.62
C HIS A 70 -8.09 -6.26 7.30
N GLN A 71 -7.95 -5.40 8.31
CA GLN A 71 -6.69 -5.30 9.05
C GLN A 71 -6.37 -6.63 9.72
N VAL A 72 -7.38 -7.25 10.28
CA VAL A 72 -7.20 -8.55 10.94
C VAL A 72 -6.83 -9.61 9.91
N GLU A 73 -7.56 -9.62 8.80
CA GLU A 73 -7.29 -10.57 7.73
C GLU A 73 -5.93 -10.31 7.12
N TYR A 74 -5.52 -9.04 7.09
CA TYR A 74 -4.24 -8.64 6.54
C TYR A 74 -3.10 -9.27 7.35
N ASP A 75 -3.21 -9.18 8.66
CA ASP A 75 -2.21 -9.74 9.56
C ASP A 75 -2.18 -11.26 9.47
N GLN A 76 -3.35 -11.85 9.23
CA GLN A 76 -3.46 -13.30 9.11
C GLN A 76 -2.74 -13.81 7.87
N LEU A 77 -2.76 -13.02 6.79
CA LEU A 77 -2.12 -13.40 5.54
C LEU A 77 -0.70 -12.86 5.45
N THR A 78 -0.41 -11.78 6.17
CA THR A 78 0.92 -11.17 6.15
C THR A 78 2.03 -12.23 6.28
N PRO A 79 1.95 -13.11 7.28
CA PRO A 79 2.97 -14.15 7.49
C PRO A 79 3.08 -15.09 6.29
N ARG A 80 4.04 -16.01 6.36
CA ARG A 80 4.26 -16.97 5.29
C ARG A 80 3.14 -18.01 5.23
N GLY B 1 -14.85 6.40 6.18
CA GLY B 1 -13.95 7.07 5.27
C GLY B 1 -13.20 6.10 4.37
N SER B 2 -12.16 6.58 3.71
CA SER B 2 -11.36 5.75 2.82
C SER B 2 -9.96 6.34 2.61
N LEU B 3 -8.99 5.79 3.34
CA LEU B 3 -7.62 6.28 3.23
C LEU B 3 -6.95 5.74 1.98
N LEU B 4 -7.29 4.50 1.62
CA LEU B 4 -6.72 3.87 0.43
C LEU B 4 -6.91 4.74 -0.80
N LYS B 5 -8.16 5.14 -1.04
CA LYS B 5 -8.50 5.98 -2.19
C LYS B 5 -7.69 7.29 -2.15
N GLU B 6 -7.40 7.75 -0.94
CA GLU B 6 -6.63 8.98 -0.78
C GLU B 6 -5.19 8.81 -1.25
N VAL B 7 -4.64 7.62 -1.01
CA VAL B 7 -3.27 7.33 -1.42
C VAL B 7 -3.16 7.21 -2.93
N LEU B 8 -4.18 6.63 -3.55
CA LEU B 8 -4.19 6.46 -5.00
C LEU B 8 -4.24 7.82 -5.69
N GLU B 9 -5.12 8.68 -5.19
CA GLU B 9 -5.26 10.02 -5.76
C GLU B 9 -4.02 10.86 -5.47
N ASP B 10 -3.42 10.64 -4.30
CA ASP B 10 -2.23 11.37 -3.91
C ASP B 10 -1.10 11.13 -4.90
N TYR B 11 -0.97 9.88 -5.33
CA TYR B 11 0.08 9.50 -6.28
C TYR B 11 -0.23 10.08 -7.66
N LEU B 12 -1.48 9.90 -8.09
CA LEU B 12 -1.91 10.40 -9.39
C LEU B 12 -1.54 11.87 -9.56
N ARG B 13 -1.66 12.63 -8.47
CA ARG B 13 -1.33 14.05 -8.48
C ARG B 13 0.17 14.23 -8.44
N LEU B 14 0.84 13.38 -7.68
CA LEU B 14 2.29 13.43 -7.57
C LEU B 14 2.93 13.17 -8.93
N LYS B 15 2.15 12.60 -9.86
CA LYS B 15 2.63 12.30 -11.19
C LYS B 15 2.48 13.50 -12.11
N LYS B 16 1.29 14.09 -12.10
CA LYS B 16 1.00 15.26 -12.93
C LYS B 16 1.54 16.53 -12.29
N MET A 1 -10.21 14.45 5.88
CA MET A 1 -9.29 14.04 6.97
C MET A 1 -8.71 12.65 6.70
N ASP A 2 -7.75 12.25 7.54
CA ASP A 2 -7.12 10.95 7.39
C ASP A 2 -6.44 10.82 6.04
N ARG A 3 -5.95 11.94 5.51
CA ARG A 3 -5.28 11.96 4.22
C ARG A 3 -3.77 12.18 4.39
N LYS A 4 -3.41 12.94 5.42
CA LYS A 4 -2.01 13.23 5.68
C LYS A 4 -1.22 11.95 5.93
N VAL A 5 -1.83 11.02 6.66
CA VAL A 5 -1.19 9.75 6.97
C VAL A 5 -0.86 8.98 5.70
N ALA A 6 -1.73 9.11 4.70
CA ALA A 6 -1.53 8.42 3.42
C ALA A 6 -0.35 9.00 2.67
N ARG A 7 -0.35 10.31 2.51
CA ARG A 7 0.74 10.99 1.81
C ARG A 7 2.04 10.85 2.59
N GLU A 8 1.92 10.68 3.90
CA GLU A 8 3.09 10.52 4.75
C GLU A 8 3.74 9.16 4.51
N PHE A 9 2.94 8.11 4.53
CA PHE A 9 3.45 6.77 4.30
C PHE A 9 3.86 6.65 2.83
N ARG A 10 3.00 7.17 1.95
CA ARG A 10 3.26 7.16 0.52
C ARG A 10 4.59 7.85 0.24
N HIS A 11 4.81 8.99 0.89
CA HIS A 11 6.06 9.74 0.72
C HIS A 11 7.23 8.86 1.10
N LYS A 12 7.08 8.14 2.20
CA LYS A 12 8.12 7.24 2.68
C LYS A 12 8.44 6.18 1.63
N VAL A 13 7.40 5.74 0.91
CA VAL A 13 7.56 4.74 -0.13
C VAL A 13 8.48 5.25 -1.23
N ASP A 14 8.19 6.46 -1.71
CA ASP A 14 9.00 7.06 -2.76
C ASP A 14 10.47 7.14 -2.33
N PHE A 15 10.67 7.44 -1.05
CA PHE A 15 12.00 7.55 -0.48
C PHE A 15 12.66 6.17 -0.43
N LEU A 16 11.84 5.13 -0.26
CA LEU A 16 12.35 3.76 -0.19
C LEU A 16 12.08 2.99 -1.49
N ILE A 17 11.63 3.70 -2.53
CA ILE A 17 11.34 3.09 -3.79
C ILE A 17 11.67 4.05 -4.93
N GLU A 18 12.94 4.31 -5.09
CA GLU A 18 13.44 5.21 -6.13
C GLU A 18 13.48 4.51 -7.48
N ASN A 19 13.61 3.19 -7.46
CA ASN A 19 13.67 2.40 -8.69
C ASN A 19 12.54 2.75 -9.64
N ASP A 20 11.44 3.27 -9.08
CA ASP A 20 10.26 3.66 -9.88
C ASP A 20 9.38 2.46 -10.17
N ALA A 21 9.96 1.40 -10.73
CA ALA A 21 9.21 0.19 -11.04
C ALA A 21 8.48 -0.32 -9.82
N GLU A 22 9.20 -0.46 -8.72
CA GLU A 22 8.59 -0.92 -7.48
C GLU A 22 7.35 -0.08 -7.19
N LYS A 23 7.42 1.19 -7.56
CA LYS A 23 6.31 2.10 -7.38
C LYS A 23 5.16 1.73 -8.31
N ASP A 24 5.51 1.26 -9.51
CA ASP A 24 4.51 0.86 -10.49
C ASP A 24 3.68 -0.30 -9.95
N TYR A 25 4.37 -1.31 -9.41
CA TYR A 25 3.71 -2.47 -8.84
C TYR A 25 2.82 -2.06 -7.68
N LEU A 26 3.31 -1.12 -6.88
CA LEU A 26 2.55 -0.62 -5.73
C LEU A 26 1.22 -0.01 -6.19
N TYR A 27 1.27 0.73 -7.29
CA TYR A 27 0.08 1.37 -7.84
C TYR A 27 -0.96 0.32 -8.21
N ASP A 28 -0.51 -0.72 -8.91
CA ASP A 28 -1.38 -1.80 -9.33
C ASP A 28 -2.00 -2.50 -8.12
N VAL A 29 -1.21 -2.64 -7.05
CA VAL A 29 -1.70 -3.28 -5.84
C VAL A 29 -2.84 -2.50 -5.22
N LEU A 30 -2.68 -1.18 -5.16
CA LEU A 30 -3.71 -0.30 -4.61
C LEU A 30 -4.97 -0.35 -5.46
N ARG A 31 -4.79 -0.25 -6.76
CA ARG A 31 -5.92 -0.29 -7.69
C ARG A 31 -6.64 -1.62 -7.59
N MET A 32 -5.89 -2.68 -7.29
CA MET A 32 -6.46 -4.01 -7.16
C MET A 32 -7.34 -4.08 -5.92
N TYR A 33 -6.86 -3.56 -4.81
CA TYR A 33 -7.61 -3.57 -3.56
C TYR A 33 -8.93 -2.83 -3.73
N HIS A 34 -8.92 -1.74 -4.47
CA HIS A 34 -10.12 -0.94 -4.69
C HIS A 34 -11.08 -1.63 -5.67
N GLN A 35 -10.53 -2.14 -6.76
CA GLN A 35 -11.33 -2.81 -7.78
C GLN A 35 -11.74 -4.23 -7.35
N THR A 36 -10.74 -5.05 -7.01
CA THR A 36 -11.00 -6.43 -6.61
C THR A 36 -11.59 -6.52 -5.21
N MET A 37 -11.09 -5.70 -4.29
CA MET A 37 -11.56 -5.71 -2.92
C MET A 37 -11.13 -6.97 -2.20
N ASP A 38 -10.03 -7.56 -2.67
CA ASP A 38 -9.50 -8.79 -2.07
C ASP A 38 -8.17 -8.53 -1.39
N VAL A 39 -8.09 -8.88 -0.11
CA VAL A 39 -6.87 -8.67 0.66
C VAL A 39 -5.82 -9.73 0.32
N ALA A 40 -6.24 -10.77 -0.41
CA ALA A 40 -5.33 -11.83 -0.79
C ALA A 40 -4.45 -11.41 -1.96
N VAL A 41 -5.03 -10.61 -2.86
CA VAL A 41 -4.29 -10.12 -4.01
C VAL A 41 -3.26 -9.09 -3.57
N LEU A 42 -3.62 -8.31 -2.55
CA LEU A 42 -2.74 -7.28 -2.03
C LEU A 42 -1.54 -7.89 -1.32
N VAL A 43 -1.81 -8.87 -0.44
CA VAL A 43 -0.75 -9.53 0.31
C VAL A 43 0.28 -10.16 -0.63
N GLY A 44 -0.21 -10.75 -1.72
CA GLY A 44 0.68 -11.39 -2.68
C GLY A 44 1.58 -10.39 -3.39
N ASP A 45 0.98 -9.39 -4.01
CA ASP A 45 1.74 -8.37 -4.73
C ASP A 45 2.62 -7.58 -3.78
N LEU A 46 2.04 -7.12 -2.68
CA LEU A 46 2.78 -6.33 -1.70
C LEU A 46 4.08 -7.03 -1.30
N LYS A 47 3.98 -8.32 -1.01
CA LYS A 47 5.14 -9.10 -0.62
C LYS A 47 6.23 -9.03 -1.68
N LEU A 48 5.86 -9.32 -2.92
CA LEU A 48 6.80 -9.28 -4.04
C LEU A 48 7.57 -7.96 -4.06
N VAL A 49 6.88 -6.87 -3.74
CA VAL A 49 7.51 -5.55 -3.72
C VAL A 49 7.85 -5.12 -2.29
N ILE A 50 7.62 -6.01 -1.32
CA ILE A 50 7.90 -5.72 0.08
C ILE A 50 8.54 -6.91 0.78
N ASN A 51 9.24 -7.73 0.00
CA ASN A 51 9.90 -8.91 0.55
C ASN A 51 11.29 -8.57 1.09
N GLU A 52 11.59 -7.28 1.25
CA GLU A 52 12.89 -6.88 1.76
C GLU A 52 12.74 -5.96 2.97
N PRO A 53 13.61 -6.09 3.98
CA PRO A 53 13.56 -5.26 5.18
C PRO A 53 13.36 -3.78 4.84
N SER A 54 14.02 -3.35 3.78
CA SER A 54 13.92 -1.96 3.33
C SER A 54 12.53 -1.68 2.76
N ARG A 55 11.95 -2.69 2.13
CA ARG A 55 10.63 -2.57 1.53
C ARG A 55 9.51 -2.96 2.51
N LEU A 56 9.90 -3.56 3.64
CA LEU A 56 8.95 -3.97 4.66
C LEU A 56 8.06 -2.81 5.11
N PRO A 57 8.65 -1.63 5.36
CA PRO A 57 7.91 -0.44 5.82
C PRO A 57 6.62 -0.19 5.02
N LEU A 58 6.57 -0.66 3.78
CA LEU A 58 5.39 -0.46 2.94
C LEU A 58 4.24 -1.34 3.40
N PHE A 59 4.55 -2.54 3.87
CA PHE A 59 3.53 -3.47 4.34
C PHE A 59 2.73 -2.85 5.49
N ASP A 60 3.43 -2.32 6.48
CA ASP A 60 2.79 -1.69 7.63
C ASP A 60 2.25 -0.31 7.26
N ALA A 61 2.92 0.35 6.32
CA ALA A 61 2.54 1.68 5.87
C ALA A 61 1.14 1.68 5.26
N ILE A 62 0.93 0.84 4.25
CA ILE A 62 -0.35 0.76 3.56
C ILE A 62 -1.44 0.19 4.48
N ARG A 63 -1.03 -0.71 5.37
CA ARG A 63 -1.95 -1.36 6.31
C ARG A 63 -3.04 -0.43 6.82
N PRO A 64 -2.67 0.64 7.55
CA PRO A 64 -3.61 1.61 8.11
C PRO A 64 -4.79 1.90 7.18
N LEU A 65 -4.56 1.86 5.88
CA LEU A 65 -5.62 2.10 4.90
C LEU A 65 -6.66 1.01 4.99
N ILE A 66 -6.19 -0.22 4.95
CA ILE A 66 -7.04 -1.40 5.03
C ILE A 66 -8.06 -1.26 6.16
N PRO A 67 -9.35 -1.57 5.89
CA PRO A 67 -10.41 -1.48 6.89
C PRO A 67 -10.04 -2.19 8.19
N LEU A 68 -10.80 -1.92 9.25
CA LEU A 68 -10.54 -2.53 10.55
C LEU A 68 -10.55 -4.05 10.45
N LYS A 69 -11.67 -4.60 9.99
CA LYS A 69 -11.81 -6.05 9.83
C LYS A 69 -10.73 -6.58 8.89
N HIS A 70 -10.60 -5.95 7.74
CA HIS A 70 -9.60 -6.35 6.76
C HIS A 70 -8.21 -6.22 7.35
N GLN A 71 -8.05 -5.31 8.30
CA GLN A 71 -6.76 -5.11 8.96
C GLN A 71 -6.38 -6.34 9.76
N VAL A 72 -7.35 -6.89 10.47
CA VAL A 72 -7.13 -8.08 11.28
C VAL A 72 -6.72 -9.25 10.39
N GLU A 73 -7.41 -9.39 9.26
CA GLU A 73 -7.12 -10.45 8.31
C GLU A 73 -5.75 -10.24 7.68
N TYR A 74 -5.49 -9.01 7.24
CA TYR A 74 -4.21 -8.67 6.63
C TYR A 74 -3.07 -8.90 7.62
N ASP A 75 -3.33 -8.61 8.88
CA ASP A 75 -2.33 -8.79 9.93
C ASP A 75 -2.02 -10.27 10.12
N GLN A 76 -3.06 -11.09 10.13
CA GLN A 76 -2.91 -12.54 10.30
C GLN A 76 -2.20 -13.17 9.10
N LEU A 77 -2.30 -12.51 7.94
CA LEU A 77 -1.69 -13.04 6.72
C LEU A 77 -0.26 -12.53 6.53
N THR A 78 0.05 -11.37 7.10
CA THR A 78 1.38 -10.79 6.96
C THR A 78 2.49 -11.79 7.32
N PRO A 79 2.29 -12.65 8.34
CA PRO A 79 3.29 -13.63 8.75
C PRO A 79 3.26 -14.89 7.89
N ARG A 80 4.07 -15.87 8.26
CA ARG A 80 4.14 -17.14 7.53
C ARG A 80 3.59 -18.28 8.37
N GLY B 1 -15.41 3.18 5.22
CA GLY B 1 -14.12 3.84 5.20
C GLY B 1 -13.26 3.41 4.03
N SER B 2 -12.58 4.37 3.41
CA SER B 2 -11.72 4.08 2.28
C SER B 2 -10.53 5.03 2.23
N LEU B 3 -9.33 4.48 2.45
CA LEU B 3 -8.11 5.29 2.44
C LEU B 3 -7.20 4.89 1.28
N LEU B 4 -7.25 3.62 0.90
CA LEU B 4 -6.43 3.13 -0.20
C LEU B 4 -6.64 3.95 -1.46
N LYS B 5 -7.88 4.40 -1.66
CA LYS B 5 -8.22 5.22 -2.83
C LYS B 5 -7.55 6.59 -2.75
N GLU B 6 -7.40 7.10 -1.53
CA GLU B 6 -6.78 8.41 -1.32
C GLU B 6 -5.29 8.36 -1.62
N VAL B 7 -4.65 7.25 -1.25
CA VAL B 7 -3.21 7.09 -1.48
C VAL B 7 -2.91 6.90 -2.96
N LEU B 8 -3.59 5.97 -3.59
CA LEU B 8 -3.39 5.70 -5.01
C LEU B 8 -3.71 6.94 -5.84
N GLU B 9 -4.70 7.71 -5.38
CA GLU B 9 -5.09 8.93 -6.09
C GLU B 9 -4.05 10.02 -5.87
N ASP B 10 -3.51 10.08 -4.67
CA ASP B 10 -2.50 11.06 -4.33
C ASP B 10 -1.21 10.79 -5.09
N TYR B 11 -0.97 9.51 -5.41
CA TYR B 11 0.23 9.12 -6.13
C TYR B 11 0.13 9.52 -7.60
N LEU B 12 -0.92 9.06 -8.27
CA LEU B 12 -1.12 9.37 -9.68
C LEU B 12 -1.07 10.88 -9.91
N ARG B 13 -1.65 11.62 -8.98
CA ARG B 13 -1.65 13.08 -9.08
C ARG B 13 -0.30 13.65 -8.69
N LEU B 14 0.36 13.01 -7.73
CA LEU B 14 1.67 13.45 -7.29
C LEU B 14 2.68 13.29 -8.43
N LYS B 15 2.32 12.50 -9.44
CA LYS B 15 3.20 12.27 -10.58
C LYS B 15 2.79 13.15 -11.75
N LYS B 16 1.48 13.26 -11.97
CA LYS B 16 0.95 14.07 -13.05
C LYS B 16 -0.33 14.79 -12.63
N MET A 1 -5.73 12.89 11.86
CA MET A 1 -4.80 12.40 10.81
C MET A 1 -5.39 11.23 10.04
N ASP A 2 -5.71 11.48 8.77
CA ASP A 2 -6.29 10.44 7.91
C ASP A 2 -5.74 10.53 6.50
N ARG A 3 -5.70 11.74 5.96
CA ARG A 3 -5.20 11.96 4.60
C ARG A 3 -3.69 12.18 4.62
N LYS A 4 -3.20 12.83 5.66
CA LYS A 4 -1.77 13.10 5.79
C LYS A 4 -0.99 11.81 6.01
N VAL A 5 -1.61 10.86 6.70
CA VAL A 5 -0.98 9.58 6.98
C VAL A 5 -0.71 8.81 5.69
N ALA A 6 -1.62 8.94 4.73
CA ALA A 6 -1.48 8.25 3.45
C ALA A 6 -0.34 8.86 2.63
N ARG A 7 -0.38 10.18 2.49
CA ARG A 7 0.66 10.89 1.75
C ARG A 7 1.99 10.75 2.45
N GLU A 8 1.95 10.56 3.77
CA GLU A 8 3.16 10.40 4.56
C GLU A 8 3.82 9.08 4.26
N PHE A 9 3.03 8.01 4.30
CA PHE A 9 3.55 6.68 4.01
C PHE A 9 3.91 6.59 2.53
N ARG A 10 3.01 7.12 1.69
CA ARG A 10 3.25 7.13 0.25
C ARG A 10 4.55 7.86 -0.05
N HIS A 11 4.75 9.00 0.60
CA HIS A 11 5.97 9.77 0.42
C HIS A 11 7.19 8.92 0.77
N LYS A 12 7.05 8.13 1.83
CA LYS A 12 8.11 7.25 2.27
C LYS A 12 8.42 6.22 1.19
N VAL A 13 7.36 5.77 0.51
CA VAL A 13 7.50 4.79 -0.55
C VAL A 13 8.43 5.33 -1.64
N ASP A 14 8.16 6.55 -2.08
CA ASP A 14 8.98 7.18 -3.11
C ASP A 14 10.43 7.25 -2.66
N PHE A 15 10.63 7.59 -1.39
CA PHE A 15 11.97 7.68 -0.82
C PHE A 15 12.59 6.29 -0.70
N LEU A 16 11.75 5.29 -0.40
CA LEU A 16 12.21 3.92 -0.26
C LEU A 16 12.06 3.13 -1.56
N ILE A 17 11.70 3.82 -2.63
CA ILE A 17 11.53 3.19 -3.92
C ILE A 17 11.88 4.17 -5.04
N GLU A 18 13.15 4.47 -5.12
CA GLU A 18 13.67 5.40 -6.12
C GLU A 18 13.33 4.91 -7.53
N ASN A 19 13.34 3.60 -7.72
CA ASN A 19 13.03 3.02 -9.02
C ASN A 19 11.58 3.30 -9.40
N ASP A 20 11.23 3.01 -10.64
CA ASP A 20 9.87 3.23 -11.12
C ASP A 20 9.09 1.92 -11.19
N ALA A 21 9.80 0.83 -11.46
CA ALA A 21 9.17 -0.48 -11.55
C ALA A 21 8.51 -0.87 -10.24
N GLU A 22 9.28 -0.77 -9.16
CA GLU A 22 8.75 -1.09 -7.83
C GLU A 22 7.45 -0.33 -7.62
N LYS A 23 7.40 0.88 -8.17
CA LYS A 23 6.22 1.71 -8.07
C LYS A 23 5.11 1.16 -8.96
N ASP A 24 5.51 0.61 -10.10
CA ASP A 24 4.54 0.03 -11.04
C ASP A 24 3.82 -1.15 -10.38
N TYR A 25 4.58 -1.96 -9.65
CA TYR A 25 4.00 -3.11 -8.96
C TYR A 25 3.05 -2.65 -7.87
N LEU A 26 3.48 -1.66 -7.09
CA LEU A 26 2.66 -1.13 -6.01
C LEU A 26 1.36 -0.55 -6.57
N TYR A 27 1.45 0.11 -7.72
CA TYR A 27 0.28 0.71 -8.34
C TYR A 27 -0.74 -0.36 -8.71
N ASP A 28 -0.25 -1.47 -9.27
CA ASP A 28 -1.11 -2.57 -9.67
C ASP A 28 -1.75 -3.22 -8.44
N VAL A 29 -0.97 -3.37 -7.38
CA VAL A 29 -1.45 -3.97 -6.15
C VAL A 29 -2.60 -3.16 -5.57
N LEU A 30 -2.35 -1.86 -5.39
CA LEU A 30 -3.36 -0.97 -4.83
C LEU A 30 -4.60 -0.94 -5.71
N ARG A 31 -4.39 -1.03 -7.03
CA ARG A 31 -5.49 -1.02 -7.98
C ARG A 31 -6.34 -2.28 -7.83
N MET A 32 -5.67 -3.42 -7.68
CA MET A 32 -6.38 -4.69 -7.51
C MET A 32 -7.20 -4.66 -6.23
N TYR A 33 -6.59 -4.17 -5.16
CA TYR A 33 -7.28 -4.08 -3.88
C TYR A 33 -8.55 -3.24 -4.00
N HIS A 34 -8.42 -2.07 -4.61
CA HIS A 34 -9.56 -1.18 -4.79
C HIS A 34 -10.51 -1.67 -5.87
N GLN A 35 -9.95 -2.31 -6.90
CA GLN A 35 -10.74 -2.81 -8.02
C GLN A 35 -11.48 -4.11 -7.68
N THR A 36 -10.75 -5.12 -7.24
CA THR A 36 -11.35 -6.41 -6.92
C THR A 36 -11.72 -6.54 -5.45
N MET A 37 -11.35 -5.55 -4.64
CA MET A 37 -11.67 -5.58 -3.21
C MET A 37 -11.06 -6.83 -2.56
N ASP A 38 -10.01 -7.37 -3.16
CA ASP A 38 -9.35 -8.56 -2.63
C ASP A 38 -8.10 -8.17 -1.84
N VAL A 39 -8.12 -8.48 -0.55
CA VAL A 39 -6.99 -8.17 0.32
C VAL A 39 -5.91 -9.24 0.22
N ALA A 40 -6.29 -10.43 -0.24
CA ALA A 40 -5.34 -11.53 -0.39
C ALA A 40 -4.46 -11.32 -1.62
N VAL A 41 -4.99 -10.62 -2.61
CA VAL A 41 -4.25 -10.36 -3.83
C VAL A 41 -3.17 -9.31 -3.59
N LEU A 42 -3.53 -8.26 -2.86
CA LEU A 42 -2.58 -7.19 -2.57
C LEU A 42 -1.49 -7.68 -1.62
N VAL A 43 -1.89 -8.50 -0.63
CA VAL A 43 -0.93 -9.04 0.32
C VAL A 43 0.13 -9.87 -0.39
N GLY A 44 -0.30 -10.65 -1.38
CA GLY A 44 0.62 -11.47 -2.14
C GLY A 44 1.62 -10.65 -2.90
N ASP A 45 1.13 -9.80 -3.79
CA ASP A 45 2.00 -8.93 -4.59
C ASP A 45 2.85 -8.04 -3.70
N LEU A 46 2.21 -7.45 -2.69
CA LEU A 46 2.90 -6.56 -1.76
C LEU A 46 4.15 -7.22 -1.21
N LYS A 47 4.02 -8.49 -0.83
CA LYS A 47 5.16 -9.23 -0.29
C LYS A 47 6.32 -9.24 -1.28
N LEU A 48 6.01 -9.55 -2.53
CA LEU A 48 7.02 -9.58 -3.59
C LEU A 48 7.78 -8.27 -3.65
N VAL A 49 7.07 -7.16 -3.44
CA VAL A 49 7.69 -5.84 -3.47
C VAL A 49 7.94 -5.32 -2.06
N ILE A 50 7.68 -6.15 -1.06
CA ILE A 50 7.88 -5.78 0.34
C ILE A 50 8.41 -6.95 1.15
N ASN A 51 9.14 -7.84 0.48
CA ASN A 51 9.71 -9.01 1.13
C ASN A 51 11.08 -8.72 1.74
N GLU A 52 11.44 -7.44 1.88
CA GLU A 52 12.73 -7.09 2.45
C GLU A 52 12.57 -6.03 3.54
N PRO A 53 13.44 -6.04 4.56
CA PRO A 53 13.40 -5.07 5.66
C PRO A 53 13.30 -3.64 5.14
N SER A 54 14.00 -3.36 4.06
CA SER A 54 14.00 -2.03 3.45
C SER A 54 12.64 -1.75 2.82
N ARG A 55 12.01 -2.79 2.29
CA ARG A 55 10.70 -2.64 1.66
C ARG A 55 9.57 -2.95 2.63
N LEU A 56 9.91 -3.39 3.83
CA LEU A 56 8.92 -3.72 4.86
C LEU A 56 8.04 -2.51 5.21
N PRO A 57 8.65 -1.33 5.41
CA PRO A 57 7.92 -0.11 5.77
C PRO A 57 6.63 0.08 4.97
N LEU A 58 6.58 -0.44 3.75
CA LEU A 58 5.40 -0.30 2.91
C LEU A 58 4.29 -1.23 3.40
N PHE A 59 4.67 -2.37 3.94
CA PHE A 59 3.70 -3.36 4.44
C PHE A 59 2.86 -2.76 5.57
N ASP A 60 3.52 -2.16 6.54
CA ASP A 60 2.83 -1.54 7.67
C ASP A 60 2.20 -0.22 7.27
N ALA A 61 2.81 0.46 6.31
CA ALA A 61 2.32 1.74 5.83
C ALA A 61 0.91 1.63 5.23
N ILE A 62 0.78 0.82 4.20
CA ILE A 62 -0.50 0.61 3.52
C ILE A 62 -1.57 0.09 4.47
N ARG A 63 -1.15 -0.79 5.39
CA ARG A 63 -2.06 -1.41 6.36
C ARG A 63 -3.15 -0.45 6.84
N PRO A 64 -2.78 0.61 7.58
CA PRO A 64 -3.73 1.59 8.10
C PRO A 64 -4.90 1.87 7.15
N LEU A 65 -4.63 1.81 5.86
CA LEU A 65 -5.65 2.05 4.84
C LEU A 65 -6.71 0.97 4.92
N ILE A 66 -6.25 -0.27 4.88
CA ILE A 66 -7.11 -1.43 4.95
C ILE A 66 -8.14 -1.30 6.10
N PRO A 67 -9.41 -1.65 5.83
CA PRO A 67 -10.47 -1.57 6.84
C PRO A 67 -10.09 -2.26 8.15
N LEU A 68 -10.85 -1.98 9.21
CA LEU A 68 -10.60 -2.58 10.51
C LEU A 68 -10.62 -4.10 10.42
N LYS A 69 -11.74 -4.66 9.97
CA LYS A 69 -11.88 -6.10 9.83
C LYS A 69 -10.79 -6.65 8.93
N HIS A 70 -10.65 -6.06 7.75
CA HIS A 70 -9.64 -6.48 6.80
C HIS A 70 -8.24 -6.35 7.40
N GLN A 71 -8.09 -5.40 8.33
CA GLN A 71 -6.82 -5.18 9.00
C GLN A 71 -6.42 -6.42 9.79
N VAL A 72 -7.40 -6.97 10.52
CA VAL A 72 -7.16 -8.17 11.31
C VAL A 72 -6.76 -9.34 10.42
N GLU A 73 -7.51 -9.52 9.34
CA GLU A 73 -7.23 -10.58 8.39
C GLU A 73 -5.88 -10.36 7.72
N TYR A 74 -5.59 -9.10 7.41
CA TYR A 74 -4.34 -8.74 6.77
C TYR A 74 -3.16 -9.05 7.68
N ASP A 75 -3.32 -8.72 8.96
CA ASP A 75 -2.27 -8.97 9.94
C ASP A 75 -1.93 -10.46 10.01
N GLN A 76 -2.97 -11.28 10.05
CA GLN A 76 -2.79 -12.73 10.11
C GLN A 76 -2.02 -13.23 8.90
N LEU A 77 -2.32 -12.65 7.73
CA LEU A 77 -1.66 -13.04 6.50
C LEU A 77 -0.21 -12.56 6.49
N THR A 78 0.04 -11.45 7.17
CA THR A 78 1.39 -10.88 7.24
C THR A 78 2.18 -11.49 8.41
N PRO A 79 3.51 -11.60 8.27
CA PRO A 79 4.37 -12.16 9.32
C PRO A 79 4.54 -11.20 10.49
N ARG A 80 3.85 -11.50 11.58
CA ARG A 80 3.93 -10.66 12.78
C ARG A 80 4.01 -11.52 14.03
N GLY B 1 -13.73 7.94 4.99
CA GLY B 1 -14.57 7.17 4.10
C GLY B 1 -13.77 6.35 3.11
N SER B 2 -12.63 6.90 2.68
CA SER B 2 -11.78 6.21 1.72
C SER B 2 -10.31 6.55 1.97
N LEU B 3 -9.62 5.65 2.65
CA LEU B 3 -8.20 5.86 2.96
C LEU B 3 -7.32 5.44 1.78
N LEU B 4 -7.49 4.20 1.33
CA LEU B 4 -6.71 3.68 0.21
C LEU B 4 -6.85 4.57 -1.01
N LYS B 5 -8.09 4.86 -1.41
CA LYS B 5 -8.34 5.70 -2.57
C LYS B 5 -7.67 7.06 -2.41
N GLU B 6 -7.65 7.57 -1.18
CA GLU B 6 -7.03 8.86 -0.90
C GLU B 6 -5.53 8.81 -1.19
N VAL B 7 -4.92 7.66 -0.90
CA VAL B 7 -3.49 7.48 -1.12
C VAL B 7 -3.17 7.40 -2.61
N LEU B 8 -4.08 6.80 -3.37
CA LEU B 8 -3.90 6.67 -4.82
C LEU B 8 -4.03 8.03 -5.50
N GLU B 9 -5.05 8.78 -5.11
CA GLU B 9 -5.30 10.10 -5.68
C GLU B 9 -4.20 11.07 -5.28
N ASP B 10 -3.76 10.98 -4.03
CA ASP B 10 -2.70 11.85 -3.51
C ASP B 10 -1.43 11.68 -4.32
N TYR B 11 -1.01 10.43 -4.50
CA TYR B 11 0.20 10.14 -5.27
C TYR B 11 -0.02 10.38 -6.75
N LEU B 12 -1.17 9.93 -7.24
CA LEU B 12 -1.51 10.09 -8.65
C LEU B 12 -1.35 11.55 -9.08
N ARG B 13 -1.76 12.46 -8.21
CA ARG B 13 -1.64 13.88 -8.50
C ARG B 13 -0.20 14.33 -8.29
N LEU B 14 0.46 13.73 -7.31
CA LEU B 14 1.85 14.06 -7.02
C LEU B 14 2.74 13.68 -8.21
N LYS B 15 2.21 12.85 -9.12
CA LYS B 15 2.96 12.42 -10.28
C LYS B 15 2.89 13.47 -11.38
N LYS B 16 1.68 13.91 -11.70
CA LYS B 16 1.45 14.93 -12.73
C LYS B 16 2.30 14.65 -13.97
N MET A 1 -5.09 7.52 9.13
CA MET A 1 -6.10 8.31 9.87
C MET A 1 -6.69 9.41 9.00
N ASP A 2 -5.83 10.14 8.30
CA ASP A 2 -6.26 11.22 7.43
C ASP A 2 -5.57 11.13 6.07
N ARG A 3 -5.90 12.07 5.19
CA ARG A 3 -5.32 12.09 3.85
C ARG A 3 -3.83 12.39 3.90
N LYS A 4 -3.42 13.20 4.88
CA LYS A 4 -2.02 13.56 5.04
C LYS A 4 -1.19 12.33 5.41
N VAL A 5 -1.77 11.45 6.21
CA VAL A 5 -1.08 10.24 6.66
C VAL A 5 -0.73 9.36 5.46
N ALA A 6 -1.61 9.36 4.46
CA ALA A 6 -1.40 8.56 3.26
C ALA A 6 -0.21 9.07 2.45
N ARG A 7 -0.22 10.37 2.17
CA ARG A 7 0.86 10.98 1.41
C ARG A 7 2.17 10.90 2.19
N GLU A 8 2.06 10.84 3.51
CA GLU A 8 3.23 10.76 4.36
C GLU A 8 3.88 9.39 4.23
N PHE A 9 3.07 8.35 4.35
CA PHE A 9 3.59 6.99 4.22
C PHE A 9 4.02 6.74 2.78
N ARG A 10 3.19 7.19 1.83
CA ARG A 10 3.51 7.02 0.42
C ARG A 10 4.79 7.77 0.09
N HIS A 11 4.94 8.97 0.66
CA HIS A 11 6.14 9.76 0.44
C HIS A 11 7.36 8.96 0.85
N LYS A 12 7.21 8.25 1.98
CA LYS A 12 8.29 7.41 2.48
C LYS A 12 8.61 6.32 1.46
N VAL A 13 7.57 5.83 0.79
CA VAL A 13 7.74 4.79 -0.23
C VAL A 13 8.68 5.28 -1.32
N ASP A 14 8.43 6.49 -1.82
CA ASP A 14 9.27 7.08 -2.86
C ASP A 14 10.71 7.17 -2.39
N PHE A 15 10.88 7.51 -1.12
CA PHE A 15 12.21 7.61 -0.52
C PHE A 15 12.85 6.23 -0.40
N LEU A 16 12.01 5.21 -0.20
CA LEU A 16 12.50 3.84 -0.08
C LEU A 16 12.28 3.05 -1.37
N ILE A 17 11.89 3.73 -2.44
CA ILE A 17 11.65 3.11 -3.71
C ILE A 17 11.94 4.09 -4.84
N GLU A 18 13.21 4.41 -5.00
CA GLU A 18 13.65 5.34 -6.02
C GLU A 18 13.26 4.84 -7.41
N ASN A 19 13.26 3.53 -7.58
CA ASN A 19 12.90 2.92 -8.86
C ASN A 19 11.46 3.23 -9.22
N ASP A 20 11.11 3.09 -10.50
CA ASP A 20 9.77 3.35 -10.97
C ASP A 20 8.97 2.05 -11.08
N ALA A 21 9.65 0.96 -11.39
CA ALA A 21 9.01 -0.33 -11.52
C ALA A 21 8.37 -0.76 -10.21
N GLU A 22 9.14 -0.75 -9.14
CA GLU A 22 8.63 -1.12 -7.83
C GLU A 22 7.35 -0.33 -7.55
N LYS A 23 7.33 0.91 -8.04
CA LYS A 23 6.18 1.78 -7.87
C LYS A 23 5.05 1.31 -8.77
N ASP A 24 5.42 0.78 -9.94
CA ASP A 24 4.42 0.29 -10.90
C ASP A 24 3.65 -0.87 -10.28
N TYR A 25 4.36 -1.76 -9.61
CA TYR A 25 3.73 -2.91 -8.96
C TYR A 25 2.83 -2.44 -7.83
N LEU A 26 3.33 -1.52 -7.02
CA LEU A 26 2.57 -0.97 -5.91
C LEU A 26 1.30 -0.29 -6.41
N TYR A 27 1.43 0.44 -7.51
CA TYR A 27 0.30 1.13 -8.11
C TYR A 27 -0.81 0.15 -8.49
N ASP A 28 -0.41 -0.96 -9.08
CA ASP A 28 -1.36 -1.99 -9.48
C ASP A 28 -1.97 -2.68 -8.26
N VAL A 29 -1.16 -2.89 -7.24
CA VAL A 29 -1.63 -3.53 -6.01
C VAL A 29 -2.72 -2.70 -5.35
N LEU A 30 -2.43 -1.43 -5.14
CA LEU A 30 -3.39 -0.53 -4.51
C LEU A 30 -4.65 -0.41 -5.35
N ARG A 31 -4.48 -0.35 -6.67
CA ARG A 31 -5.61 -0.25 -7.57
C ARG A 31 -6.42 -1.54 -7.55
N MET A 32 -5.72 -2.66 -7.50
CA MET A 32 -6.38 -3.96 -7.46
C MET A 32 -7.18 -4.10 -6.16
N TYR A 33 -6.57 -3.71 -5.05
CA TYR A 33 -7.23 -3.78 -3.76
C TYR A 33 -8.55 -3.01 -3.78
N HIS A 34 -8.52 -1.81 -4.35
CA HIS A 34 -9.72 -0.98 -4.42
C HIS A 34 -10.69 -1.49 -5.47
N GLN A 35 -10.16 -2.04 -6.56
CA GLN A 35 -10.99 -2.53 -7.65
C GLN A 35 -11.61 -3.90 -7.34
N THR A 36 -10.78 -4.87 -6.98
CA THR A 36 -11.25 -6.22 -6.69
C THR A 36 -11.64 -6.38 -5.22
N MET A 37 -11.23 -5.44 -4.37
CA MET A 37 -11.55 -5.52 -2.94
C MET A 37 -10.95 -6.78 -2.33
N ASP A 38 -9.90 -7.30 -2.95
CA ASP A 38 -9.22 -8.50 -2.47
C ASP A 38 -7.98 -8.14 -1.68
N VAL A 39 -7.98 -8.48 -0.40
CA VAL A 39 -6.86 -8.19 0.47
C VAL A 39 -5.75 -9.22 0.31
N ALA A 40 -6.11 -10.40 -0.21
CA ALA A 40 -5.14 -11.46 -0.41
C ALA A 40 -4.29 -11.21 -1.65
N VAL A 41 -4.88 -10.52 -2.62
CA VAL A 41 -4.17 -10.20 -3.85
C VAL A 41 -3.14 -9.12 -3.61
N LEU A 42 -3.51 -8.10 -2.85
CA LEU A 42 -2.60 -7.00 -2.55
C LEU A 42 -1.49 -7.47 -1.61
N VAL A 43 -1.84 -8.30 -0.63
CA VAL A 43 -0.86 -8.80 0.31
C VAL A 43 0.16 -9.69 -0.41
N GLY A 44 -0.32 -10.45 -1.38
CA GLY A 44 0.56 -11.33 -2.14
C GLY A 44 1.59 -10.55 -2.93
N ASP A 45 1.13 -9.64 -3.77
CA ASP A 45 2.04 -8.82 -4.58
C ASP A 45 2.88 -7.91 -3.70
N LEU A 46 2.25 -7.28 -2.72
CA LEU A 46 2.94 -6.39 -1.80
C LEU A 46 4.17 -7.07 -1.21
N LYS A 47 4.02 -8.34 -0.86
CA LYS A 47 5.12 -9.11 -0.30
C LYS A 47 6.28 -9.18 -1.27
N LEU A 48 5.97 -9.48 -2.53
CA LEU A 48 6.99 -9.57 -3.57
C LEU A 48 7.78 -8.27 -3.65
N VAL A 49 7.10 -7.15 -3.41
CA VAL A 49 7.74 -5.85 -3.45
C VAL A 49 8.06 -5.33 -2.05
N ILE A 50 7.74 -6.14 -1.04
CA ILE A 50 7.98 -5.77 0.35
C ILE A 50 8.50 -6.97 1.15
N ASN A 51 9.18 -7.87 0.46
CA ASN A 51 9.73 -9.06 1.11
C ASN A 51 11.13 -8.80 1.68
N GLU A 52 11.49 -7.52 1.84
CA GLU A 52 12.80 -7.18 2.40
C GLU A 52 12.65 -6.24 3.58
N PRO A 53 13.49 -6.37 4.61
CA PRO A 53 13.44 -5.50 5.78
C PRO A 53 13.37 -4.04 5.39
N SER A 54 14.10 -3.69 4.34
CA SER A 54 14.12 -2.32 3.84
C SER A 54 12.79 -1.95 3.21
N ARG A 55 12.15 -2.95 2.59
CA ARG A 55 10.86 -2.74 1.92
C ARG A 55 9.69 -3.03 2.86
N LEU A 56 9.99 -3.62 4.02
CA LEU A 56 8.96 -3.95 5.00
C LEU A 56 8.13 -2.73 5.39
N PRO A 57 8.79 -1.58 5.66
CA PRO A 57 8.11 -0.35 6.05
C PRO A 57 6.86 -0.05 5.22
N LEU A 58 6.83 -0.53 3.98
CA LEU A 58 5.68 -0.30 3.11
C LEU A 58 4.48 -1.15 3.54
N PHE A 59 4.78 -2.34 4.08
CA PHE A 59 3.73 -3.24 4.54
C PHE A 59 3.00 -2.67 5.75
N ASP A 60 3.76 -2.05 6.65
CA ASP A 60 3.20 -1.46 7.86
C ASP A 60 2.51 -0.14 7.53
N ALA A 61 3.02 0.55 6.51
CA ALA A 61 2.48 1.83 6.10
C ALA A 61 1.08 1.68 5.47
N ILE A 62 0.99 0.87 4.43
CA ILE A 62 -0.27 0.64 3.73
C ILE A 62 -1.33 0.04 4.65
N ARG A 63 -0.90 -0.86 5.52
CA ARG A 63 -1.81 -1.54 6.46
C ARG A 63 -2.88 -0.60 7.03
N PRO A 64 -2.47 0.41 7.81
CA PRO A 64 -3.39 1.39 8.42
C PRO A 64 -4.58 1.72 7.53
N LEU A 65 -4.36 1.73 6.21
CA LEU A 65 -5.43 2.02 5.27
C LEU A 65 -6.50 0.95 5.34
N ILE A 66 -6.05 -0.29 5.20
CA ILE A 66 -6.93 -1.46 5.24
C ILE A 66 -7.96 -1.33 6.38
N PRO A 67 -9.26 -1.50 6.07
CA PRO A 67 -10.33 -1.42 7.07
C PRO A 67 -10.09 -2.31 8.27
N LEU A 68 -10.83 -2.08 9.35
CA LEU A 68 -10.70 -2.86 10.58
C LEU A 68 -10.78 -4.35 10.28
N LYS A 69 -11.86 -4.76 9.60
CA LYS A 69 -12.06 -6.17 9.26
C LYS A 69 -10.88 -6.69 8.43
N HIS A 70 -10.59 -6.00 7.33
CA HIS A 70 -9.48 -6.39 6.47
C HIS A 70 -8.16 -6.29 7.21
N GLN A 71 -8.15 -5.51 8.29
CA GLN A 71 -6.95 -5.33 9.10
C GLN A 71 -6.59 -6.65 9.78
N VAL A 72 -7.54 -7.22 10.50
CA VAL A 72 -7.32 -8.48 11.19
C VAL A 72 -7.00 -9.58 10.19
N GLU A 73 -7.66 -9.53 9.04
CA GLU A 73 -7.43 -10.51 7.98
C GLU A 73 -6.07 -10.30 7.36
N TYR A 74 -5.68 -9.04 7.21
CA TYR A 74 -4.39 -8.69 6.64
C TYR A 74 -3.26 -9.26 7.48
N ASP A 75 -3.34 -9.04 8.79
CA ASP A 75 -2.33 -9.53 9.72
C ASP A 75 -2.31 -11.06 9.71
N GLN A 76 -3.48 -11.67 9.58
CA GLN A 76 -3.60 -13.12 9.56
C GLN A 76 -2.76 -13.70 8.42
N LEU A 77 -2.82 -13.06 7.26
CA LEU A 77 -2.08 -13.51 6.09
C LEU A 77 -0.59 -13.21 6.26
N THR A 78 -0.27 -12.14 6.98
CA THR A 78 1.11 -11.75 7.21
C THR A 78 1.81 -12.72 8.16
N PRO A 79 2.96 -13.28 7.76
CA PRO A 79 3.72 -14.22 8.60
C PRO A 79 4.03 -13.65 9.97
N ARG A 80 3.91 -14.49 10.99
CA ARG A 80 4.18 -14.06 12.37
C ARG A 80 4.96 -15.13 13.13
N GLY B 1 -12.78 0.95 0.12
CA GLY B 1 -11.60 1.59 0.69
C GLY B 1 -11.92 2.94 1.31
N SER B 2 -11.12 3.34 2.30
CA SER B 2 -11.33 4.61 2.97
C SER B 2 -10.09 5.49 2.87
N LEU B 3 -8.91 4.88 3.00
CA LEU B 3 -7.65 5.61 2.91
C LEU B 3 -6.83 5.15 1.71
N LEU B 4 -6.94 3.87 1.38
CA LEU B 4 -6.20 3.30 0.26
C LEU B 4 -6.46 4.10 -1.02
N LYS B 5 -7.72 4.50 -1.22
CA LYS B 5 -8.11 5.26 -2.40
C LYS B 5 -7.46 6.64 -2.39
N GLU B 6 -7.26 7.19 -1.19
CA GLU B 6 -6.66 8.51 -1.03
C GLU B 6 -5.18 8.48 -1.40
N VAL B 7 -4.52 7.36 -1.10
CA VAL B 7 -3.10 7.22 -1.39
C VAL B 7 -2.85 7.09 -2.89
N LEU B 8 -3.52 6.11 -3.50
CA LEU B 8 -3.38 5.87 -4.94
C LEU B 8 -3.77 7.12 -5.73
N GLU B 9 -4.84 7.78 -5.30
CA GLU B 9 -5.31 8.99 -5.97
C GLU B 9 -4.40 10.17 -5.66
N ASP B 10 -3.83 10.18 -4.45
CA ASP B 10 -2.93 11.24 -4.03
C ASP B 10 -1.75 11.37 -4.99
N TYR B 11 -1.12 10.25 -5.29
CA TYR B 11 0.02 10.23 -6.20
C TYR B 11 -0.41 10.50 -7.62
N LEU B 12 -1.43 9.78 -8.07
CA LEU B 12 -1.94 9.94 -9.43
C LEU B 12 -2.22 11.40 -9.73
N ARG B 13 -2.73 12.11 -8.73
CA ARG B 13 -3.02 13.54 -8.89
C ARG B 13 -1.73 14.35 -8.81
N LEU B 14 -0.80 13.87 -7.99
CA LEU B 14 0.49 14.54 -7.85
C LEU B 14 1.28 14.45 -9.14
N LYS B 15 0.86 13.55 -10.04
CA LYS B 15 1.53 13.38 -11.31
C LYS B 15 1.26 14.56 -12.24
N LYS B 16 0.05 14.62 -12.77
CA LYS B 16 -0.34 15.70 -13.66
C LYS B 16 -0.86 16.90 -12.88
N MET A 1 -5.40 13.59 12.55
CA MET A 1 -4.83 12.42 11.84
C MET A 1 -5.78 11.91 10.76
N ASP A 2 -5.53 12.32 9.51
CA ASP A 2 -6.36 11.91 8.39
C ASP A 2 -5.82 12.48 7.08
N ARG A 3 -5.85 11.66 6.03
CA ARG A 3 -5.36 12.07 4.71
C ARG A 3 -3.84 12.23 4.70
N LYS A 4 -3.33 13.03 5.61
CA LYS A 4 -1.89 13.27 5.70
C LYS A 4 -1.15 11.95 5.91
N VAL A 5 -1.79 11.04 6.64
CA VAL A 5 -1.19 9.74 6.93
C VAL A 5 -0.91 8.98 5.63
N ALA A 6 -1.82 9.11 4.68
CA ALA A 6 -1.67 8.44 3.40
C ALA A 6 -0.51 9.00 2.60
N ARG A 7 -0.49 10.32 2.46
CA ARG A 7 0.58 10.99 1.73
C ARG A 7 1.88 10.86 2.49
N GLU A 8 1.79 10.70 3.80
CA GLU A 8 2.98 10.55 4.63
C GLU A 8 3.60 9.18 4.42
N PHE A 9 2.77 8.14 4.49
CA PHE A 9 3.26 6.80 4.28
C PHE A 9 3.66 6.62 2.83
N ARG A 10 2.83 7.15 1.93
CA ARG A 10 3.11 7.09 0.51
C ARG A 10 4.44 7.75 0.20
N HIS A 11 4.66 8.94 0.78
CA HIS A 11 5.91 9.66 0.56
C HIS A 11 7.09 8.79 0.97
N LYS A 12 6.93 8.09 2.09
CA LYS A 12 7.98 7.21 2.59
C LYS A 12 8.26 6.11 1.58
N VAL A 13 7.21 5.65 0.89
CA VAL A 13 7.35 4.61 -0.11
C VAL A 13 8.28 5.07 -1.23
N ASP A 14 8.02 6.25 -1.76
CA ASP A 14 8.83 6.82 -2.83
C ASP A 14 10.30 6.91 -2.40
N PHE A 15 10.50 7.30 -1.14
CA PHE A 15 11.84 7.41 -0.58
C PHE A 15 12.49 6.04 -0.43
N LEU A 16 11.67 5.02 -0.20
CA LEU A 16 12.17 3.66 -0.02
C LEU A 16 12.09 2.86 -1.33
N ILE A 17 11.59 3.50 -2.39
CA ILE A 17 11.48 2.85 -3.68
C ILE A 17 11.76 3.83 -4.79
N GLU A 18 13.00 4.23 -4.86
CA GLU A 18 13.47 5.16 -5.87
C GLU A 18 13.60 4.48 -7.24
N ASN A 19 13.34 3.17 -7.27
CA ASN A 19 13.44 2.41 -8.51
C ASN A 19 12.31 2.75 -9.46
N ASP A 20 11.21 3.25 -8.91
CA ASP A 20 10.03 3.63 -9.72
C ASP A 20 9.22 2.39 -10.11
N ALA A 21 9.87 1.43 -10.76
CA ALA A 21 9.19 0.20 -11.19
C ALA A 21 8.46 -0.45 -10.03
N GLU A 22 9.18 -0.66 -8.93
CA GLU A 22 8.58 -1.26 -7.75
C GLU A 22 7.30 -0.52 -7.40
N LYS A 23 7.33 0.79 -7.64
CA LYS A 23 6.18 1.64 -7.39
C LYS A 23 5.08 1.35 -8.39
N ASP A 24 5.48 1.03 -9.63
CA ASP A 24 4.53 0.71 -10.67
C ASP A 24 3.69 -0.51 -10.29
N TYR A 25 4.38 -1.53 -9.77
CA TYR A 25 3.70 -2.75 -9.35
C TYR A 25 2.78 -2.45 -8.17
N LEU A 26 3.25 -1.63 -7.25
CA LEU A 26 2.47 -1.25 -6.08
C LEU A 26 1.19 -0.54 -6.51
N TYR A 27 1.28 0.26 -7.56
CA TYR A 27 0.13 0.99 -8.08
C TYR A 27 -0.93 0.02 -8.60
N ASP A 28 -0.48 -0.95 -9.40
CA ASP A 28 -1.39 -1.95 -9.96
C ASP A 28 -2.00 -2.80 -8.85
N VAL A 29 -1.20 -3.09 -7.84
CA VAL A 29 -1.67 -3.90 -6.71
C VAL A 29 -2.69 -3.13 -5.89
N LEU A 30 -2.46 -1.82 -5.76
CA LEU A 30 -3.35 -0.96 -5.00
C LEU A 30 -4.70 -0.82 -5.70
N ARG A 31 -4.66 -0.63 -7.02
CA ARG A 31 -5.87 -0.50 -7.80
C ARG A 31 -6.68 -1.79 -7.75
N MET A 32 -5.98 -2.91 -7.74
CA MET A 32 -6.63 -4.22 -7.69
C MET A 32 -7.39 -4.37 -6.37
N TYR A 33 -6.71 -4.04 -5.27
CA TYR A 33 -7.32 -4.14 -3.95
C TYR A 33 -8.60 -3.32 -3.87
N HIS A 34 -8.58 -2.12 -4.44
CA HIS A 34 -9.74 -1.25 -4.44
C HIS A 34 -10.81 -1.71 -5.43
N GLN A 35 -10.36 -2.19 -6.58
CA GLN A 35 -11.28 -2.64 -7.63
C GLN A 35 -11.87 -4.03 -7.33
N THR A 36 -11.00 -5.00 -7.10
CA THR A 36 -11.44 -6.36 -6.82
C THR A 36 -11.81 -6.56 -5.35
N MET A 37 -11.43 -5.61 -4.50
CA MET A 37 -11.73 -5.70 -3.08
C MET A 37 -11.08 -6.95 -2.48
N ASP A 38 -10.06 -7.48 -3.14
CA ASP A 38 -9.37 -8.67 -2.66
C ASP A 38 -8.14 -8.29 -1.84
N VAL A 39 -8.19 -8.58 -0.55
CA VAL A 39 -7.09 -8.28 0.34
C VAL A 39 -6.00 -9.33 0.27
N ALA A 40 -6.36 -10.54 -0.16
CA ALA A 40 -5.41 -11.62 -0.28
C ALA A 40 -4.52 -11.44 -1.51
N VAL A 41 -5.07 -10.78 -2.52
CA VAL A 41 -4.32 -10.54 -3.75
C VAL A 41 -3.25 -9.47 -3.53
N LEU A 42 -3.63 -8.40 -2.85
CA LEU A 42 -2.71 -7.31 -2.58
C LEU A 42 -1.63 -7.74 -1.59
N VAL A 43 -2.00 -8.57 -0.61
CA VAL A 43 -1.06 -9.07 0.37
C VAL A 43 0.03 -9.89 -0.31
N GLY A 44 -0.39 -10.79 -1.20
CA GLY A 44 0.55 -11.62 -1.92
C GLY A 44 1.54 -10.79 -2.71
N ASP A 45 1.02 -9.94 -3.59
CA ASP A 45 1.88 -9.08 -4.41
C ASP A 45 2.72 -8.16 -3.52
N LEU A 46 2.12 -7.70 -2.42
CA LEU A 46 2.80 -6.82 -1.49
C LEU A 46 4.14 -7.43 -1.07
N LYS A 47 4.11 -8.72 -0.72
CA LYS A 47 5.31 -9.43 -0.31
C LYS A 47 6.40 -9.31 -1.37
N LEU A 48 6.01 -9.54 -2.62
CA LEU A 48 6.93 -9.45 -3.74
C LEU A 48 7.64 -8.10 -3.75
N VAL A 49 6.88 -7.04 -3.44
CA VAL A 49 7.44 -5.70 -3.42
C VAL A 49 7.72 -5.24 -1.98
N ILE A 50 7.61 -6.18 -1.04
CA ILE A 50 7.85 -5.88 0.37
C ILE A 50 8.50 -7.07 1.07
N ASN A 51 9.24 -7.87 0.31
CA ASN A 51 9.90 -9.05 0.85
C ASN A 51 11.26 -8.73 1.44
N GLU A 52 11.59 -7.44 1.60
CA GLU A 52 12.88 -7.06 2.17
C GLU A 52 12.71 -5.99 3.24
N PRO A 53 13.68 -5.90 4.18
CA PRO A 53 13.65 -4.91 5.26
C PRO A 53 13.43 -3.49 4.74
N SER A 54 14.07 -3.19 3.60
CA SER A 54 13.94 -1.87 3.01
C SER A 54 12.53 -1.66 2.45
N ARG A 55 11.94 -2.74 1.97
CA ARG A 55 10.59 -2.69 1.41
C ARG A 55 9.53 -3.06 2.46
N LEU A 56 9.98 -3.40 3.67
CA LEU A 56 9.07 -3.75 4.75
C LEU A 56 8.17 -2.58 5.15
N PRO A 57 8.77 -1.39 5.36
CA PRO A 57 8.01 -0.20 5.77
C PRO A 57 6.70 -0.01 5.01
N LEU A 58 6.63 -0.54 3.79
CA LEU A 58 5.41 -0.40 2.99
C LEU A 58 4.27 -1.24 3.56
N PHE A 59 4.61 -2.39 4.12
CA PHE A 59 3.61 -3.28 4.71
C PHE A 59 2.80 -2.55 5.78
N ASP A 60 3.50 -1.86 6.68
CA ASP A 60 2.85 -1.12 7.76
C ASP A 60 2.23 0.17 7.23
N ALA A 61 2.85 0.73 6.19
CA ALA A 61 2.38 1.96 5.58
C ALA A 61 0.96 1.83 5.03
N ILE A 62 0.79 0.87 4.13
CA ILE A 62 -0.50 0.63 3.49
C ILE A 62 -1.56 0.11 4.48
N ARG A 63 -1.13 -0.73 5.40
CA ARG A 63 -2.03 -1.34 6.39
C ARG A 63 -3.12 -0.36 6.88
N PRO A 64 -2.72 0.79 7.48
CA PRO A 64 -3.67 1.78 7.97
C PRO A 64 -4.89 1.96 7.07
N LEU A 65 -4.67 1.88 5.76
CA LEU A 65 -5.73 2.03 4.78
C LEU A 65 -6.72 0.88 4.91
N ILE A 66 -6.18 -0.33 4.84
CA ILE A 66 -6.97 -1.55 4.96
C ILE A 66 -7.98 -1.45 6.11
N PRO A 67 -9.26 -1.74 5.84
CA PRO A 67 -10.32 -1.67 6.87
C PRO A 67 -9.95 -2.43 8.14
N LEU A 68 -10.70 -2.18 9.21
CA LEU A 68 -10.44 -2.83 10.49
C LEU A 68 -10.47 -4.36 10.35
N LYS A 69 -11.52 -4.87 9.72
CA LYS A 69 -11.65 -6.31 9.52
C LYS A 69 -10.53 -6.83 8.62
N HIS A 70 -10.30 -6.12 7.52
CA HIS A 70 -9.27 -6.50 6.57
C HIS A 70 -7.88 -6.39 7.20
N GLN A 71 -7.72 -5.47 8.14
CA GLN A 71 -6.44 -5.29 8.81
C GLN A 71 -6.16 -6.46 9.73
N VAL A 72 -7.22 -7.03 10.30
CA VAL A 72 -7.09 -8.17 11.19
C VAL A 72 -6.63 -9.39 10.42
N GLU A 73 -7.26 -9.62 9.27
CA GLU A 73 -6.90 -10.74 8.41
C GLU A 73 -5.52 -10.51 7.78
N TYR A 74 -5.25 -9.27 7.41
CA TYR A 74 -3.97 -8.91 6.83
C TYR A 74 -2.83 -9.21 7.79
N ASP A 75 -3.05 -8.86 9.06
CA ASP A 75 -2.06 -9.10 10.10
C ASP A 75 -1.78 -10.59 10.25
N GLN A 76 -2.86 -11.38 10.35
CA GLN A 76 -2.74 -12.82 10.49
C GLN A 76 -2.16 -13.46 9.24
N LEU A 77 -2.21 -12.74 8.12
CA LEU A 77 -1.69 -13.24 6.86
C LEU A 77 -0.20 -12.97 6.70
N THR A 78 0.27 -11.90 7.34
CA THR A 78 1.69 -11.52 7.25
C THR A 78 2.60 -12.66 7.71
N PRO A 79 2.30 -13.31 8.86
CA PRO A 79 3.13 -14.41 9.37
C PRO A 79 2.97 -15.69 8.55
N ARG A 80 1.73 -16.01 8.22
CA ARG A 80 1.44 -17.21 7.43
C ARG A 80 0.29 -16.95 6.45
N GLY B 1 -13.90 2.10 4.16
CA GLY B 1 -12.47 2.00 3.91
C GLY B 1 -11.80 3.35 3.82
N SER B 2 -11.92 3.99 2.66
CA SER B 2 -11.32 5.31 2.45
C SER B 2 -9.81 5.25 2.65
N LEU B 3 -9.16 6.41 2.63
CA LEU B 3 -7.71 6.51 2.81
C LEU B 3 -6.97 5.93 1.61
N LEU B 4 -7.21 4.66 1.30
CA LEU B 4 -6.55 4.00 0.18
C LEU B 4 -6.69 4.82 -1.10
N LYS B 5 -7.93 5.18 -1.44
CA LYS B 5 -8.20 5.97 -2.63
C LYS B 5 -7.42 7.29 -2.59
N GLU B 6 -7.20 7.80 -1.38
CA GLU B 6 -6.47 9.05 -1.20
C GLU B 6 -4.98 8.87 -1.54
N VAL B 7 -4.46 7.67 -1.27
CA VAL B 7 -3.06 7.38 -1.55
C VAL B 7 -2.82 7.28 -3.05
N LEU B 8 -3.73 6.61 -3.74
CA LEU B 8 -3.63 6.44 -5.19
C LEU B 8 -3.77 7.79 -5.88
N GLU B 9 -4.76 8.57 -5.45
CA GLU B 9 -5.00 9.88 -6.03
C GLU B 9 -3.88 10.85 -5.64
N ASP B 10 -3.34 10.68 -4.44
CA ASP B 10 -2.27 11.53 -3.95
C ASP B 10 -1.06 11.48 -4.88
N TYR B 11 -0.64 10.25 -5.20
CA TYR B 11 0.51 10.06 -6.09
C TYR B 11 0.12 10.35 -7.53
N LEU B 12 -0.99 9.77 -7.96
CA LEU B 12 -1.47 9.96 -9.33
C LEU B 12 -1.54 11.45 -9.66
N ARG B 13 -2.01 12.24 -8.71
CA ARG B 13 -2.12 13.68 -8.90
C ARG B 13 -0.75 14.34 -8.77
N LEU B 14 0.08 13.78 -7.90
CA LEU B 14 1.42 14.28 -7.70
C LEU B 14 2.25 14.10 -8.97
N LYS B 15 1.77 13.25 -9.87
CA LYS B 15 2.46 12.99 -11.13
C LYS B 15 2.29 14.16 -12.10
N LYS B 16 1.11 14.23 -12.71
CA LYS B 16 0.82 15.30 -13.66
C LYS B 16 -0.56 15.90 -13.39
N MET A 1 -5.57 15.55 11.56
CA MET A 1 -4.84 15.57 10.27
C MET A 1 -5.15 14.32 9.43
N ASP A 2 -6.26 14.38 8.69
CA ASP A 2 -6.66 13.26 7.85
C ASP A 2 -6.12 13.42 6.43
N ARG A 3 -5.92 12.28 5.75
CA ARG A 3 -5.40 12.28 4.39
C ARG A 3 -3.88 12.45 4.35
N LYS A 4 -3.37 13.33 5.18
CA LYS A 4 -1.93 13.58 5.24
C LYS A 4 -1.18 12.31 5.59
N VAL A 5 -1.80 11.45 6.41
CA VAL A 5 -1.18 10.20 6.81
C VAL A 5 -0.82 9.35 5.59
N ALA A 6 -1.69 9.37 4.59
CA ALA A 6 -1.47 8.61 3.37
C ALA A 6 -0.28 9.15 2.60
N ARG A 7 -0.28 10.45 2.36
CA ARG A 7 0.79 11.10 1.64
C ARG A 7 2.10 10.98 2.42
N GLU A 8 1.98 10.86 3.74
CA GLU A 8 3.16 10.74 4.59
C GLU A 8 3.82 9.37 4.39
N PHE A 9 3.01 8.32 4.45
CA PHE A 9 3.55 6.98 4.25
C PHE A 9 3.95 6.82 2.79
N ARG A 10 3.11 7.31 1.90
CA ARG A 10 3.38 7.26 0.47
C ARG A 10 4.71 7.94 0.18
N HIS A 11 4.91 9.12 0.78
CA HIS A 11 6.15 9.86 0.59
C HIS A 11 7.34 9.01 1.01
N LYS A 12 7.17 8.31 2.12
CA LYS A 12 8.22 7.43 2.65
C LYS A 12 8.54 6.36 1.62
N VAL A 13 7.52 5.89 0.91
CA VAL A 13 7.69 4.87 -0.11
C VAL A 13 8.62 5.37 -1.21
N ASP A 14 8.37 6.59 -1.69
CA ASP A 14 9.20 7.18 -2.73
C ASP A 14 10.65 7.25 -2.28
N PHE A 15 10.84 7.57 -0.99
CA PHE A 15 12.18 7.65 -0.42
C PHE A 15 12.80 6.26 -0.34
N LEU A 16 11.97 5.26 -0.07
CA LEU A 16 12.44 3.89 0.04
C LEU A 16 12.27 3.13 -1.28
N ILE A 17 11.86 3.83 -2.33
CA ILE A 17 11.67 3.24 -3.62
C ILE A 17 11.98 4.24 -4.72
N GLU A 18 13.25 4.57 -4.83
CA GLU A 18 13.73 5.52 -5.82
C GLU A 18 13.34 5.09 -7.23
N ASN A 19 13.30 3.78 -7.45
CA ASN A 19 12.95 3.23 -8.75
C ASN A 19 11.49 3.55 -9.08
N ASP A 20 11.13 3.39 -10.35
CA ASP A 20 9.77 3.67 -10.79
C ASP A 20 8.96 2.38 -10.92
N ALA A 21 9.64 1.29 -11.28
CA ALA A 21 8.98 0.00 -11.41
C ALA A 21 8.35 -0.45 -10.10
N GLU A 22 9.15 -0.44 -9.04
CA GLU A 22 8.65 -0.83 -7.73
C GLU A 22 7.39 -0.04 -7.43
N LYS A 23 7.36 1.20 -7.90
CA LYS A 23 6.21 2.07 -7.70
C LYS A 23 5.06 1.62 -8.60
N ASP A 24 5.41 1.13 -9.80
CA ASP A 24 4.41 0.65 -10.74
C ASP A 24 3.66 -0.55 -10.15
N TYR A 25 4.41 -1.43 -9.49
CA TYR A 25 3.82 -2.61 -8.88
C TYR A 25 2.92 -2.22 -7.72
N LEU A 26 3.41 -1.28 -6.90
CA LEU A 26 2.64 -0.80 -5.76
C LEU A 26 1.33 -0.16 -6.21
N TYR A 27 1.38 0.55 -7.33
CA TYR A 27 0.20 1.22 -7.87
C TYR A 27 -0.85 0.19 -8.26
N ASP A 28 -0.41 -0.85 -8.96
CA ASP A 28 -1.30 -1.92 -9.40
C ASP A 28 -1.92 -2.63 -8.20
N VAL A 29 -1.13 -2.82 -7.16
CA VAL A 29 -1.60 -3.48 -5.95
C VAL A 29 -2.73 -2.70 -5.30
N LEU A 30 -2.53 -1.39 -5.18
CA LEU A 30 -3.54 -0.52 -4.59
C LEU A 30 -4.79 -0.50 -5.45
N ARG A 31 -4.60 -0.37 -6.76
CA ARG A 31 -5.72 -0.33 -7.69
C ARG A 31 -6.45 -1.68 -7.70
N MET A 32 -5.68 -2.75 -7.53
CA MET A 32 -6.26 -4.09 -7.51
C MET A 32 -7.11 -4.28 -6.26
N TYR A 33 -6.58 -3.85 -5.13
CA TYR A 33 -7.29 -3.97 -3.85
C TYR A 33 -8.60 -3.20 -3.88
N HIS A 34 -8.61 -2.06 -4.56
CA HIS A 34 -9.81 -1.24 -4.64
C HIS A 34 -10.84 -1.84 -5.59
N GLN A 35 -10.37 -2.37 -6.72
CA GLN A 35 -11.25 -2.96 -7.71
C GLN A 35 -11.71 -4.36 -7.30
N THR A 36 -10.78 -5.23 -6.96
CA THR A 36 -11.09 -6.60 -6.58
C THR A 36 -11.58 -6.69 -5.13
N MET A 37 -11.23 -5.69 -4.33
CA MET A 37 -11.63 -5.68 -2.92
C MET A 37 -11.07 -6.90 -2.19
N ASP A 38 -9.99 -7.46 -2.74
CA ASP A 38 -9.36 -8.63 -2.14
C ASP A 38 -8.07 -8.25 -1.43
N VAL A 39 -8.01 -8.49 -0.14
CA VAL A 39 -6.83 -8.17 0.66
C VAL A 39 -5.74 -9.21 0.47
N ALA A 40 -6.12 -10.38 -0.03
CA ALA A 40 -5.16 -11.47 -0.25
C ALA A 40 -4.36 -11.22 -1.52
N VAL A 41 -4.97 -10.54 -2.48
CA VAL A 41 -4.30 -10.24 -3.74
C VAL A 41 -3.26 -9.16 -3.55
N LEU A 42 -3.63 -8.11 -2.81
CA LEU A 42 -2.72 -7.01 -2.55
C LEU A 42 -1.58 -7.45 -1.64
N VAL A 43 -1.89 -8.29 -0.65
CA VAL A 43 -0.88 -8.78 0.27
C VAL A 43 0.11 -9.68 -0.46
N GLY A 44 -0.39 -10.46 -1.40
CA GLY A 44 0.46 -11.35 -2.17
C GLY A 44 1.49 -10.59 -2.98
N ASP A 45 1.02 -9.69 -3.84
CA ASP A 45 1.90 -8.89 -4.67
C ASP A 45 2.78 -8.00 -3.80
N LEU A 46 2.17 -7.40 -2.77
CA LEU A 46 2.90 -6.52 -1.86
C LEU A 46 4.16 -7.22 -1.32
N LYS A 47 4.03 -8.50 -1.03
CA LYS A 47 5.15 -9.28 -0.52
C LYS A 47 6.28 -9.29 -1.54
N LEU A 48 5.94 -9.54 -2.79
CA LEU A 48 6.92 -9.57 -3.88
C LEU A 48 7.69 -8.26 -3.92
N VAL A 49 7.00 -7.15 -3.64
CA VAL A 49 7.63 -5.84 -3.65
C VAL A 49 7.94 -5.36 -2.24
N ILE A 50 7.69 -6.23 -1.25
CA ILE A 50 7.95 -5.90 0.14
C ILE A 50 8.48 -7.10 0.91
N ASN A 51 9.17 -7.98 0.20
CA ASN A 51 9.73 -9.18 0.81
C ASN A 51 11.12 -8.93 1.40
N GLU A 52 11.48 -7.67 1.59
CA GLU A 52 12.79 -7.34 2.16
C GLU A 52 12.65 -6.37 3.31
N PRO A 53 13.47 -6.54 4.37
CA PRO A 53 13.42 -5.65 5.54
C PRO A 53 13.35 -4.18 5.15
N SER A 54 14.08 -3.83 4.10
CA SER A 54 14.10 -2.46 3.60
C SER A 54 12.76 -2.10 2.97
N ARG A 55 12.14 -3.08 2.32
CA ARG A 55 10.85 -2.87 1.66
C ARG A 55 9.68 -3.16 2.60
N LEU A 56 9.98 -3.75 3.76
CA LEU A 56 8.96 -4.08 4.75
C LEU A 56 8.09 -2.86 5.10
N PRO A 57 8.72 -1.70 5.36
CA PRO A 57 8.01 -0.47 5.72
C PRO A 57 6.77 -0.20 4.87
N LEU A 58 6.76 -0.71 3.64
CA LEU A 58 5.61 -0.51 2.75
C LEU A 58 4.42 -1.36 3.17
N PHE A 59 4.71 -2.51 3.78
CA PHE A 59 3.65 -3.42 4.23
C PHE A 59 2.91 -2.81 5.42
N ASP A 60 3.67 -2.26 6.36
CA ASP A 60 3.10 -1.65 7.55
C ASP A 60 2.49 -0.28 7.22
N ALA A 61 3.08 0.38 6.24
CA ALA A 61 2.62 1.70 5.83
C ALA A 61 1.21 1.65 5.25
N ILE A 62 1.02 0.83 4.22
CA ILE A 62 -0.27 0.68 3.57
C ILE A 62 -1.30 0.04 4.50
N ARG A 63 -0.82 -0.82 5.39
CA ARG A 63 -1.68 -1.53 6.34
C ARG A 63 -2.80 -0.66 6.94
N PRO A 64 -2.44 0.45 7.62
CA PRO A 64 -3.43 1.34 8.25
C PRO A 64 -4.58 1.72 7.31
N LEU A 65 -4.32 1.70 6.01
CA LEU A 65 -5.35 2.05 5.03
C LEU A 65 -6.46 1.02 5.08
N ILE A 66 -6.08 -0.24 4.93
CA ILE A 66 -7.00 -1.36 4.96
C ILE A 66 -8.04 -1.19 6.09
N PRO A 67 -9.33 -1.47 5.79
CA PRO A 67 -10.41 -1.36 6.78
C PRO A 67 -10.11 -2.13 8.07
N LEU A 68 -10.88 -1.84 9.11
CA LEU A 68 -10.70 -2.50 10.40
C LEU A 68 -10.76 -4.01 10.26
N LYS A 69 -11.85 -4.52 9.70
CA LYS A 69 -12.01 -5.96 9.51
C LYS A 69 -10.90 -6.51 8.64
N HIS A 70 -10.67 -5.87 7.49
CA HIS A 70 -9.62 -6.29 6.58
C HIS A 70 -8.26 -6.18 7.26
N GLN A 71 -8.16 -5.26 8.21
CA GLN A 71 -6.91 -5.07 8.95
C GLN A 71 -6.57 -6.34 9.73
N VAL A 72 -7.59 -6.91 10.37
CA VAL A 72 -7.41 -8.13 11.14
C VAL A 72 -6.97 -9.26 10.21
N GLU A 73 -7.63 -9.36 9.08
CA GLU A 73 -7.29 -10.38 8.09
C GLU A 73 -5.88 -10.15 7.56
N TYR A 74 -5.48 -8.89 7.51
CA TYR A 74 -4.15 -8.52 7.03
C TYR A 74 -3.07 -9.14 7.91
N ASP A 75 -3.21 -8.95 9.21
CA ASP A 75 -2.25 -9.48 10.17
C ASP A 75 -2.21 -11.01 10.10
N GLN A 76 -3.38 -11.62 9.99
CA GLN A 76 -3.47 -13.07 9.90
C GLN A 76 -2.70 -13.59 8.70
N LEU A 77 -2.71 -12.81 7.61
CA LEU A 77 -2.01 -13.19 6.39
C LEU A 77 -0.53 -12.85 6.49
N THR A 78 -0.21 -11.78 7.20
CA THR A 78 1.17 -11.35 7.37
C THR A 78 1.83 -12.07 8.54
N PRO A 79 2.77 -12.99 8.26
CA PRO A 79 3.47 -13.74 9.30
C PRO A 79 4.40 -12.86 10.14
N ARG A 80 4.34 -13.03 11.46
CA ARG A 80 5.16 -12.26 12.37
C ARG A 80 5.58 -13.10 13.58
N GLY B 1 -13.16 6.00 5.26
CA GLY B 1 -13.80 4.97 4.47
C GLY B 1 -12.80 4.17 3.66
N SER B 2 -12.24 4.80 2.64
CA SER B 2 -11.27 4.13 1.77
C SER B 2 -9.97 4.93 1.70
N LEU B 3 -9.10 4.72 2.69
CA LEU B 3 -7.82 5.42 2.74
C LEU B 3 -6.92 4.99 1.58
N LEU B 4 -6.95 3.70 1.27
CA LEU B 4 -6.13 3.17 0.18
C LEU B 4 -6.42 3.90 -1.13
N LYS B 5 -7.68 4.25 -1.33
CA LYS B 5 -8.09 4.96 -2.54
C LYS B 5 -7.52 6.37 -2.56
N GLU B 6 -7.37 6.96 -1.38
CA GLU B 6 -6.85 8.31 -1.25
C GLU B 6 -5.36 8.35 -1.60
N VAL B 7 -4.64 7.31 -1.22
CA VAL B 7 -3.21 7.24 -1.49
C VAL B 7 -2.93 7.05 -2.97
N LEU B 8 -3.52 6.02 -3.55
CA LEU B 8 -3.34 5.73 -4.98
C LEU B 8 -3.73 6.93 -5.82
N GLU B 9 -4.83 7.59 -5.43
CA GLU B 9 -5.31 8.75 -6.15
C GLU B 9 -4.40 9.95 -5.88
N ASP B 10 -3.87 10.03 -4.66
CA ASP B 10 -2.97 11.11 -4.28
C ASP B 10 -1.69 11.05 -5.09
N TYR B 11 -1.22 9.84 -5.35
CA TYR B 11 0.00 9.64 -6.13
C TYR B 11 -0.22 10.03 -7.58
N LEU B 12 -1.31 9.55 -8.16
CA LEU B 12 -1.66 9.86 -9.54
C LEU B 12 -1.68 11.36 -9.76
N ARG B 13 -2.21 12.09 -8.79
CA ARG B 13 -2.29 13.54 -8.89
C ARG B 13 -0.93 14.18 -8.61
N LEU B 14 -0.22 13.62 -7.64
CA LEU B 14 1.10 14.13 -7.28
C LEU B 14 2.12 13.79 -8.37
N LYS B 15 1.70 12.99 -9.35
CA LYS B 15 2.59 12.59 -10.43
C LYS B 15 2.58 13.63 -11.55
N LYS B 16 1.54 13.60 -12.37
CA LYS B 16 1.41 14.54 -13.47
C LYS B 16 0.85 15.88 -13.00
N MET A 1 -5.44 15.74 10.01
CA MET A 1 -6.03 15.26 8.74
C MET A 1 -5.70 13.79 8.49
N ASP A 2 -6.60 13.09 7.82
CA ASP A 2 -6.41 11.68 7.52
C ASP A 2 -5.66 11.49 6.21
N ARG A 3 -5.84 12.43 5.29
CA ARG A 3 -5.18 12.38 3.99
C ARG A 3 -3.67 12.56 4.14
N LYS A 4 -3.27 13.33 5.14
CA LYS A 4 -1.86 13.59 5.39
C LYS A 4 -1.11 12.28 5.65
N VAL A 5 -1.74 11.38 6.39
CA VAL A 5 -1.14 10.10 6.71
C VAL A 5 -0.85 9.30 5.45
N ALA A 6 -1.71 9.45 4.45
CA ALA A 6 -1.55 8.74 3.19
C ALA A 6 -0.35 9.27 2.41
N ARG A 7 -0.30 10.58 2.25
CA ARG A 7 0.80 11.21 1.53
C ARG A 7 2.08 11.07 2.32
N GLU A 8 1.96 10.95 3.64
CA GLU A 8 3.12 10.81 4.50
C GLU A 8 3.71 9.42 4.35
N PHE A 9 2.85 8.41 4.38
CA PHE A 9 3.30 7.03 4.23
C PHE A 9 3.75 6.78 2.80
N ARG A 10 2.95 7.25 1.84
CA ARG A 10 3.29 7.09 0.43
C ARG A 10 4.57 7.85 0.11
N HIS A 11 4.76 9.01 0.74
CA HIS A 11 5.96 9.80 0.52
C HIS A 11 7.18 9.00 0.96
N LYS A 12 7.06 8.35 2.11
CA LYS A 12 8.14 7.52 2.64
C LYS A 12 8.47 6.41 1.67
N VAL A 13 7.43 5.89 1.00
CA VAL A 13 7.60 4.83 0.03
C VAL A 13 8.46 5.32 -1.14
N ASP A 14 8.16 6.52 -1.62
CA ASP A 14 8.91 7.10 -2.72
C ASP A 14 10.39 7.18 -2.35
N PHE A 15 10.66 7.59 -1.13
CA PHE A 15 12.02 7.70 -0.62
C PHE A 15 12.63 6.31 -0.46
N LEU A 16 11.81 5.35 -0.04
CA LEU A 16 12.26 3.98 0.16
C LEU A 16 12.10 3.15 -1.11
N ILE A 17 11.69 3.80 -2.20
CA ILE A 17 11.50 3.13 -3.46
C ILE A 17 11.87 4.05 -4.61
N GLU A 18 13.15 4.33 -4.70
CA GLU A 18 13.68 5.21 -5.74
C GLU A 18 13.36 4.65 -7.13
N ASN A 19 13.28 3.33 -7.23
CA ASN A 19 12.98 2.68 -8.50
C ASN A 19 11.51 2.85 -8.86
N ASP A 20 11.25 3.45 -10.02
CA ASP A 20 9.89 3.68 -10.49
C ASP A 20 9.14 2.36 -10.68
N ALA A 21 9.88 1.30 -10.98
CA ALA A 21 9.29 -0.02 -11.20
C ALA A 21 8.62 -0.52 -9.94
N GLU A 22 9.35 -0.51 -8.83
CA GLU A 22 8.81 -0.95 -7.55
C GLU A 22 7.50 -0.24 -7.30
N LYS A 23 7.42 1.01 -7.75
CA LYS A 23 6.22 1.81 -7.60
C LYS A 23 5.14 1.29 -8.54
N ASP A 24 5.56 0.82 -9.71
CA ASP A 24 4.62 0.29 -10.69
C ASP A 24 3.87 -0.91 -10.10
N TYR A 25 4.62 -1.78 -9.43
CA TYR A 25 4.04 -2.96 -8.81
C TYR A 25 3.08 -2.55 -7.69
N LEU A 26 3.52 -1.61 -6.87
CA LEU A 26 2.71 -1.11 -5.77
C LEU A 26 1.41 -0.50 -6.28
N TYR A 27 1.51 0.25 -7.38
CA TYR A 27 0.34 0.89 -7.98
C TYR A 27 -0.68 -0.17 -8.39
N ASP A 28 -0.19 -1.24 -8.99
CA ASP A 28 -1.07 -2.33 -9.43
C ASP A 28 -1.71 -3.01 -8.23
N VAL A 29 -0.95 -3.11 -7.13
CA VAL A 29 -1.45 -3.73 -5.92
C VAL A 29 -2.59 -2.92 -5.32
N LEU A 30 -2.39 -1.61 -5.27
CA LEU A 30 -3.39 -0.71 -4.73
C LEU A 30 -4.65 -0.74 -5.59
N ARG A 31 -4.47 -0.70 -6.91
CA ARG A 31 -5.59 -0.74 -7.84
C ARG A 31 -6.40 -2.02 -7.64
N MET A 32 -5.71 -3.10 -7.30
CA MET A 32 -6.36 -4.38 -7.07
C MET A 32 -7.30 -4.30 -5.87
N TYR A 33 -6.75 -3.83 -4.74
CA TYR A 33 -7.53 -3.70 -3.51
C TYR A 33 -8.77 -2.83 -3.74
N HIS A 34 -8.65 -1.84 -4.60
CA HIS A 34 -9.76 -0.95 -4.88
C HIS A 34 -10.79 -1.63 -5.78
N GLN A 35 -10.32 -2.32 -6.81
CA GLN A 35 -11.19 -3.01 -7.75
C GLN A 35 -11.73 -4.33 -7.18
N THR A 36 -10.85 -5.22 -6.75
CA THR A 36 -11.25 -6.51 -6.22
C THR A 36 -11.64 -6.46 -4.75
N MET A 37 -10.97 -5.58 -3.99
CA MET A 37 -11.26 -5.45 -2.56
C MET A 37 -10.90 -6.75 -1.82
N ASP A 38 -9.80 -7.36 -2.24
CA ASP A 38 -9.35 -8.61 -1.63
C ASP A 38 -8.03 -8.40 -0.88
N VAL A 39 -8.01 -8.75 0.40
CA VAL A 39 -6.81 -8.61 1.20
C VAL A 39 -5.79 -9.69 0.88
N ALA A 40 -6.23 -10.72 0.16
CA ALA A 40 -5.36 -11.81 -0.23
C ALA A 40 -4.50 -11.40 -1.42
N VAL A 41 -5.10 -10.66 -2.34
CA VAL A 41 -4.39 -10.19 -3.51
C VAL A 41 -3.37 -9.12 -3.10
N LEU A 42 -3.73 -8.35 -2.08
CA LEU A 42 -2.86 -7.29 -1.58
C LEU A 42 -1.62 -7.90 -0.94
N VAL A 43 -1.82 -8.85 -0.04
CA VAL A 43 -0.71 -9.51 0.65
C VAL A 43 0.20 -10.22 -0.35
N GLY A 44 -0.40 -10.83 -1.36
CA GLY A 44 0.37 -11.55 -2.35
C GLY A 44 1.35 -10.65 -3.09
N ASP A 45 0.85 -9.60 -3.71
CA ASP A 45 1.69 -8.68 -4.46
C ASP A 45 2.53 -7.80 -3.52
N LEU A 46 1.93 -7.34 -2.43
CA LEU A 46 2.62 -6.50 -1.47
C LEU A 46 3.94 -7.14 -1.06
N LYS A 47 3.91 -8.44 -0.78
CA LYS A 47 5.11 -9.16 -0.37
C LYS A 47 6.16 -9.13 -1.49
N LEU A 48 5.72 -9.41 -2.70
CA LEU A 48 6.59 -9.41 -3.87
C LEU A 48 7.41 -8.12 -3.94
N VAL A 49 6.78 -7.01 -3.58
CA VAL A 49 7.44 -5.71 -3.60
C VAL A 49 7.88 -5.28 -2.20
N ILE A 50 7.48 -6.05 -1.20
CA ILE A 50 7.83 -5.75 0.18
C ILE A 50 8.42 -6.97 0.89
N ASN A 51 9.11 -7.80 0.12
CA ASN A 51 9.74 -9.00 0.67
C ASN A 51 11.14 -8.71 1.22
N GLU A 52 11.46 -7.43 1.43
CA GLU A 52 12.77 -7.08 1.96
C GLU A 52 12.63 -6.18 3.18
N PRO A 53 13.49 -6.38 4.20
CA PRO A 53 13.45 -5.58 5.43
C PRO A 53 13.32 -4.09 5.12
N SER A 54 14.02 -3.66 4.08
CA SER A 54 13.98 -2.26 3.65
C SER A 54 12.61 -1.91 3.09
N ARG A 55 12.00 -2.87 2.41
CA ARG A 55 10.69 -2.68 1.80
C ARG A 55 9.56 -3.00 2.78
N LEU A 56 9.90 -3.67 3.88
CA LEU A 56 8.92 -4.04 4.89
C LEU A 56 8.07 -2.84 5.32
N PRO A 57 8.70 -1.70 5.69
CA PRO A 57 7.99 -0.50 6.13
C PRO A 57 6.72 -0.19 5.33
N LEU A 58 6.68 -0.61 4.07
CA LEU A 58 5.51 -0.35 3.23
C LEU A 58 4.30 -1.12 3.76
N PHE A 59 4.55 -2.29 4.34
CA PHE A 59 3.48 -3.11 4.89
C PHE A 59 2.74 -2.35 5.99
N ASP A 60 3.50 -1.64 6.82
CA ASP A 60 2.93 -0.86 7.91
C ASP A 60 2.27 0.40 7.37
N ALA A 61 2.83 0.93 6.28
CA ALA A 61 2.31 2.14 5.65
C ALA A 61 0.91 1.92 5.10
N ILE A 62 0.79 0.95 4.21
CA ILE A 62 -0.48 0.61 3.58
C ILE A 62 -1.50 0.07 4.59
N ARG A 63 -1.00 -0.68 5.57
CA ARG A 63 -1.82 -1.29 6.61
C ARG A 63 -2.97 -0.38 7.09
N PRO A 64 -2.67 0.83 7.58
CA PRO A 64 -3.70 1.75 8.08
C PRO A 64 -4.81 2.00 7.08
N LEU A 65 -4.50 1.88 5.80
CA LEU A 65 -5.49 2.08 4.74
C LEU A 65 -6.54 0.99 4.84
N ILE A 66 -6.05 -0.23 5.03
CA ILE A 66 -6.91 -1.40 5.16
C ILE A 66 -7.81 -1.28 6.38
N PRO A 67 -9.13 -1.50 6.22
CA PRO A 67 -10.09 -1.42 7.33
C PRO A 67 -9.66 -2.26 8.53
N LEU A 68 -10.30 -2.03 9.67
CA LEU A 68 -9.99 -2.76 10.88
C LEU A 68 -10.11 -4.26 10.67
N LYS A 69 -11.29 -4.69 10.21
CA LYS A 69 -11.53 -6.11 9.95
C LYS A 69 -10.52 -6.65 8.96
N HIS A 70 -10.42 -5.99 7.81
CA HIS A 70 -9.49 -6.40 6.77
C HIS A 70 -8.06 -6.36 7.29
N GLN A 71 -7.81 -5.48 8.27
CA GLN A 71 -6.49 -5.35 8.87
C GLN A 71 -6.09 -6.66 9.53
N VAL A 72 -7.02 -7.25 10.26
CA VAL A 72 -6.78 -8.52 10.94
C VAL A 72 -6.53 -9.63 9.93
N GLU A 73 -7.38 -9.66 8.90
CA GLU A 73 -7.25 -10.66 7.84
C GLU A 73 -5.97 -10.43 7.05
N TYR A 74 -5.51 -9.19 7.01
CA TYR A 74 -4.30 -8.83 6.29
C TYR A 74 -3.07 -9.34 7.03
N ASP A 75 -3.04 -9.13 8.34
CA ASP A 75 -1.93 -9.56 9.17
C ASP A 75 -1.77 -11.08 9.10
N GLN A 76 -2.88 -11.79 9.21
CA GLN A 76 -2.87 -13.25 9.18
C GLN A 76 -2.44 -13.75 7.80
N LEU A 77 -2.95 -13.10 6.75
CA LEU A 77 -2.63 -13.49 5.39
C LEU A 77 -1.13 -13.39 5.12
N THR A 78 -0.49 -12.40 5.72
CA THR A 78 0.95 -12.20 5.55
C THR A 78 1.72 -13.49 5.85
N PRO A 79 2.26 -14.16 4.80
CA PRO A 79 3.02 -15.39 4.96
C PRO A 79 4.46 -15.14 5.36
N ARG A 80 5.29 -16.18 5.28
CA ARG A 80 6.69 -16.07 5.64
C ARG A 80 7.46 -17.33 5.29
N GLY B 1 -13.37 1.64 -0.88
CA GLY B 1 -12.31 1.79 0.10
C GLY B 1 -12.50 3.02 0.97
N SER B 2 -11.41 3.76 1.18
CA SER B 2 -11.47 4.98 2.00
C SER B 2 -10.14 5.72 1.94
N LEU B 3 -9.16 5.23 2.69
CA LEU B 3 -7.84 5.85 2.72
C LEU B 3 -7.00 5.43 1.53
N LEU B 4 -7.09 4.14 1.18
CA LEU B 4 -6.33 3.61 0.05
C LEU B 4 -6.58 4.43 -1.21
N LYS B 5 -7.84 4.63 -1.55
CA LYS B 5 -8.22 5.40 -2.73
C LYS B 5 -7.60 6.79 -2.68
N GLU B 6 -7.46 7.33 -1.48
CA GLU B 6 -6.88 8.66 -1.29
C GLU B 6 -5.41 8.68 -1.67
N VAL B 7 -4.70 7.61 -1.32
CA VAL B 7 -3.28 7.51 -1.63
C VAL B 7 -3.04 7.31 -3.12
N LEU B 8 -3.98 6.64 -3.79
CA LEU B 8 -3.86 6.40 -5.23
C LEU B 8 -4.02 7.71 -5.99
N GLU B 9 -5.02 8.49 -5.62
CA GLU B 9 -5.27 9.77 -6.27
C GLU B 9 -4.16 10.77 -5.93
N ASP B 10 -3.63 10.67 -4.71
CA ASP B 10 -2.57 11.55 -4.27
C ASP B 10 -1.33 11.40 -5.15
N TYR B 11 -0.97 10.15 -5.42
CA TYR B 11 0.18 9.86 -6.27
C TYR B 11 -0.12 10.18 -7.73
N LEU B 12 -1.26 9.69 -8.21
CA LEU B 12 -1.67 9.93 -9.59
C LEU B 12 -1.66 11.42 -9.91
N ARG B 13 -2.13 12.23 -8.97
CA ARG B 13 -2.16 13.67 -9.15
C ARG B 13 -0.77 14.26 -8.96
N LEU B 14 -0.02 13.70 -8.04
CA LEU B 14 1.34 14.16 -7.78
C LEU B 14 2.28 13.74 -8.90
N LYS B 15 1.76 12.92 -9.83
CA LYS B 15 2.56 12.45 -10.96
C LYS B 15 2.53 13.47 -12.10
N LYS B 16 1.42 13.50 -12.82
CA LYS B 16 1.25 14.42 -13.94
C LYS B 16 1.25 15.87 -13.46
N MET A 1 -4.60 15.40 9.37
CA MET A 1 -6.07 15.45 9.22
C MET A 1 -6.64 14.08 8.83
N ASP A 2 -6.23 13.58 7.68
CA ASP A 2 -6.70 12.29 7.19
C ASP A 2 -6.04 11.95 5.86
N ARG A 3 -5.89 12.95 5.01
CA ARG A 3 -5.28 12.75 3.69
C ARG A 3 -3.76 12.85 3.78
N LYS A 4 -3.28 13.66 4.73
CA LYS A 4 -1.85 13.84 4.91
C LYS A 4 -1.16 12.51 5.23
N VAL A 5 -1.83 11.69 6.03
CA VAL A 5 -1.29 10.38 6.41
C VAL A 5 -0.94 9.55 5.18
N ALA A 6 -1.81 9.61 4.18
CA ALA A 6 -1.60 8.86 2.95
C ALA A 6 -0.39 9.36 2.20
N ARG A 7 -0.33 10.66 1.98
CA ARG A 7 0.78 11.28 1.28
C ARG A 7 2.06 11.12 2.08
N GLU A 8 1.92 11.00 3.40
CA GLU A 8 3.07 10.85 4.28
C GLU A 8 3.69 9.46 4.11
N PHE A 9 2.85 8.43 4.16
CA PHE A 9 3.34 7.07 3.99
C PHE A 9 3.75 6.87 2.53
N ARG A 10 2.94 7.40 1.62
CA ARG A 10 3.22 7.31 0.19
C ARG A 10 4.55 7.98 -0.11
N HIS A 11 4.79 9.14 0.50
CA HIS A 11 6.03 9.86 0.30
C HIS A 11 7.20 8.98 0.75
N LYS A 12 7.01 8.30 1.86
CA LYS A 12 8.03 7.40 2.39
C LYS A 12 8.32 6.28 1.39
N VAL A 13 7.28 5.85 0.67
CA VAL A 13 7.42 4.80 -0.33
C VAL A 13 8.39 5.25 -1.43
N ASP A 14 8.16 6.46 -1.95
CA ASP A 14 9.01 7.00 -2.99
C ASP A 14 10.46 7.05 -2.52
N PHE A 15 10.65 7.42 -1.26
CA PHE A 15 11.98 7.49 -0.67
C PHE A 15 12.57 6.09 -0.51
N LEU A 16 11.70 5.12 -0.24
CA LEU A 16 12.13 3.74 -0.06
C LEU A 16 11.93 2.91 -1.33
N ILE A 17 11.58 3.58 -2.43
CA ILE A 17 11.37 2.93 -3.69
C ILE A 17 11.76 3.85 -4.84
N GLU A 18 13.05 4.09 -4.94
CA GLU A 18 13.60 4.95 -5.98
C GLU A 18 13.76 4.19 -7.30
N ASN A 19 13.57 2.87 -7.25
CA ASN A 19 13.70 2.04 -8.44
C ASN A 19 12.60 2.35 -9.46
N ASP A 20 11.58 3.09 -9.04
CA ASP A 20 10.47 3.45 -9.92
C ASP A 20 9.57 2.25 -10.19
N ALA A 21 10.12 1.20 -10.78
CA ALA A 21 9.35 -0.01 -11.07
C ALA A 21 8.66 -0.52 -9.82
N GLU A 22 9.41 -0.62 -8.75
CA GLU A 22 8.85 -1.07 -7.47
C GLU A 22 7.60 -0.25 -7.17
N LYS A 23 7.65 1.02 -7.56
CA LYS A 23 6.53 1.92 -7.36
C LYS A 23 5.36 1.53 -8.26
N ASP A 24 5.68 1.07 -9.47
CA ASP A 24 4.66 0.65 -10.41
C ASP A 24 3.91 -0.57 -9.88
N TYR A 25 4.66 -1.53 -9.36
CA TYR A 25 4.08 -2.75 -8.81
C TYR A 25 3.15 -2.43 -7.66
N LEU A 26 3.60 -1.53 -6.77
CA LEU A 26 2.80 -1.12 -5.62
C LEU A 26 1.47 -0.52 -6.07
N TYR A 27 1.52 0.28 -7.13
CA TYR A 27 0.32 0.92 -7.66
C TYR A 27 -0.68 -0.13 -8.14
N ASP A 28 -0.17 -1.16 -8.79
CA ASP A 28 -1.02 -2.23 -9.31
C ASP A 28 -1.70 -2.97 -8.16
N VAL A 29 -0.99 -3.11 -7.05
CA VAL A 29 -1.52 -3.79 -5.88
C VAL A 29 -2.62 -2.96 -5.23
N LEU A 30 -2.43 -1.64 -5.24
CA LEU A 30 -3.41 -0.73 -4.66
C LEU A 30 -4.68 -0.69 -5.50
N ARG A 31 -4.50 -0.62 -6.82
CA ARG A 31 -5.64 -0.58 -7.74
C ARG A 31 -6.40 -1.90 -7.70
N MET A 32 -5.66 -3.00 -7.52
CA MET A 32 -6.27 -4.32 -7.47
C MET A 32 -7.07 -4.47 -6.18
N TYR A 33 -6.49 -4.02 -5.07
CA TYR A 33 -7.15 -4.09 -3.78
C TYR A 33 -8.45 -3.29 -3.77
N HIS A 34 -8.41 -2.12 -4.41
CA HIS A 34 -9.58 -1.25 -4.47
C HIS A 34 -10.63 -1.79 -5.45
N GLN A 35 -10.16 -2.28 -6.59
CA GLN A 35 -11.06 -2.80 -7.62
C GLN A 35 -11.57 -4.20 -7.28
N THR A 36 -10.64 -5.12 -7.01
CA THR A 36 -11.00 -6.50 -6.69
C THR A 36 -11.50 -6.63 -5.25
N MET A 37 -11.11 -5.69 -4.40
CA MET A 37 -11.53 -5.71 -2.99
C MET A 37 -10.97 -6.95 -2.29
N ASP A 38 -9.94 -7.56 -2.88
CA ASP A 38 -9.32 -8.75 -2.31
C ASP A 38 -8.06 -8.38 -1.53
N VAL A 39 -8.10 -8.62 -0.23
CA VAL A 39 -6.95 -8.32 0.63
C VAL A 39 -5.88 -9.38 0.52
N ALA A 40 -6.26 -10.57 0.07
CA ALA A 40 -5.32 -11.66 -0.09
C ALA A 40 -4.48 -11.47 -1.35
N VAL A 41 -5.07 -10.84 -2.35
CA VAL A 41 -4.37 -10.59 -3.60
C VAL A 41 -3.33 -9.49 -3.43
N LEU A 42 -3.71 -8.44 -2.70
CA LEU A 42 -2.81 -7.32 -2.46
C LEU A 42 -1.68 -7.73 -1.52
N VAL A 43 -1.98 -8.56 -0.53
CA VAL A 43 -0.97 -9.03 0.40
C VAL A 43 0.04 -9.91 -0.31
N GLY A 44 -0.45 -10.70 -1.26
CA GLY A 44 0.43 -11.57 -2.02
C GLY A 44 1.45 -10.79 -2.84
N ASP A 45 0.95 -9.92 -3.71
CA ASP A 45 1.82 -9.10 -4.54
C ASP A 45 2.71 -8.21 -3.67
N LEU A 46 2.11 -7.59 -2.66
CA LEU A 46 2.83 -6.72 -1.76
C LEU A 46 4.08 -7.41 -1.22
N LYS A 47 3.94 -8.69 -0.90
CA LYS A 47 5.06 -9.47 -0.39
C LYS A 47 6.20 -9.49 -1.40
N LEU A 48 5.85 -9.82 -2.65
CA LEU A 48 6.83 -9.87 -3.72
C LEU A 48 7.64 -8.57 -3.78
N VAL A 49 6.96 -7.45 -3.53
CA VAL A 49 7.61 -6.15 -3.54
C VAL A 49 7.93 -5.66 -2.14
N ILE A 50 7.65 -6.50 -1.13
CA ILE A 50 7.91 -6.15 0.26
C ILE A 50 8.45 -7.35 1.04
N ASN A 51 9.15 -8.24 0.33
CA ASN A 51 9.72 -9.42 0.95
C ASN A 51 11.07 -9.14 1.61
N GLU A 52 11.42 -7.86 1.74
CA GLU A 52 12.70 -7.50 2.36
C GLU A 52 12.50 -6.49 3.49
N PRO A 53 13.34 -6.53 4.52
CA PRO A 53 13.25 -5.60 5.65
C PRO A 53 13.19 -4.16 5.18
N SER A 54 13.96 -3.86 4.13
CA SER A 54 13.98 -2.52 3.56
C SER A 54 12.65 -2.20 2.88
N ARG A 55 12.03 -3.24 2.33
CA ARG A 55 10.75 -3.08 1.64
C ARG A 55 9.57 -3.31 2.60
N LEU A 56 9.86 -3.77 3.81
CA LEU A 56 8.83 -4.01 4.81
C LEU A 56 8.02 -2.75 5.11
N PRO A 57 8.68 -1.59 5.27
CA PRO A 57 8.00 -0.33 5.56
C PRO A 57 6.73 -0.10 4.74
N LEU A 58 6.68 -0.69 3.54
CA LEU A 58 5.52 -0.53 2.68
C LEU A 58 4.31 -1.28 3.24
N PHE A 59 4.58 -2.37 3.95
CA PHE A 59 3.52 -3.18 4.54
C PHE A 59 2.84 -2.41 5.68
N ASP A 60 3.65 -1.73 6.48
CA ASP A 60 3.14 -0.94 7.60
C ASP A 60 2.49 0.34 7.11
N ALA A 61 3.00 0.88 6.01
CA ALA A 61 2.48 2.10 5.43
C ALA A 61 1.05 1.92 4.93
N ILE A 62 0.89 1.08 3.93
CA ILE A 62 -0.41 0.81 3.33
C ILE A 62 -1.37 0.18 4.35
N ARG A 63 -0.81 -0.53 5.31
CA ARG A 63 -1.59 -1.22 6.35
C ARG A 63 -2.76 -0.37 6.89
N PRO A 64 -2.47 0.78 7.54
CA PRO A 64 -3.50 1.65 8.10
C PRO A 64 -4.67 1.90 7.17
N LEU A 65 -4.41 1.82 5.87
CA LEU A 65 -5.46 2.04 4.87
C LEU A 65 -6.50 0.93 4.98
N ILE A 66 -6.00 -0.30 4.96
CA ILE A 66 -6.84 -1.48 5.06
C ILE A 66 -7.83 -1.36 6.22
N PRO A 67 -9.13 -1.62 5.96
CA PRO A 67 -10.17 -1.54 7.00
C PRO A 67 -9.83 -2.35 8.23
N LEU A 68 -10.56 -2.12 9.32
CA LEU A 68 -10.34 -2.83 10.58
C LEU A 68 -10.42 -4.34 10.37
N LYS A 69 -11.53 -4.81 9.84
CA LYS A 69 -11.71 -6.24 9.59
C LYS A 69 -10.60 -6.76 8.68
N HIS A 70 -10.46 -6.12 7.52
CA HIS A 70 -9.43 -6.50 6.58
C HIS A 70 -8.05 -6.44 7.24
N GLN A 71 -7.91 -5.54 8.22
CA GLN A 71 -6.65 -5.39 8.94
C GLN A 71 -6.32 -6.69 9.68
N VAL A 72 -7.34 -7.25 10.32
CA VAL A 72 -7.17 -8.50 11.05
C VAL A 72 -6.69 -9.59 10.10
N GLU A 73 -7.35 -9.68 8.95
CA GLU A 73 -6.99 -10.66 7.94
C GLU A 73 -5.57 -10.41 7.44
N TYR A 74 -5.18 -9.13 7.46
CA TYR A 74 -3.85 -8.74 7.03
C TYR A 74 -2.78 -9.41 7.89
N ASP A 75 -2.97 -9.31 9.20
CA ASP A 75 -2.05 -9.90 10.15
C ASP A 75 -1.96 -11.41 9.95
N GLN A 76 -3.12 -12.05 9.86
CA GLN A 76 -3.19 -13.50 9.66
C GLN A 76 -2.61 -13.91 8.30
N LEU A 77 -2.54 -12.96 7.37
CA LEU A 77 -2.02 -13.24 6.04
C LEU A 77 -0.51 -13.06 5.97
N THR A 78 0.04 -12.24 6.85
CA THR A 78 1.48 -11.98 6.88
C THR A 78 2.28 -13.28 7.05
N PRO A 79 1.87 -14.17 7.98
CA PRO A 79 2.59 -15.43 8.20
C PRO A 79 2.47 -16.38 7.02
N ARG A 80 1.38 -16.24 6.26
CA ARG A 80 1.14 -17.09 5.09
C ARG A 80 1.05 -18.56 5.50
N GLY B 1 -13.27 -0.03 2.14
CA GLY B 1 -11.97 0.32 1.60
C GLY B 1 -11.75 1.82 1.54
N SER B 2 -11.33 2.40 2.65
CA SER B 2 -11.08 3.85 2.71
C SER B 2 -9.59 4.13 2.83
N LEU B 3 -9.23 5.41 2.84
CA LEU B 3 -7.84 5.85 2.96
C LEU B 3 -7.03 5.48 1.72
N LEU B 4 -6.99 4.18 1.39
CA LEU B 4 -6.24 3.72 0.23
C LEU B 4 -6.63 4.52 -1.01
N LYS B 5 -7.91 4.80 -1.17
CA LYS B 5 -8.40 5.58 -2.30
C LYS B 5 -7.78 6.97 -2.30
N GLU B 6 -7.55 7.50 -1.11
CA GLU B 6 -6.95 8.82 -0.96
C GLU B 6 -5.49 8.79 -1.38
N VAL B 7 -4.83 7.67 -1.16
CA VAL B 7 -3.43 7.51 -1.52
C VAL B 7 -3.27 7.50 -3.04
N LEU B 8 -4.20 6.82 -3.72
CA LEU B 8 -4.17 6.74 -5.17
C LEU B 8 -4.38 8.11 -5.79
N GLU B 9 -5.36 8.84 -5.28
CA GLU B 9 -5.67 10.18 -5.76
C GLU B 9 -4.56 11.16 -5.39
N ASP B 10 -3.95 10.94 -4.23
CA ASP B 10 -2.88 11.80 -3.75
C ASP B 10 -1.72 11.82 -4.75
N TYR B 11 -1.28 10.63 -5.16
CA TYR B 11 -0.19 10.52 -6.11
C TYR B 11 -0.64 10.96 -7.50
N LEU B 12 -1.81 10.49 -7.91
CA LEU B 12 -2.36 10.84 -9.22
C LEU B 12 -2.34 12.35 -9.42
N ARG B 13 -2.63 13.07 -8.35
CA ARG B 13 -2.63 14.53 -8.41
C ARG B 13 -1.21 15.05 -8.40
N LEU B 14 -0.34 14.36 -7.66
CA LEU B 14 1.06 14.75 -7.59
C LEU B 14 1.72 14.58 -8.95
N LYS B 15 1.06 13.84 -9.85
CA LYS B 15 1.58 13.60 -11.18
C LYS B 15 1.53 14.87 -12.02
N LYS B 16 0.33 15.24 -12.44
CA LYS B 16 0.12 16.43 -13.25
C LYS B 16 0.12 17.69 -12.37
N MET A 1 -8.28 13.89 11.70
CA MET A 1 -7.71 13.79 10.34
C MET A 1 -6.78 12.59 10.21
N ASP A 2 -6.81 11.93 9.05
CA ASP A 2 -5.96 10.77 8.81
C ASP A 2 -5.56 10.69 7.34
N ARG A 3 -5.46 11.86 6.69
CA ARG A 3 -5.07 11.92 5.29
C ARG A 3 -3.57 12.08 5.14
N LYS A 4 -2.97 12.85 6.04
CA LYS A 4 -1.54 13.09 6.01
C LYS A 4 -0.77 11.77 6.14
N VAL A 5 -1.34 10.83 6.90
CA VAL A 5 -0.71 9.53 7.11
C VAL A 5 -0.47 8.82 5.79
N ALA A 6 -1.42 8.95 4.86
CA ALA A 6 -1.30 8.32 3.56
C ALA A 6 -0.19 8.94 2.75
N ARG A 7 -0.20 10.26 2.64
CA ARG A 7 0.83 10.97 1.90
C ARG A 7 2.17 10.83 2.59
N GLU A 8 2.13 10.62 3.91
CA GLU A 8 3.35 10.45 4.68
C GLU A 8 4.00 9.12 4.36
N PHE A 9 3.21 8.06 4.38
CA PHE A 9 3.74 6.73 4.07
C PHE A 9 4.05 6.66 2.59
N ARG A 10 3.15 7.18 1.77
CA ARG A 10 3.34 7.21 0.33
C ARG A 10 4.63 7.96 0.00
N HIS A 11 4.86 9.08 0.70
CA HIS A 11 6.06 9.87 0.48
C HIS A 11 7.30 9.04 0.77
N LYS A 12 7.27 8.30 1.87
CA LYS A 12 8.39 7.45 2.27
C LYS A 12 8.64 6.40 1.19
N VAL A 13 7.57 5.95 0.55
CA VAL A 13 7.68 4.95 -0.50
C VAL A 13 8.52 5.48 -1.66
N ASP A 14 8.20 6.69 -2.11
CA ASP A 14 8.93 7.33 -3.19
C ASP A 14 10.40 7.44 -2.81
N PHE A 15 10.65 7.74 -1.54
CA PHE A 15 12.01 7.86 -1.03
C PHE A 15 12.70 6.49 -1.01
N LEU A 16 11.96 5.47 -0.59
CA LEU A 16 12.48 4.11 -0.53
C LEU A 16 12.30 3.38 -1.86
N ILE A 17 11.81 4.09 -2.87
CA ILE A 17 11.59 3.52 -4.17
C ILE A 17 11.92 4.55 -5.25
N GLU A 18 13.19 4.88 -5.33
CA GLU A 18 13.68 5.85 -6.30
C GLU A 18 13.27 5.46 -7.72
N ASN A 19 13.16 4.16 -7.96
CA ASN A 19 12.78 3.66 -9.27
C ASN A 19 11.30 3.90 -9.53
N ASP A 20 10.88 3.78 -10.78
CA ASP A 20 9.48 3.99 -11.15
C ASP A 20 8.75 2.66 -11.29
N ALA A 21 9.49 1.61 -11.66
CA ALA A 21 8.89 0.29 -11.82
C ALA A 21 8.30 -0.22 -10.52
N GLU A 22 9.10 -0.17 -9.46
CA GLU A 22 8.64 -0.60 -8.15
C GLU A 22 7.32 0.09 -7.83
N LYS A 23 7.21 1.34 -8.28
CA LYS A 23 6.00 2.12 -8.08
C LYS A 23 4.88 1.57 -8.96
N ASP A 24 5.24 1.09 -10.15
CA ASP A 24 4.26 0.53 -11.07
C ASP A 24 3.58 -0.67 -10.44
N TYR A 25 4.37 -1.52 -9.79
CA TYR A 25 3.84 -2.71 -9.13
C TYR A 25 2.97 -2.31 -7.95
N LEU A 26 3.42 -1.30 -7.20
CA LEU A 26 2.69 -0.83 -6.04
C LEU A 26 1.32 -0.31 -6.44
N TYR A 27 1.28 0.49 -7.51
CA TYR A 27 0.04 1.05 -8.00
C TYR A 27 -0.93 -0.06 -8.41
N ASP A 28 -0.40 -1.06 -9.09
CA ASP A 28 -1.22 -2.20 -9.54
C ASP A 28 -1.79 -2.95 -8.35
N VAL A 29 -0.99 -3.07 -7.29
CA VAL A 29 -1.43 -3.77 -6.08
C VAL A 29 -2.61 -3.05 -5.44
N LEU A 30 -2.44 -1.75 -5.22
CA LEU A 30 -3.49 -0.94 -4.61
C LEU A 30 -4.75 -0.96 -5.47
N ARG A 31 -4.56 -0.94 -6.79
CA ARG A 31 -5.69 -0.96 -7.71
C ARG A 31 -6.44 -2.28 -7.60
N MET A 32 -5.70 -3.37 -7.49
CA MET A 32 -6.29 -4.69 -7.37
C MET A 32 -7.11 -4.79 -6.08
N TYR A 33 -6.51 -4.34 -4.98
CA TYR A 33 -7.18 -4.38 -3.69
C TYR A 33 -8.48 -3.57 -3.71
N HIS A 34 -8.46 -2.45 -4.42
CA HIS A 34 -9.62 -1.58 -4.51
C HIS A 34 -10.68 -2.18 -5.44
N GLN A 35 -10.24 -2.67 -6.59
CA GLN A 35 -11.15 -3.25 -7.58
C GLN A 35 -11.61 -4.66 -7.19
N THR A 36 -10.64 -5.55 -6.96
CA THR A 36 -10.94 -6.92 -6.60
C THR A 36 -11.42 -7.05 -5.16
N MET A 37 -11.10 -6.06 -4.34
CA MET A 37 -11.50 -6.08 -2.93
C MET A 37 -10.88 -7.29 -2.21
N ASP A 38 -9.82 -7.85 -2.80
CA ASP A 38 -9.14 -9.00 -2.22
C ASP A 38 -7.83 -8.59 -1.56
N VAL A 39 -7.71 -8.85 -0.27
CA VAL A 39 -6.51 -8.51 0.47
C VAL A 39 -5.41 -9.54 0.24
N ALA A 40 -5.78 -10.71 -0.27
CA ALA A 40 -4.82 -11.77 -0.54
C ALA A 40 -4.02 -11.47 -1.80
N VAL A 41 -4.63 -10.74 -2.72
CA VAL A 41 -3.95 -10.37 -3.96
C VAL A 41 -2.89 -9.32 -3.71
N LEU A 42 -3.26 -8.30 -2.94
CA LEU A 42 -2.32 -7.22 -2.63
C LEU A 42 -1.18 -7.72 -1.75
N VAL A 43 -1.49 -8.61 -0.80
CA VAL A 43 -0.49 -9.17 0.08
C VAL A 43 0.56 -9.93 -0.74
N GLY A 44 0.11 -10.64 -1.75
CA GLY A 44 1.01 -11.39 -2.60
C GLY A 44 1.96 -10.50 -3.36
N ASP A 45 1.41 -9.60 -4.17
CA ASP A 45 2.22 -8.68 -4.95
C ASP A 45 3.07 -7.80 -4.04
N LEU A 46 2.45 -7.27 -2.98
CA LEU A 46 3.15 -6.41 -2.04
C LEU A 46 4.43 -7.07 -1.56
N LYS A 47 4.36 -8.36 -1.24
CA LYS A 47 5.52 -9.10 -0.78
C LYS A 47 6.63 -9.06 -1.82
N LEU A 48 6.27 -9.30 -3.07
CA LEU A 48 7.22 -9.27 -4.18
C LEU A 48 7.98 -7.95 -4.19
N VAL A 49 7.28 -6.87 -3.88
CA VAL A 49 7.89 -5.54 -3.86
C VAL A 49 8.21 -5.10 -2.43
N ILE A 50 7.95 -5.97 -1.46
CA ILE A 50 8.21 -5.68 -0.06
C ILE A 50 8.80 -6.89 0.65
N ASN A 51 9.52 -7.71 -0.10
CA ASN A 51 10.14 -8.91 0.47
C ASN A 51 11.51 -8.61 1.07
N GLU A 52 11.80 -7.33 1.34
CA GLU A 52 13.08 -6.97 1.92
C GLU A 52 12.87 -6.15 3.19
N PRO A 53 13.70 -6.37 4.22
CA PRO A 53 13.60 -5.64 5.48
C PRO A 53 13.41 -4.14 5.25
N SER A 54 14.12 -3.62 4.26
CA SER A 54 14.03 -2.21 3.91
C SER A 54 12.67 -1.87 3.31
N ARG A 55 12.13 -2.80 2.54
CA ARG A 55 10.84 -2.61 1.89
C ARG A 55 9.68 -3.05 2.80
N LEU A 56 10.00 -3.82 3.84
CA LEU A 56 8.99 -4.29 4.78
C LEU A 56 8.03 -3.18 5.22
N PRO A 57 8.57 -2.04 5.69
CA PRO A 57 7.77 -0.91 6.14
C PRO A 57 6.52 -0.65 5.29
N LEU A 58 6.59 -0.98 4.01
CA LEU A 58 5.46 -0.76 3.12
C LEU A 58 4.23 -1.55 3.58
N PHE A 59 4.47 -2.68 4.23
CA PHE A 59 3.38 -3.52 4.74
C PHE A 59 2.67 -2.85 5.91
N ASP A 60 3.45 -2.21 6.78
CA ASP A 60 2.90 -1.52 7.94
C ASP A 60 2.23 -0.21 7.54
N ALA A 61 2.76 0.41 6.49
CA ALA A 61 2.25 1.68 5.99
C ALA A 61 0.86 1.53 5.37
N ILE A 62 0.78 0.74 4.31
CA ILE A 62 -0.48 0.51 3.60
C ILE A 62 -1.57 -0.06 4.53
N ARG A 63 -1.15 -0.92 5.45
CA ARG A 63 -2.08 -1.56 6.39
C ARG A 63 -3.13 -0.59 6.92
N PRO A 64 -2.73 0.43 7.71
CA PRO A 64 -3.64 1.43 8.28
C PRO A 64 -4.82 1.77 7.36
N LEU A 65 -4.57 1.75 6.06
CA LEU A 65 -5.61 2.05 5.08
C LEU A 65 -6.70 1.00 5.13
N ILE A 66 -6.29 -0.26 5.01
CA ILE A 66 -7.19 -1.40 5.05
C ILE A 66 -8.30 -1.20 6.09
N PRO A 67 -9.57 -1.39 5.69
CA PRO A 67 -10.72 -1.25 6.60
C PRO A 67 -10.58 -2.11 7.85
N LEU A 68 -11.41 -1.84 8.86
CA LEU A 68 -11.37 -2.57 10.12
C LEU A 68 -11.45 -4.07 9.87
N LYS A 69 -12.44 -4.49 9.09
CA LYS A 69 -12.63 -5.91 8.79
C LYS A 69 -11.38 -6.47 8.12
N HIS A 70 -11.02 -5.90 6.98
CA HIS A 70 -9.84 -6.34 6.25
C HIS A 70 -8.58 -6.16 7.10
N GLN A 71 -8.68 -5.31 8.13
CA GLN A 71 -7.56 -5.07 9.03
C GLN A 71 -7.25 -6.32 9.83
N VAL A 72 -8.26 -6.84 10.50
CA VAL A 72 -8.10 -8.05 11.30
C VAL A 72 -7.68 -9.21 10.42
N GLU A 73 -8.20 -9.24 9.20
CA GLU A 73 -7.86 -10.29 8.25
C GLU A 73 -6.41 -10.13 7.77
N TYR A 74 -6.04 -8.89 7.49
CA TYR A 74 -4.69 -8.58 7.04
C TYR A 74 -3.68 -8.91 8.13
N ASP A 75 -4.01 -8.52 9.35
CA ASP A 75 -3.15 -8.77 10.50
C ASP A 75 -2.93 -10.27 10.68
N GLN A 76 -4.00 -11.04 10.47
CA GLN A 76 -3.93 -12.49 10.60
C GLN A 76 -2.89 -13.06 9.63
N LEU A 77 -2.99 -12.64 8.37
CA LEU A 77 -2.05 -13.10 7.35
C LEU A 77 -0.63 -12.66 7.69
N THR A 78 -0.50 -11.50 8.34
CA THR A 78 0.79 -10.97 8.73
C THR A 78 1.20 -11.50 10.11
N PRO A 79 2.52 -11.53 10.39
CA PRO A 79 3.03 -12.02 11.67
C PRO A 79 2.46 -11.25 12.86
N ARG A 80 1.58 -11.89 13.60
CA ARG A 80 0.95 -11.26 14.76
C ARG A 80 1.61 -11.73 16.05
N GLY B 1 -12.75 7.04 6.04
CA GLY B 1 -13.67 6.92 4.93
C GLY B 1 -13.08 6.15 3.76
N SER B 2 -12.11 6.76 3.08
CA SER B 2 -11.46 6.12 1.94
C SER B 2 -9.96 6.36 1.97
N LEU B 3 -9.29 5.76 2.95
CA LEU B 3 -7.85 5.90 3.10
C LEU B 3 -7.12 5.36 1.88
N LEU B 4 -7.50 4.15 1.46
CA LEU B 4 -6.88 3.52 0.30
C LEU B 4 -6.90 4.45 -0.91
N LYS B 5 -8.08 4.97 -1.23
CA LYS B 5 -8.25 5.88 -2.35
C LYS B 5 -7.41 7.14 -2.15
N GLU B 6 -7.24 7.54 -0.88
CA GLU B 6 -6.46 8.72 -0.55
C GLU B 6 -5.01 8.55 -1.01
N VAL B 7 -4.48 7.36 -0.82
CA VAL B 7 -3.10 7.07 -1.22
C VAL B 7 -2.97 7.03 -2.73
N LEU B 8 -3.95 6.43 -3.40
CA LEU B 8 -3.94 6.35 -4.85
C LEU B 8 -4.01 7.73 -5.46
N GLU B 9 -4.91 8.56 -4.93
CA GLU B 9 -5.08 9.92 -5.41
C GLU B 9 -3.78 10.71 -5.23
N ASP B 10 -3.11 10.47 -4.12
CA ASP B 10 -1.85 11.16 -3.83
C ASP B 10 -0.81 10.85 -4.90
N TYR B 11 -0.76 9.58 -5.32
CA TYR B 11 0.18 9.14 -6.33
C TYR B 11 -0.21 9.70 -7.69
N LEU B 12 -1.48 9.55 -8.04
CA LEU B 12 -2.00 10.03 -9.31
C LEU B 12 -1.63 11.50 -9.53
N ARG B 13 -1.69 12.28 -8.45
CA ARG B 13 -1.35 13.69 -8.53
C ARG B 13 0.16 13.87 -8.56
N LEU B 14 0.87 13.02 -7.83
CA LEU B 14 2.32 13.07 -7.80
C LEU B 14 2.91 12.60 -9.13
N LYS B 15 2.06 12.05 -9.99
CA LYS B 15 2.49 11.57 -11.29
C LYS B 15 2.68 12.73 -12.27
N LYS B 16 1.56 13.23 -12.80
CA LYS B 16 1.60 14.34 -13.75
C LYS B 16 2.06 15.62 -13.07
N MET A 1 -5.18 7.68 10.39
CA MET A 1 -6.61 7.66 9.99
C MET A 1 -7.04 9.00 9.40
N ASP A 2 -6.29 9.47 8.41
CA ASP A 2 -6.58 10.74 7.75
C ASP A 2 -5.89 10.83 6.40
N ARG A 3 -6.11 11.93 5.70
CA ARG A 3 -5.52 12.13 4.39
C ARG A 3 -4.01 12.36 4.51
N LYS A 4 -3.61 13.05 5.58
CA LYS A 4 -2.21 13.34 5.82
C LYS A 4 -1.43 12.05 6.08
N VAL A 5 -2.08 11.10 6.74
CA VAL A 5 -1.45 9.83 7.05
C VAL A 5 -1.07 9.07 5.78
N ALA A 6 -1.90 9.21 4.76
CA ALA A 6 -1.64 8.54 3.49
C ALA A 6 -0.42 9.12 2.80
N ARG A 7 -0.40 10.43 2.66
CA ARG A 7 0.71 11.11 2.02
C ARG A 7 1.99 10.91 2.82
N GLU A 8 1.83 10.70 4.13
CA GLU A 8 2.98 10.49 4.99
C GLU A 8 3.62 9.14 4.71
N PHE A 9 2.80 8.10 4.68
CA PHE A 9 3.31 6.77 4.41
C PHE A 9 3.75 6.69 2.95
N ARG A 10 2.92 7.26 2.07
CA ARG A 10 3.23 7.30 0.64
C ARG A 10 4.58 7.98 0.42
N HIS A 11 4.79 9.11 1.11
CA HIS A 11 6.05 9.83 0.98
C HIS A 11 7.21 8.93 1.37
N LYS A 12 7.02 8.17 2.44
CA LYS A 12 8.04 7.25 2.91
C LYS A 12 8.37 6.23 1.83
N VAL A 13 7.35 5.88 1.04
CA VAL A 13 7.51 4.92 -0.04
C VAL A 13 8.46 5.47 -1.11
N ASP A 14 8.23 6.72 -1.50
CA ASP A 14 9.07 7.36 -2.51
C ASP A 14 10.52 7.38 -2.05
N PHE A 15 10.72 7.66 -0.77
CA PHE A 15 12.07 7.70 -0.20
C PHE A 15 12.67 6.29 -0.15
N LEU A 16 11.82 5.29 0.02
CA LEU A 16 12.27 3.91 0.09
C LEU A 16 12.04 3.17 -1.22
N ILE A 17 11.65 3.90 -2.26
CA ILE A 17 11.41 3.33 -3.55
C ILE A 17 11.73 4.33 -4.65
N GLU A 18 13.01 4.61 -4.79
CA GLU A 18 13.50 5.55 -5.78
C GLU A 18 13.12 5.09 -7.19
N ASN A 19 13.15 3.79 -7.40
CA ASN A 19 12.80 3.22 -8.70
C ASN A 19 11.34 3.50 -9.05
N ASP A 20 11.06 3.62 -10.34
CA ASP A 20 9.70 3.89 -10.80
C ASP A 20 8.91 2.60 -10.97
N ALA A 21 9.60 1.51 -11.29
CA ALA A 21 8.94 0.23 -11.47
C ALA A 21 8.27 -0.23 -10.19
N GLU A 22 9.02 -0.24 -9.10
CA GLU A 22 8.49 -0.65 -7.82
C GLU A 22 7.21 0.14 -7.54
N LYS A 23 7.20 1.39 -8.00
CA LYS A 23 6.05 2.25 -7.83
C LYS A 23 4.92 1.80 -8.77
N ASP A 24 5.31 1.31 -9.95
CA ASP A 24 4.33 0.83 -10.92
C ASP A 24 3.58 -0.38 -10.36
N TYR A 25 4.34 -1.31 -9.77
CA TYR A 25 3.74 -2.50 -9.18
C TYR A 25 2.81 -2.11 -8.04
N LEU A 26 3.25 -1.17 -7.22
CA LEU A 26 2.46 -0.69 -6.10
C LEU A 26 1.12 -0.14 -6.58
N TYR A 27 1.15 0.59 -7.69
CA TYR A 27 -0.05 1.16 -8.27
C TYR A 27 -1.03 0.05 -8.65
N ASP A 28 -0.49 -1.00 -9.25
CA ASP A 28 -1.32 -2.14 -9.66
C ASP A 28 -1.85 -2.89 -8.45
N VAL A 29 -1.02 -2.98 -7.41
CA VAL A 29 -1.41 -3.67 -6.18
C VAL A 29 -2.57 -2.94 -5.51
N LEU A 30 -2.42 -1.64 -5.33
CA LEU A 30 -3.45 -0.83 -4.71
C LEU A 30 -4.73 -0.89 -5.52
N ARG A 31 -4.60 -0.84 -6.84
CA ARG A 31 -5.76 -0.91 -7.72
C ARG A 31 -6.52 -2.21 -7.52
N MET A 32 -5.77 -3.29 -7.32
CA MET A 32 -6.39 -4.60 -7.10
C MET A 32 -7.26 -4.57 -5.85
N TYR A 33 -6.68 -4.12 -4.74
CA TYR A 33 -7.42 -4.04 -3.48
C TYR A 33 -8.73 -3.26 -3.65
N HIS A 34 -8.67 -2.18 -4.40
CA HIS A 34 -9.86 -1.35 -4.62
C HIS A 34 -10.84 -2.02 -5.59
N GLN A 35 -10.29 -2.68 -6.60
CA GLN A 35 -11.11 -3.36 -7.61
C GLN A 35 -11.68 -4.69 -7.11
N THR A 36 -10.80 -5.58 -6.65
CA THR A 36 -11.22 -6.89 -6.18
C THR A 36 -11.64 -6.88 -4.71
N MET A 37 -11.11 -5.94 -3.94
CA MET A 37 -11.44 -5.85 -2.52
C MET A 37 -11.00 -7.11 -1.79
N ASP A 38 -9.89 -7.69 -2.22
CA ASP A 38 -9.35 -8.91 -1.62
C ASP A 38 -8.01 -8.64 -0.95
N VAL A 39 -7.91 -8.96 0.33
CA VAL A 39 -6.68 -8.76 1.08
C VAL A 39 -5.64 -9.83 0.74
N ALA A 40 -6.10 -10.88 0.06
CA ALA A 40 -5.20 -11.97 -0.32
C ALA A 40 -4.36 -11.55 -1.52
N VAL A 41 -4.96 -10.79 -2.41
CA VAL A 41 -4.26 -10.30 -3.59
C VAL A 41 -3.22 -9.27 -3.20
N LEU A 42 -3.56 -8.48 -2.18
CA LEU A 42 -2.65 -7.45 -1.68
C LEU A 42 -1.42 -8.07 -1.05
N VAL A 43 -1.63 -9.05 -0.17
CA VAL A 43 -0.52 -9.72 0.50
C VAL A 43 0.42 -10.36 -0.52
N GLY A 44 -0.15 -10.90 -1.59
CA GLY A 44 0.65 -11.53 -2.62
C GLY A 44 1.60 -10.57 -3.31
N ASP A 45 1.04 -9.53 -3.93
CA ASP A 45 1.84 -8.54 -4.64
C ASP A 45 2.69 -7.72 -3.66
N LEU A 46 2.07 -7.32 -2.55
CA LEU A 46 2.77 -6.53 -1.54
C LEU A 46 4.09 -7.17 -1.16
N LYS A 47 4.06 -8.47 -0.90
CA LYS A 47 5.26 -9.20 -0.52
C LYS A 47 6.33 -9.08 -1.60
N LEU A 48 5.91 -9.26 -2.85
CA LEU A 48 6.83 -9.16 -3.98
C LEU A 48 7.60 -7.85 -3.95
N VAL A 49 6.91 -6.77 -3.61
CA VAL A 49 7.54 -5.46 -3.54
C VAL A 49 7.85 -5.05 -2.10
N ILE A 50 7.61 -5.98 -1.17
CA ILE A 50 7.86 -5.72 0.24
C ILE A 50 8.44 -6.96 0.93
N ASN A 51 9.16 -7.76 0.16
CA ASN A 51 9.77 -8.97 0.69
C ASN A 51 11.18 -8.71 1.25
N GLU A 52 11.50 -7.44 1.48
CA GLU A 52 12.81 -7.08 2.01
C GLU A 52 12.66 -6.15 3.21
N PRO A 53 13.60 -6.21 4.16
CA PRO A 53 13.56 -5.35 5.35
C PRO A 53 13.40 -3.89 4.98
N SER A 54 14.06 -3.49 3.90
CA SER A 54 13.98 -2.11 3.42
C SER A 54 12.59 -1.83 2.85
N ARG A 55 12.02 -2.82 2.19
CA ARG A 55 10.69 -2.68 1.59
C ARG A 55 9.58 -3.00 2.59
N LEU A 56 9.95 -3.58 3.74
CA LEU A 56 8.99 -3.93 4.77
C LEU A 56 8.12 -2.74 5.17
N PRO A 57 8.74 -1.57 5.46
CA PRO A 57 8.02 -0.36 5.87
C PRO A 57 6.74 -0.12 5.06
N LEU A 58 6.70 -0.60 3.82
CA LEU A 58 5.53 -0.41 2.98
C LEU A 58 4.37 -1.26 3.48
N PHE A 59 4.69 -2.46 3.98
CA PHE A 59 3.67 -3.36 4.51
C PHE A 59 2.88 -2.68 5.63
N ASP A 60 3.61 -2.01 6.52
CA ASP A 60 2.99 -1.30 7.64
C ASP A 60 2.35 -0.01 7.16
N ALA A 61 2.92 0.58 6.13
CA ALA A 61 2.41 1.84 5.56
C ALA A 61 1.00 1.67 5.01
N ILE A 62 0.85 0.78 4.04
CA ILE A 62 -0.44 0.51 3.41
C ILE A 62 -1.49 0.02 4.40
N ARG A 63 -1.06 -0.80 5.35
CA ARG A 63 -1.96 -1.38 6.35
C ARG A 63 -3.03 -0.38 6.83
N PRO A 64 -2.63 0.70 7.52
CA PRO A 64 -3.57 1.71 8.04
C PRO A 64 -4.72 2.01 7.08
N LEU A 65 -4.45 1.92 5.78
CA LEU A 65 -5.47 2.17 4.77
C LEU A 65 -6.55 1.11 4.85
N ILE A 66 -6.11 -0.13 4.95
CA ILE A 66 -7.00 -1.27 5.06
C ILE A 66 -7.98 -1.10 6.22
N PRO A 67 -9.28 -1.38 5.98
CA PRO A 67 -10.31 -1.26 7.02
C PRO A 67 -9.94 -2.03 8.28
N LEU A 68 -10.65 -1.74 9.37
CA LEU A 68 -10.39 -2.40 10.65
C LEU A 68 -10.49 -3.92 10.51
N LYS A 69 -11.63 -4.40 10.05
CA LYS A 69 -11.84 -5.83 9.86
C LYS A 69 -10.80 -6.40 8.91
N HIS A 70 -10.68 -5.77 7.75
CA HIS A 70 -9.70 -6.20 6.75
C HIS A 70 -8.29 -6.15 7.32
N GLN A 71 -8.07 -5.23 8.26
CA GLN A 71 -6.77 -5.09 8.89
C GLN A 71 -6.41 -6.36 9.64
N VAL A 72 -7.38 -6.91 10.36
CA VAL A 72 -7.18 -8.14 11.11
C VAL A 72 -6.84 -9.28 10.17
N GLU A 73 -7.62 -9.38 9.09
CA GLU A 73 -7.40 -10.41 8.09
C GLU A 73 -6.04 -10.24 7.43
N TYR A 74 -5.67 -8.99 7.20
CA TYR A 74 -4.37 -8.68 6.59
C TYR A 74 -3.24 -9.20 7.46
N ASP A 75 -3.40 -9.04 8.77
CA ASP A 75 -2.41 -9.50 9.73
C ASP A 75 -2.21 -11.02 9.61
N GLN A 76 -3.32 -11.75 9.70
CA GLN A 76 -3.27 -13.21 9.61
C GLN A 76 -2.86 -13.65 8.21
N LEU A 77 -2.92 -12.74 7.24
CA LEU A 77 -2.57 -13.05 5.87
C LEU A 77 -1.09 -12.76 5.57
N THR A 78 -0.47 -11.92 6.39
CA THR A 78 0.94 -11.57 6.20
C THR A 78 1.83 -12.81 6.20
N PRO A 79 1.57 -13.80 7.08
CA PRO A 79 2.38 -15.02 7.14
C PRO A 79 2.48 -15.72 5.79
N ARG A 80 1.33 -15.94 5.16
CA ARG A 80 1.28 -16.59 3.86
C ARG A 80 -0.15 -16.68 3.35
N GLY B 1 -13.29 5.14 6.42
CA GLY B 1 -13.18 6.32 5.60
C GLY B 1 -12.50 6.05 4.27
N SER B 2 -11.83 4.90 4.17
CA SER B 2 -11.13 4.53 2.94
C SER B 2 -10.00 5.51 2.65
N LEU B 3 -8.81 5.21 3.16
CA LEU B 3 -7.64 6.06 2.95
C LEU B 3 -6.84 5.60 1.74
N LEU B 4 -6.89 4.29 1.45
CA LEU B 4 -6.16 3.72 0.32
C LEU B 4 -6.46 4.49 -0.95
N LYS B 5 -7.72 4.89 -1.13
CA LYS B 5 -8.13 5.64 -2.30
C LYS B 5 -7.38 6.96 -2.38
N GLU B 6 -7.25 7.63 -1.24
CA GLU B 6 -6.56 8.90 -1.17
C GLU B 6 -5.10 8.76 -1.62
N VAL B 7 -4.49 7.65 -1.24
CA VAL B 7 -3.10 7.40 -1.60
C VAL B 7 -2.94 7.18 -3.10
N LEU B 8 -3.92 6.50 -3.71
CA LEU B 8 -3.88 6.26 -5.15
C LEU B 8 -3.90 7.58 -5.90
N GLU B 9 -4.76 8.48 -5.46
CA GLU B 9 -4.87 9.80 -6.08
C GLU B 9 -3.59 10.61 -5.87
N ASP B 10 -2.98 10.44 -4.70
CA ASP B 10 -1.74 11.15 -4.39
C ASP B 10 -0.64 10.79 -5.39
N TYR B 11 -0.58 9.51 -5.75
CA TYR B 11 0.42 9.03 -6.70
C TYR B 11 0.07 9.47 -8.11
N LEU B 12 -1.20 9.31 -8.47
CA LEU B 12 -1.67 9.70 -9.80
C LEU B 12 -1.25 11.13 -10.13
N ARG B 13 -1.36 12.00 -9.14
CA ARG B 13 -0.98 13.40 -9.32
C ARG B 13 0.54 13.53 -9.26
N LEU B 14 1.17 12.70 -8.44
CA LEU B 14 2.61 12.72 -8.31
C LEU B 14 3.26 12.35 -9.65
N LYS B 15 2.48 11.74 -10.54
CA LYS B 15 2.97 11.35 -11.85
C LYS B 15 2.83 12.48 -12.85
N LYS B 16 1.65 13.09 -12.87
CA LYS B 16 1.37 14.19 -13.77
C LYS B 16 1.86 15.52 -13.20
N MET A 1 -9.88 14.27 9.08
CA MET A 1 -8.81 14.49 8.09
C MET A 1 -7.69 13.46 8.24
N ASP A 2 -7.61 12.53 7.29
CA ASP A 2 -6.59 11.49 7.33
C ASP A 2 -5.92 11.35 5.96
N ARG A 3 -5.81 12.46 5.24
CA ARG A 3 -5.19 12.47 3.92
C ARG A 3 -3.67 12.59 4.04
N LYS A 4 -3.22 13.29 5.08
CA LYS A 4 -1.79 13.48 5.30
C LYS A 4 -1.11 12.15 5.63
N VAL A 5 -1.82 11.29 6.33
CA VAL A 5 -1.28 9.98 6.70
C VAL A 5 -0.96 9.16 5.46
N ALA A 6 -1.84 9.23 4.47
CA ALA A 6 -1.65 8.49 3.23
C ALA A 6 -0.45 9.02 2.45
N ARG A 7 -0.43 10.33 2.24
CA ARG A 7 0.67 10.96 1.53
C ARG A 7 1.96 10.84 2.33
N GLU A 8 1.83 10.72 3.65
CA GLU A 8 2.98 10.59 4.51
C GLU A 8 3.60 9.22 4.36
N PHE A 9 2.77 8.18 4.43
CA PHE A 9 3.26 6.82 4.27
C PHE A 9 3.69 6.61 2.83
N ARG A 10 2.88 7.10 1.90
CA ARG A 10 3.19 6.99 0.48
C ARG A 10 4.53 7.67 0.19
N HIS A 11 4.73 8.84 0.79
CA HIS A 11 5.98 9.57 0.62
C HIS A 11 7.16 8.72 1.06
N LYS A 12 6.97 8.02 2.18
CA LYS A 12 8.00 7.14 2.70
C LYS A 12 8.34 6.06 1.68
N VAL A 13 7.32 5.60 0.96
CA VAL A 13 7.51 4.58 -0.07
C VAL A 13 8.46 5.08 -1.14
N ASP A 14 8.23 6.30 -1.60
CA ASP A 14 9.08 6.90 -2.62
C ASP A 14 10.53 6.94 -2.15
N PHE A 15 10.71 7.29 -0.88
CA PHE A 15 12.04 7.34 -0.29
C PHE A 15 12.63 5.94 -0.16
N LEU A 16 11.77 4.96 0.06
CA LEU A 16 12.20 3.58 0.20
C LEU A 16 12.06 2.80 -1.10
N ILE A 17 11.71 3.51 -2.18
CA ILE A 17 11.55 2.90 -3.47
C ILE A 17 11.99 3.86 -4.56
N GLU A 18 13.27 4.14 -4.59
CA GLU A 18 13.87 5.04 -5.55
C GLU A 18 13.52 4.62 -6.98
N ASN A 19 13.41 3.32 -7.19
CA ASN A 19 13.08 2.78 -8.50
C ASN A 19 11.66 3.17 -8.90
N ASP A 20 11.33 3.01 -10.18
CA ASP A 20 10.00 3.34 -10.68
C ASP A 20 9.15 2.09 -10.84
N ALA A 21 9.80 0.98 -11.20
CA ALA A 21 9.09 -0.29 -11.39
C ALA A 21 8.42 -0.72 -10.11
N GLU A 22 9.17 -0.73 -9.02
CA GLU A 22 8.63 -1.12 -7.73
C GLU A 22 7.35 -0.34 -7.46
N LYS A 23 7.33 0.90 -7.94
CA LYS A 23 6.17 1.77 -7.79
C LYS A 23 5.06 1.30 -8.72
N ASP A 24 5.44 0.81 -9.89
CA ASP A 24 4.48 0.32 -10.86
C ASP A 24 3.72 -0.88 -10.30
N TYR A 25 4.46 -1.78 -9.66
CA TYR A 25 3.86 -2.97 -9.07
C TYR A 25 2.92 -2.57 -7.94
N LEU A 26 3.37 -1.66 -7.10
CA LEU A 26 2.56 -1.18 -5.97
C LEU A 26 1.27 -0.54 -6.48
N TYR A 27 1.37 0.19 -7.58
CA TYR A 27 0.22 0.87 -8.16
C TYR A 27 -0.83 -0.16 -8.58
N ASP A 28 -0.38 -1.23 -9.23
CA ASP A 28 -1.28 -2.28 -9.69
C ASP A 28 -1.91 -2.99 -8.50
N VAL A 29 -1.15 -3.11 -7.40
CA VAL A 29 -1.65 -3.76 -6.20
C VAL A 29 -2.79 -2.97 -5.59
N LEU A 30 -2.60 -1.67 -5.46
CA LEU A 30 -3.61 -0.79 -4.89
C LEU A 30 -4.87 -0.80 -5.75
N ARG A 31 -4.68 -0.75 -7.06
CA ARG A 31 -5.81 -0.78 -7.99
C ARG A 31 -6.58 -2.08 -7.87
N MET A 32 -5.85 -3.18 -7.73
CA MET A 32 -6.47 -4.49 -7.59
C MET A 32 -7.32 -4.54 -6.33
N TYR A 33 -6.75 -4.06 -5.22
CA TYR A 33 -7.46 -4.04 -3.95
C TYR A 33 -8.78 -3.29 -4.07
N HIS A 34 -8.73 -2.12 -4.70
CA HIS A 34 -9.93 -1.31 -4.87
C HIS A 34 -10.84 -1.87 -5.95
N GLN A 35 -10.26 -2.48 -6.98
CA GLN A 35 -11.03 -3.05 -8.08
C GLN A 35 -11.67 -4.38 -7.73
N THR A 36 -10.87 -5.34 -7.26
CA THR A 36 -11.38 -6.66 -6.91
C THR A 36 -11.83 -6.74 -5.45
N MET A 37 -11.50 -5.72 -4.67
CA MET A 37 -11.87 -5.72 -3.26
C MET A 37 -11.27 -6.92 -2.53
N ASP A 38 -10.18 -7.45 -3.07
CA ASP A 38 -9.51 -8.60 -2.48
C ASP A 38 -8.27 -8.18 -1.69
N VAL A 39 -8.29 -8.43 -0.40
CA VAL A 39 -7.18 -8.08 0.47
C VAL A 39 -6.05 -9.10 0.36
N ALA A 40 -6.40 -10.31 -0.09
CA ALA A 40 -5.40 -11.37 -0.23
C ALA A 40 -4.56 -11.15 -1.48
N VAL A 41 -5.15 -10.49 -2.47
CA VAL A 41 -4.44 -10.21 -3.71
C VAL A 41 -3.41 -9.11 -3.51
N LEU A 42 -3.80 -8.06 -2.80
CA LEU A 42 -2.89 -6.94 -2.53
C LEU A 42 -1.77 -7.37 -1.59
N VAL A 43 -2.12 -8.21 -0.61
CA VAL A 43 -1.12 -8.69 0.34
C VAL A 43 -0.07 -9.54 -0.37
N GLY A 44 -0.53 -10.39 -1.28
CA GLY A 44 0.37 -11.24 -2.03
C GLY A 44 1.39 -10.44 -2.83
N ASP A 45 0.88 -9.59 -3.71
CA ASP A 45 1.76 -8.76 -4.54
C ASP A 45 2.62 -7.84 -3.66
N LEU A 46 2.01 -7.31 -2.60
CA LEU A 46 2.73 -6.42 -1.70
C LEU A 46 4.02 -7.07 -1.21
N LYS A 47 3.94 -8.36 -0.88
CA LYS A 47 5.10 -9.10 -0.42
C LYS A 47 6.20 -9.06 -1.47
N LEU A 48 5.83 -9.33 -2.71
CA LEU A 48 6.78 -9.33 -3.82
C LEU A 48 7.52 -8.01 -3.88
N VAL A 49 6.82 -6.92 -3.56
CA VAL A 49 7.42 -5.59 -3.58
C VAL A 49 7.78 -5.12 -2.17
N ILE A 50 7.54 -5.98 -1.17
CA ILE A 50 7.84 -5.65 0.22
C ILE A 50 8.43 -6.85 0.94
N ASN A 51 9.12 -7.71 0.20
CA ASN A 51 9.73 -8.91 0.79
C ASN A 51 11.13 -8.62 1.34
N GLU A 52 11.45 -7.34 1.57
CA GLU A 52 12.76 -6.98 2.11
C GLU A 52 12.60 -6.08 3.32
N PRO A 53 13.47 -6.25 4.35
CA PRO A 53 13.40 -5.43 5.55
C PRO A 53 13.29 -3.95 5.21
N SER A 54 14.00 -3.54 4.16
CA SER A 54 13.98 -2.15 3.71
C SER A 54 12.62 -1.82 3.11
N ARG A 55 12.01 -2.78 2.43
CA ARG A 55 10.70 -2.59 1.82
C ARG A 55 9.56 -2.95 2.76
N LEU A 56 9.90 -3.53 3.91
CA LEU A 56 8.90 -3.92 4.90
C LEU A 56 8.04 -2.73 5.34
N PRO A 57 8.65 -1.58 5.64
CA PRO A 57 7.94 -0.39 6.09
C PRO A 57 6.67 -0.09 5.28
N LEU A 58 6.64 -0.53 4.02
CA LEU A 58 5.46 -0.31 3.18
C LEU A 58 4.30 -1.20 3.60
N PHE A 59 4.63 -2.37 4.13
CA PHE A 59 3.60 -3.31 4.57
C PHE A 59 2.76 -2.69 5.68
N ASP A 60 3.42 -2.12 6.66
CA ASP A 60 2.74 -1.48 7.79
C ASP A 60 2.15 -0.14 7.39
N ALA A 61 2.81 0.52 6.44
CA ALA A 61 2.38 1.82 5.94
C ALA A 61 0.98 1.75 5.32
N ILE A 62 0.83 0.90 4.30
CA ILE A 62 -0.44 0.74 3.60
C ILE A 62 -1.54 0.20 4.53
N ARG A 63 -1.15 -0.69 5.43
CA ARG A 63 -2.08 -1.31 6.38
C ARG A 63 -3.17 -0.35 6.85
N PRO A 64 -2.79 0.74 7.56
CA PRO A 64 -3.72 1.73 8.07
C PRO A 64 -4.94 1.96 7.19
N LEU A 65 -4.73 1.90 5.87
CA LEU A 65 -5.81 2.09 4.91
C LEU A 65 -6.81 0.96 5.04
N ILE A 66 -6.32 -0.26 4.89
CA ILE A 66 -7.13 -1.47 4.99
C ILE A 66 -8.07 -1.39 6.19
N PRO A 67 -9.37 -1.74 6.00
CA PRO A 67 -10.37 -1.70 7.08
C PRO A 67 -9.90 -2.44 8.32
N LEU A 68 -10.60 -2.22 9.44
CA LEU A 68 -10.25 -2.85 10.70
C LEU A 68 -10.24 -4.37 10.55
N LYS A 69 -11.35 -4.94 10.09
CA LYS A 69 -11.45 -6.38 9.90
C LYS A 69 -10.35 -6.87 8.96
N HIS A 70 -10.29 -6.25 7.78
CA HIS A 70 -9.27 -6.61 6.79
C HIS A 70 -7.87 -6.37 7.35
N GLN A 71 -7.78 -5.51 8.36
CA GLN A 71 -6.49 -5.20 8.99
C GLN A 71 -5.97 -6.42 9.73
N VAL A 72 -6.79 -6.95 10.63
CA VAL A 72 -6.41 -8.12 11.40
C VAL A 72 -6.11 -9.30 10.47
N GLU A 73 -6.85 -9.37 9.37
CA GLU A 73 -6.65 -10.42 8.38
C GLU A 73 -5.32 -10.22 7.68
N TYR A 74 -4.97 -8.96 7.43
CA TYR A 74 -3.72 -8.63 6.79
C TYR A 74 -2.54 -9.06 7.65
N ASP A 75 -2.70 -8.90 8.95
CA ASP A 75 -1.65 -9.28 9.90
C ASP A 75 -1.45 -10.79 9.89
N GLN A 76 -2.55 -11.53 9.88
CA GLN A 76 -2.49 -12.98 9.87
C GLN A 76 -1.90 -13.50 8.56
N LEU A 77 -2.04 -12.72 7.49
CA LEU A 77 -1.53 -13.11 6.18
C LEU A 77 -0.07 -12.71 5.99
N THR A 78 0.36 -11.67 6.70
CA THR A 78 1.74 -11.19 6.59
C THR A 78 2.76 -12.31 6.86
N PRO A 79 2.57 -13.13 7.92
CA PRO A 79 3.51 -14.21 8.24
C PRO A 79 3.61 -15.23 7.10
N ARG A 80 4.67 -16.03 7.13
CA ARG A 80 4.89 -17.05 6.11
C ARG A 80 4.62 -18.45 6.67
N GLY B 1 -12.11 5.14 7.32
CA GLY B 1 -11.62 4.44 6.15
C GLY B 1 -11.56 5.31 4.92
N SER B 2 -11.67 4.70 3.75
CA SER B 2 -11.62 5.44 2.49
C SER B 2 -10.27 6.14 2.32
N LEU B 3 -9.23 5.56 2.90
CA LEU B 3 -7.89 6.13 2.81
C LEU B 3 -7.15 5.59 1.59
N LEU B 4 -7.49 4.37 1.19
CA LEU B 4 -6.85 3.73 0.04
C LEU B 4 -6.91 4.66 -1.17
N LYS B 5 -8.11 5.13 -1.49
CA LYS B 5 -8.31 6.03 -2.62
C LYS B 5 -7.46 7.28 -2.46
N GLU B 6 -7.23 7.68 -1.21
CA GLU B 6 -6.42 8.86 -0.92
C GLU B 6 -4.98 8.66 -1.38
N VAL B 7 -4.46 7.46 -1.17
CA VAL B 7 -3.09 7.15 -1.56
C VAL B 7 -2.96 7.06 -3.07
N LEU B 8 -4.00 6.54 -3.72
CA LEU B 8 -4.00 6.41 -5.18
C LEU B 8 -4.15 7.78 -5.84
N GLU B 9 -5.09 8.57 -5.34
CA GLU B 9 -5.32 9.90 -5.87
C GLU B 9 -4.17 10.84 -5.54
N ASP B 10 -3.56 10.63 -4.38
CA ASP B 10 -2.44 11.45 -3.94
C ASP B 10 -1.25 11.26 -4.87
N TYR B 11 -0.95 10.01 -5.19
CA TYR B 11 0.17 9.69 -6.07
C TYR B 11 -0.12 10.14 -7.49
N LEU B 12 -1.29 9.77 -8.00
CA LEU B 12 -1.70 10.13 -9.35
C LEU B 12 -1.55 11.63 -9.56
N ARG B 13 -1.91 12.40 -8.55
CA ARG B 13 -1.81 13.85 -8.61
C ARG B 13 -0.35 14.28 -8.40
N LEU B 14 0.34 13.55 -7.54
CA LEU B 14 1.74 13.85 -7.26
C LEU B 14 2.56 13.78 -8.54
N LYS B 15 2.04 13.05 -9.54
CA LYS B 15 2.72 12.92 -10.83
C LYS B 15 2.11 13.86 -11.86
N LYS B 16 0.82 14.12 -11.73
CA LYS B 16 0.11 14.99 -12.65
C LYS B 16 -0.94 15.84 -11.93
N MET A 1 -10.57 14.03 9.30
CA MET A 1 -10.67 13.74 7.85
C MET A 1 -9.70 12.65 7.42
N ASP A 2 -8.52 12.66 8.02
CA ASP A 2 -7.49 11.67 7.71
C ASP A 2 -7.07 11.76 6.24
N ARG A 3 -5.85 12.23 6.01
CA ARG A 3 -5.34 12.38 4.65
C ARG A 3 -3.81 12.46 4.66
N LYS A 4 -3.28 13.25 5.58
CA LYS A 4 -1.84 13.43 5.69
C LYS A 4 -1.15 12.09 5.94
N VAL A 5 -1.83 11.21 6.67
CA VAL A 5 -1.30 9.90 6.98
C VAL A 5 -0.97 9.12 5.72
N ALA A 6 -1.84 9.25 4.71
CA ALA A 6 -1.64 8.55 3.45
C ALA A 6 -0.43 9.08 2.72
N ARG A 7 -0.36 10.40 2.57
CA ARG A 7 0.76 11.03 1.90
C ARG A 7 2.04 10.81 2.70
N GLU A 8 1.90 10.63 4.00
CA GLU A 8 3.04 10.41 4.87
C GLU A 8 3.63 9.03 4.62
N PHE A 9 2.78 8.02 4.61
CA PHE A 9 3.25 6.66 4.36
C PHE A 9 3.67 6.54 2.91
N ARG A 10 2.86 7.10 2.02
CA ARG A 10 3.18 7.08 0.59
C ARG A 10 4.51 7.77 0.35
N HIS A 11 4.74 8.88 1.04
CA HIS A 11 5.99 9.62 0.91
C HIS A 11 7.16 8.72 1.28
N LYS A 12 6.97 7.95 2.36
CA LYS A 12 8.00 7.02 2.81
C LYS A 12 8.32 6.01 1.71
N VAL A 13 7.27 5.62 0.98
CA VAL A 13 7.44 4.66 -0.12
C VAL A 13 8.40 5.21 -1.17
N ASP A 14 8.16 6.46 -1.58
CA ASP A 14 9.00 7.09 -2.58
C ASP A 14 10.45 7.12 -2.11
N PHE A 15 10.63 7.36 -0.82
CA PHE A 15 11.96 7.41 -0.22
C PHE A 15 12.58 6.01 -0.21
N LEU A 16 11.74 5.00 0.01
CA LEU A 16 12.21 3.61 0.04
C LEU A 16 12.06 2.94 -1.32
N ILE A 17 11.64 3.70 -2.32
CA ILE A 17 11.46 3.18 -3.65
C ILE A 17 11.79 4.25 -4.69
N GLU A 18 13.05 4.59 -4.76
CA GLU A 18 13.53 5.60 -5.70
C GLU A 18 13.16 5.24 -7.12
N ASN A 19 13.26 3.96 -7.46
CA ASN A 19 12.93 3.48 -8.79
C ASN A 19 11.47 3.78 -9.13
N ASP A 20 11.05 3.40 -10.33
CA ASP A 20 9.69 3.63 -10.77
C ASP A 20 8.93 2.32 -10.90
N ALA A 21 9.64 1.26 -11.27
CA ALA A 21 9.03 -0.06 -11.42
C ALA A 21 8.41 -0.53 -10.13
N GLU A 22 9.20 -0.52 -9.06
CA GLU A 22 8.71 -0.92 -7.75
C GLU A 22 7.42 -0.18 -7.44
N LYS A 23 7.36 1.07 -7.91
CA LYS A 23 6.18 1.89 -7.72
C LYS A 23 5.05 1.42 -8.62
N ASP A 24 5.43 0.95 -9.81
CA ASP A 24 4.45 0.44 -10.77
C ASP A 24 3.74 -0.78 -10.20
N TYR A 25 4.50 -1.64 -9.54
CA TYR A 25 3.96 -2.84 -8.94
C TYR A 25 3.00 -2.46 -7.80
N LEU A 26 3.44 -1.54 -6.96
CA LEU A 26 2.63 -1.08 -5.84
C LEU A 26 1.33 -0.46 -6.34
N TYR A 27 1.41 0.23 -7.47
CA TYR A 27 0.23 0.87 -8.06
C TYR A 27 -0.80 -0.18 -8.45
N ASP A 28 -0.33 -1.24 -9.08
CA ASP A 28 -1.21 -2.33 -9.52
C ASP A 28 -1.92 -2.95 -8.32
N VAL A 29 -1.19 -3.11 -7.22
CA VAL A 29 -1.74 -3.69 -6.01
C VAL A 29 -2.90 -2.84 -5.49
N LEU A 30 -2.68 -1.54 -5.42
CA LEU A 30 -3.70 -0.61 -4.94
C LEU A 30 -4.94 -0.68 -5.84
N ARG A 31 -4.71 -0.70 -7.15
CA ARG A 31 -5.80 -0.78 -8.11
C ARG A 31 -6.63 -2.04 -7.87
N MET A 32 -5.96 -3.10 -7.42
CA MET A 32 -6.63 -4.37 -7.14
C MET A 32 -7.62 -4.20 -6.00
N TYR A 33 -7.13 -3.70 -4.86
CA TYR A 33 -8.00 -3.50 -3.70
C TYR A 33 -9.21 -2.65 -4.07
N HIS A 34 -9.00 -1.70 -4.99
CA HIS A 34 -10.08 -0.83 -5.43
C HIS A 34 -11.04 -1.55 -6.36
N GLN A 35 -10.50 -2.16 -7.40
CA GLN A 35 -11.32 -2.87 -8.40
C GLN A 35 -11.78 -4.24 -7.89
N THR A 36 -10.83 -5.08 -7.47
CA THR A 36 -11.15 -6.42 -6.99
C THR A 36 -11.48 -6.41 -5.51
N MET A 37 -10.64 -5.76 -4.72
CA MET A 37 -10.85 -5.69 -3.27
C MET A 37 -10.47 -7.01 -2.60
N ASP A 38 -9.48 -7.69 -3.17
CA ASP A 38 -9.02 -8.97 -2.63
C ASP A 38 -7.74 -8.78 -1.83
N VAL A 39 -7.79 -9.14 -0.55
CA VAL A 39 -6.63 -9.01 0.32
C VAL A 39 -5.64 -10.15 0.08
N ALA A 40 -6.09 -11.21 -0.57
CA ALA A 40 -5.24 -12.35 -0.85
C ALA A 40 -4.32 -12.04 -2.03
N VAL A 41 -4.85 -11.30 -2.99
CA VAL A 41 -4.07 -10.93 -4.15
C VAL A 41 -3.05 -9.85 -3.77
N LEU A 42 -3.44 -9.00 -2.83
CA LEU A 42 -2.57 -7.93 -2.37
C LEU A 42 -1.38 -8.50 -1.60
N VAL A 43 -1.63 -9.47 -0.72
CA VAL A 43 -0.56 -10.08 0.06
C VAL A 43 0.50 -10.68 -0.85
N GLY A 44 0.07 -11.30 -1.94
CA GLY A 44 1.01 -11.90 -2.87
C GLY A 44 1.89 -10.87 -3.56
N ASP A 45 1.26 -9.92 -4.25
CA ASP A 45 2.00 -8.88 -4.96
C ASP A 45 2.80 -8.02 -3.99
N LEU A 46 2.13 -7.56 -2.93
CA LEU A 46 2.77 -6.72 -1.92
C LEU A 46 4.07 -7.34 -1.44
N LYS A 47 4.03 -8.64 -1.17
CA LYS A 47 5.23 -9.35 -0.71
C LYS A 47 6.33 -9.26 -1.75
N LEU A 48 5.98 -9.51 -3.00
CA LEU A 48 6.94 -9.45 -4.10
C LEU A 48 7.69 -8.12 -4.08
N VAL A 49 6.98 -7.05 -3.74
CA VAL A 49 7.59 -5.73 -3.68
C VAL A 49 7.90 -5.32 -2.24
N ILE A 50 7.62 -6.21 -1.30
CA ILE A 50 7.88 -5.95 0.11
C ILE A 50 8.54 -7.15 0.78
N ASN A 51 9.27 -7.92 0.00
CA ASN A 51 9.96 -9.10 0.52
C ASN A 51 11.33 -8.74 1.12
N GLU A 52 11.59 -7.45 1.31
CA GLU A 52 12.86 -7.03 1.88
C GLU A 52 12.65 -6.13 3.09
N PRO A 53 13.54 -6.23 4.10
CA PRO A 53 13.44 -5.42 5.32
C PRO A 53 13.21 -3.95 4.99
N SER A 54 13.88 -3.48 3.94
CA SER A 54 13.74 -2.09 3.50
C SER A 54 12.35 -1.85 2.91
N ARG A 55 11.82 -2.86 2.22
CA ARG A 55 10.51 -2.76 1.60
C ARG A 55 9.39 -3.17 2.58
N LEU A 56 9.78 -3.72 3.73
CA LEU A 56 8.82 -4.15 4.74
C LEU A 56 7.88 -3.01 5.14
N PRO A 57 8.43 -1.85 5.53
CA PRO A 57 7.65 -0.68 5.96
C PRO A 57 6.38 -0.46 5.12
N LEU A 58 6.42 -0.87 3.86
CA LEU A 58 5.26 -0.70 2.98
C LEU A 58 4.05 -1.45 3.51
N PHE A 59 4.30 -2.63 4.09
CA PHE A 59 3.23 -3.44 4.65
C PHE A 59 2.52 -2.69 5.76
N ASP A 60 3.30 -2.05 6.63
CA ASP A 60 2.75 -1.29 7.75
C ASP A 60 2.16 0.03 7.27
N ALA A 61 2.75 0.56 6.19
CA ALA A 61 2.31 1.82 5.63
C ALA A 61 0.88 1.73 5.07
N ILE A 62 0.70 0.87 4.08
CA ILE A 62 -0.61 0.70 3.44
C ILE A 62 -1.65 0.14 4.42
N ARG A 63 -1.21 -0.72 5.33
CA ARG A 63 -2.08 -1.36 6.31
C ARG A 63 -3.17 -0.40 6.84
N PRO A 64 -2.78 0.67 7.55
CA PRO A 64 -3.73 1.64 8.10
C PRO A 64 -4.93 1.92 7.19
N LEU A 65 -4.70 1.86 5.89
CA LEU A 65 -5.76 2.08 4.92
C LEU A 65 -6.80 0.99 5.02
N ILE A 66 -6.33 -0.24 4.96
CA ILE A 66 -7.19 -1.42 5.05
C ILE A 66 -8.21 -1.28 6.17
N PRO A 67 -9.50 -1.57 5.89
CA PRO A 67 -10.57 -1.48 6.89
C PRO A 67 -10.19 -2.16 8.20
N LEU A 68 -10.96 -1.88 9.25
CA LEU A 68 -10.71 -2.46 10.56
C LEU A 68 -10.66 -3.98 10.51
N LYS A 69 -11.74 -4.58 10.01
CA LYS A 69 -11.82 -6.04 9.91
C LYS A 69 -10.65 -6.60 9.10
N HIS A 70 -10.44 -6.06 7.90
CA HIS A 70 -9.36 -6.50 7.05
C HIS A 70 -8.01 -6.22 7.71
N GLN A 71 -7.97 -5.17 8.54
CA GLN A 71 -6.74 -4.80 9.24
C GLN A 71 -6.26 -5.97 10.08
N VAL A 72 -7.19 -6.61 10.79
CA VAL A 72 -6.86 -7.74 11.63
C VAL A 72 -6.42 -8.92 10.78
N GLU A 73 -7.22 -9.21 9.75
CA GLU A 73 -6.91 -10.32 8.84
C GLU A 73 -5.61 -10.05 8.09
N TYR A 74 -5.29 -8.77 7.90
CA TYR A 74 -4.08 -8.36 7.20
C TYR A 74 -2.84 -8.69 8.03
N ASP A 75 -2.88 -8.31 9.30
CA ASP A 75 -1.78 -8.56 10.20
C ASP A 75 -1.53 -10.06 10.34
N GLN A 76 -2.60 -10.84 10.39
CA GLN A 76 -2.50 -12.28 10.51
C GLN A 76 -1.77 -12.88 9.31
N LEU A 77 -2.16 -12.46 8.11
CA LEU A 77 -1.54 -12.95 6.89
C LEU A 77 -0.11 -12.46 6.78
N THR A 78 0.14 -11.25 7.25
CA THR A 78 1.47 -10.66 7.20
C THR A 78 2.39 -11.29 8.24
N PRO A 79 3.72 -11.27 8.00
CA PRO A 79 4.69 -11.85 8.92
C PRO A 79 4.73 -11.12 10.26
N ARG A 80 4.04 -11.69 11.25
CA ARG A 80 3.98 -11.09 12.58
C ARG A 80 4.58 -12.03 13.62
N GLY B 1 -12.64 0.95 2.93
CA GLY B 1 -11.80 1.94 3.58
C GLY B 1 -11.98 3.33 2.99
N SER B 2 -11.52 4.34 3.72
CA SER B 2 -11.63 5.73 3.26
C SER B 2 -10.27 6.41 3.28
N LEU B 3 -9.22 5.63 3.05
CA LEU B 3 -7.87 6.16 3.02
C LEU B 3 -7.10 5.68 1.79
N LEU B 4 -7.28 4.41 1.45
CA LEU B 4 -6.60 3.83 0.28
C LEU B 4 -6.82 4.70 -0.95
N LYS B 5 -8.08 4.99 -1.26
CA LYS B 5 -8.42 5.80 -2.42
C LYS B 5 -7.69 7.15 -2.38
N GLU B 6 -7.51 7.68 -1.18
CA GLU B 6 -6.83 8.95 -1.00
C GLU B 6 -5.36 8.85 -1.42
N VAL B 7 -4.74 7.71 -1.12
CA VAL B 7 -3.34 7.50 -1.47
C VAL B 7 -3.17 7.34 -2.97
N LEU B 8 -4.15 6.73 -3.61
CA LEU B 8 -4.10 6.53 -5.07
C LEU B 8 -4.12 7.89 -5.77
N GLU B 9 -5.01 8.76 -5.32
CA GLU B 9 -5.14 10.10 -5.90
C GLU B 9 -3.87 10.91 -5.64
N ASP B 10 -3.28 10.70 -4.47
CA ASP B 10 -2.06 11.41 -4.09
C ASP B 10 -0.93 11.07 -5.05
N TYR B 11 -0.85 9.80 -5.46
CA TYR B 11 0.17 9.34 -6.37
C TYR B 11 -0.07 9.88 -7.77
N LEU B 12 -1.29 9.67 -8.28
CA LEU B 12 -1.66 10.13 -9.61
C LEU B 12 -1.33 11.61 -9.77
N ARG B 13 -1.50 12.38 -8.70
CA ARG B 13 -1.21 13.80 -8.73
C ARG B 13 0.30 14.03 -8.68
N LEU B 14 0.98 13.19 -7.92
CA LEU B 14 2.43 13.28 -7.79
C LEU B 14 3.10 12.85 -9.09
N LYS B 15 2.31 12.26 -10.00
CA LYS B 15 2.84 11.81 -11.28
C LYS B 15 2.98 12.98 -12.25
N LYS B 16 1.89 13.70 -12.45
CA LYS B 16 1.88 14.85 -13.35
C LYS B 16 1.02 15.97 -12.79
N MET A 1 -6.90 13.51 10.82
CA MET A 1 -6.03 12.35 10.54
C MET A 1 -6.49 11.62 9.28
N ASP A 2 -6.58 12.36 8.17
CA ASP A 2 -7.01 11.79 6.90
C ASP A 2 -6.23 12.41 5.74
N ARG A 3 -6.03 11.62 4.68
CA ARG A 3 -5.31 12.07 3.50
C ARG A 3 -3.83 12.28 3.78
N LYS A 4 -3.52 13.13 4.76
CA LYS A 4 -2.14 13.40 5.13
C LYS A 4 -1.43 12.13 5.56
N VAL A 5 -2.16 11.23 6.20
CA VAL A 5 -1.60 9.97 6.66
C VAL A 5 -1.18 9.11 5.48
N ALA A 6 -1.98 9.15 4.42
CA ALA A 6 -1.69 8.38 3.22
C ALA A 6 -0.47 8.92 2.51
N ARG A 7 -0.45 10.22 2.29
CA ARG A 7 0.67 10.88 1.63
C ARG A 7 1.93 10.74 2.47
N GLU A 8 1.75 10.59 3.78
CA GLU A 8 2.89 10.44 4.68
C GLU A 8 3.54 9.09 4.48
N PHE A 9 2.74 8.03 4.47
CA PHE A 9 3.27 6.69 4.27
C PHE A 9 3.74 6.56 2.83
N ARG A 10 2.93 7.08 1.90
CA ARG A 10 3.27 7.06 0.49
C ARG A 10 4.61 7.75 0.27
N HIS A 11 4.79 8.91 0.93
CA HIS A 11 6.04 9.65 0.82
C HIS A 11 7.20 8.77 1.25
N LYS A 12 7.00 8.04 2.35
CA LYS A 12 8.02 7.15 2.87
C LYS A 12 8.38 6.10 1.83
N VAL A 13 7.39 5.68 1.05
CA VAL A 13 7.60 4.70 0.00
C VAL A 13 8.56 5.23 -1.04
N ASP A 14 8.35 6.47 -1.46
CA ASP A 14 9.21 7.10 -2.45
C ASP A 14 10.64 7.12 -1.94
N PHE A 15 10.79 7.39 -0.65
CA PHE A 15 12.11 7.43 -0.02
C PHE A 15 12.72 6.03 0.04
N LEU A 16 11.87 5.02 0.25
CA LEU A 16 12.33 3.64 0.33
C LEU A 16 12.16 2.91 -1.00
N ILE A 17 11.81 3.67 -2.05
CA ILE A 17 11.62 3.10 -3.36
C ILE A 17 11.96 4.13 -4.42
N GLU A 18 13.23 4.45 -4.52
CA GLU A 18 13.72 5.43 -5.47
C GLU A 18 13.38 5.01 -6.90
N ASN A 19 13.37 3.72 -7.15
CA ASN A 19 13.05 3.19 -8.47
C ASN A 19 11.64 3.60 -8.89
N ASP A 20 11.28 3.25 -10.12
CA ASP A 20 9.95 3.59 -10.64
C ASP A 20 9.10 2.33 -10.80
N ALA A 21 9.76 1.20 -11.08
CA ALA A 21 9.06 -0.07 -11.25
C ALA A 21 8.39 -0.50 -9.96
N GLU A 22 9.16 -0.51 -8.88
CA GLU A 22 8.63 -0.89 -7.58
C GLU A 22 7.37 -0.09 -7.31
N LYS A 23 7.36 1.15 -7.78
CA LYS A 23 6.22 2.03 -7.63
C LYS A 23 5.08 1.57 -8.53
N ASP A 24 5.44 1.08 -9.71
CA ASP A 24 4.44 0.59 -10.66
C ASP A 24 3.67 -0.57 -10.06
N TYR A 25 4.39 -1.46 -9.37
CA TYR A 25 3.79 -2.62 -8.74
C TYR A 25 2.86 -2.18 -7.61
N LEU A 26 3.33 -1.23 -6.81
CA LEU A 26 2.55 -0.71 -5.69
C LEU A 26 1.24 -0.13 -6.19
N TYR A 27 1.28 0.53 -7.34
CA TYR A 27 0.09 1.14 -7.92
C TYR A 27 -0.92 0.07 -8.32
N ASP A 28 -0.42 -0.98 -8.96
CA ASP A 28 -1.26 -2.09 -9.40
C ASP A 28 -1.87 -2.82 -8.20
N VAL A 29 -1.08 -2.96 -7.15
CA VAL A 29 -1.54 -3.64 -5.94
C VAL A 29 -2.71 -2.89 -5.31
N LEU A 30 -2.52 -1.59 -5.11
CA LEU A 30 -3.56 -0.75 -4.51
C LEU A 30 -4.79 -0.72 -5.40
N ARG A 31 -4.56 -0.65 -6.72
CA ARG A 31 -5.66 -0.62 -7.67
C ARG A 31 -6.42 -1.94 -7.64
N MET A 32 -5.69 -3.03 -7.54
CA MET A 32 -6.30 -4.37 -7.49
C MET A 32 -7.18 -4.49 -6.26
N TYR A 33 -6.68 -4.03 -5.12
CA TYR A 33 -7.42 -4.09 -3.88
C TYR A 33 -8.76 -3.36 -4.00
N HIS A 34 -8.72 -2.17 -4.60
CA HIS A 34 -9.94 -1.37 -4.77
C HIS A 34 -10.81 -1.94 -5.88
N GLN A 35 -10.19 -2.50 -6.90
CA GLN A 35 -10.93 -3.06 -8.03
C GLN A 35 -11.54 -4.42 -7.70
N THR A 36 -10.71 -5.35 -7.24
CA THR A 36 -11.18 -6.69 -6.90
C THR A 36 -11.78 -6.75 -5.50
N MET A 37 -11.44 -5.77 -4.67
CA MET A 37 -11.96 -5.73 -3.31
C MET A 37 -11.46 -6.94 -2.50
N ASP A 38 -10.31 -7.46 -2.91
CA ASP A 38 -9.72 -8.61 -2.24
C ASP A 38 -8.41 -8.24 -1.55
N VAL A 39 -8.36 -8.44 -0.24
CA VAL A 39 -7.17 -8.13 0.53
C VAL A 39 -6.10 -9.21 0.36
N ALA A 40 -6.51 -10.37 -0.12
CA ALA A 40 -5.58 -11.47 -0.34
C ALA A 40 -4.73 -11.24 -1.58
N VAL A 41 -5.30 -10.52 -2.54
CA VAL A 41 -4.60 -10.24 -3.78
C VAL A 41 -3.52 -9.18 -3.55
N LEU A 42 -3.85 -8.14 -2.80
CA LEU A 42 -2.90 -7.08 -2.51
C LEU A 42 -1.80 -7.59 -1.59
N VAL A 43 -2.16 -8.44 -0.62
CA VAL A 43 -1.18 -8.99 0.30
C VAL A 43 -0.14 -9.81 -0.47
N GLY A 44 -0.61 -10.62 -1.40
CA GLY A 44 0.29 -11.45 -2.18
C GLY A 44 1.28 -10.62 -2.98
N ASP A 45 0.75 -9.74 -3.84
CA ASP A 45 1.60 -8.88 -4.66
C ASP A 45 2.46 -7.97 -3.79
N LEU A 46 1.88 -7.48 -2.70
CA LEU A 46 2.60 -6.61 -1.78
C LEU A 46 3.91 -7.24 -1.34
N LYS A 47 3.85 -8.53 -1.00
CA LYS A 47 5.04 -9.25 -0.58
C LYS A 47 6.11 -9.20 -1.66
N LEU A 48 5.71 -9.50 -2.89
CA LEU A 48 6.61 -9.46 -4.02
C LEU A 48 7.38 -8.15 -4.09
N VAL A 49 6.68 -7.06 -3.78
CA VAL A 49 7.31 -5.74 -3.79
C VAL A 49 7.66 -5.27 -2.37
N ILE A 50 7.46 -6.14 -1.40
CA ILE A 50 7.75 -5.83 -0.01
C ILE A 50 8.42 -7.01 0.70
N ASN A 51 9.11 -7.84 -0.07
CA ASN A 51 9.79 -9.01 0.46
C ASN A 51 11.17 -8.66 1.00
N GLU A 52 11.46 -7.37 1.17
CA GLU A 52 12.76 -6.94 1.68
C GLU A 52 12.58 -6.04 2.89
N PRO A 53 13.52 -6.07 3.85
CA PRO A 53 13.47 -5.24 5.04
C PRO A 53 13.25 -3.78 4.70
N SER A 54 13.90 -3.34 3.62
CA SER A 54 13.77 -1.97 3.15
C SER A 54 12.38 -1.72 2.60
N ARG A 55 11.80 -2.76 2.01
CA ARG A 55 10.47 -2.67 1.43
C ARG A 55 9.38 -3.04 2.44
N LEU A 56 9.79 -3.59 3.57
CA LEU A 56 8.85 -3.98 4.62
C LEU A 56 7.98 -2.81 5.07
N PRO A 57 8.58 -1.63 5.30
CA PRO A 57 7.86 -0.43 5.74
C PRO A 57 6.55 -0.20 4.98
N LEU A 58 6.47 -0.71 3.75
CA LEU A 58 5.26 -0.53 2.95
C LEU A 58 4.12 -1.39 3.47
N PHE A 59 4.46 -2.59 3.95
CA PHE A 59 3.46 -3.51 4.49
C PHE A 59 2.69 -2.87 5.64
N ASP A 60 3.43 -2.24 6.56
CA ASP A 60 2.83 -1.58 7.71
C ASP A 60 2.17 -0.27 7.30
N ALA A 61 2.73 0.36 6.28
CA ALA A 61 2.22 1.63 5.77
C ALA A 61 0.81 1.50 5.19
N ILE A 62 0.70 0.71 4.12
CA ILE A 62 -0.58 0.50 3.44
C ILE A 62 -1.64 -0.09 4.36
N ARG A 63 -1.21 -1.00 5.25
CA ARG A 63 -2.12 -1.67 6.18
C ARG A 63 -3.21 -0.73 6.72
N PRO A 64 -2.83 0.29 7.51
CA PRO A 64 -3.77 1.24 8.10
C PRO A 64 -4.92 1.60 7.17
N LEU A 65 -4.67 1.58 5.87
CA LEU A 65 -5.70 1.90 4.89
C LEU A 65 -6.80 0.86 4.94
N ILE A 66 -6.37 -0.40 4.89
CA ILE A 66 -7.27 -1.53 4.95
C ILE A 66 -8.20 -1.44 6.17
N PRO A 67 -9.50 -1.77 5.99
CA PRO A 67 -10.48 -1.71 7.09
C PRO A 67 -9.98 -2.40 8.35
N LEU A 68 -10.66 -2.15 9.47
CA LEU A 68 -10.28 -2.74 10.75
C LEU A 68 -10.26 -4.26 10.66
N LYS A 69 -11.39 -4.85 10.27
CA LYS A 69 -11.49 -6.29 10.15
C LYS A 69 -10.42 -6.82 9.18
N HIS A 70 -10.41 -6.24 7.98
CA HIS A 70 -9.45 -6.63 6.96
C HIS A 70 -8.02 -6.42 7.46
N GLN A 71 -7.87 -5.44 8.35
CA GLN A 71 -6.56 -5.15 8.92
C GLN A 71 -6.07 -6.32 9.76
N VAL A 72 -6.98 -6.90 10.54
CA VAL A 72 -6.66 -8.04 11.38
C VAL A 72 -6.24 -9.22 10.53
N GLU A 73 -6.96 -9.44 9.44
CA GLU A 73 -6.66 -10.54 8.53
C GLU A 73 -5.31 -10.33 7.88
N TYR A 74 -5.06 -9.11 7.41
CA TYR A 74 -3.80 -8.76 6.77
C TYR A 74 -2.65 -8.98 7.74
N ASP A 75 -2.83 -8.53 8.98
CA ASP A 75 -1.82 -8.68 10.01
C ASP A 75 -1.50 -10.14 10.25
N GLN A 76 -2.54 -10.97 10.38
CA GLN A 76 -2.37 -12.39 10.63
C GLN A 76 -1.74 -13.09 9.41
N LEU A 77 -1.86 -12.49 8.24
CA LEU A 77 -1.33 -13.07 7.01
C LEU A 77 0.15 -12.76 6.81
N THR A 78 0.60 -11.61 7.31
CA THR A 78 2.00 -11.21 7.14
C THR A 78 2.96 -12.26 7.72
N PRO A 79 2.73 -12.69 8.98
CA PRO A 79 3.58 -13.67 9.63
C PRO A 79 3.07 -15.10 9.49
N ARG A 80 3.61 -16.01 10.28
CA ARG A 80 3.21 -17.41 10.24
C ARG A 80 3.17 -17.98 11.65
N GLY B 1 -13.03 4.39 7.18
CA GLY B 1 -13.09 5.32 6.08
C GLY B 1 -12.10 4.98 4.99
N SER B 2 -12.45 5.33 3.75
CA SER B 2 -11.58 5.07 2.60
C SER B 2 -10.27 5.84 2.71
N LEU B 3 -9.17 5.13 2.57
CA LEU B 3 -7.85 5.74 2.65
C LEU B 3 -6.98 5.36 1.45
N LEU B 4 -7.02 4.08 1.09
CA LEU B 4 -6.23 3.59 -0.05
C LEU B 4 -6.50 4.44 -1.29
N LYS B 5 -7.77 4.74 -1.54
CA LYS B 5 -8.15 5.55 -2.69
C LYS B 5 -7.48 6.92 -2.62
N GLU B 6 -7.28 7.42 -1.41
CA GLU B 6 -6.64 8.71 -1.21
C GLU B 6 -5.17 8.64 -1.60
N VAL B 7 -4.55 7.50 -1.31
CA VAL B 7 -3.14 7.30 -1.64
C VAL B 7 -2.93 7.23 -3.14
N LEU B 8 -3.90 6.66 -3.85
CA LEU B 8 -3.82 6.54 -5.30
C LEU B 8 -3.91 7.92 -5.95
N GLU B 9 -4.87 8.72 -5.48
CA GLU B 9 -5.06 10.07 -6.01
C GLU B 9 -3.86 10.95 -5.70
N ASP B 10 -3.32 10.80 -4.50
CA ASP B 10 -2.17 11.58 -4.08
C ASP B 10 -0.96 11.30 -4.97
N TYR B 11 -0.80 10.04 -5.33
CA TYR B 11 0.31 9.63 -6.19
C TYR B 11 0.07 10.07 -7.62
N LEU B 12 -1.13 9.82 -8.12
CA LEU B 12 -1.50 10.18 -9.48
C LEU B 12 -1.18 11.66 -9.75
N ARG B 13 -1.43 12.51 -8.76
CA ARG B 13 -1.16 13.93 -8.88
C ARG B 13 0.33 14.20 -8.74
N LEU B 14 0.97 13.47 -7.85
CA LEU B 14 2.40 13.62 -7.62
C LEU B 14 3.20 13.03 -8.77
N LYS B 15 2.50 12.37 -9.70
CA LYS B 15 3.15 11.75 -10.86
C LYS B 15 3.13 12.70 -12.06
N LYS B 16 1.99 12.79 -12.71
CA LYS B 16 1.84 13.65 -13.88
C LYS B 16 1.98 15.13 -13.49
N MET A 1 -5.54 13.20 10.67
CA MET A 1 -5.02 11.89 10.17
C MET A 1 -6.04 11.20 9.28
N ASP A 2 -6.33 11.81 8.14
CA ASP A 2 -7.29 11.24 7.19
C ASP A 2 -6.67 11.10 5.80
N ARG A 3 -5.96 12.14 5.37
CA ARG A 3 -5.32 12.14 4.06
C ARG A 3 -3.81 12.30 4.19
N LYS A 4 -3.40 13.13 5.14
CA LYS A 4 -1.98 13.38 5.37
C LYS A 4 -1.24 12.08 5.71
N VAL A 5 -1.89 11.22 6.48
CA VAL A 5 -1.31 9.95 6.87
C VAL A 5 -0.92 9.11 5.66
N ALA A 6 -1.80 9.09 4.66
CA ALA A 6 -1.55 8.34 3.44
C ALA A 6 -0.37 8.91 2.69
N ARG A 7 -0.40 10.22 2.46
CA ARG A 7 0.67 10.89 1.75
C ARG A 7 1.98 10.77 2.53
N GLU A 8 1.86 10.63 3.84
CA GLU A 8 3.03 10.52 4.70
C GLU A 8 3.73 9.18 4.48
N PHE A 9 2.94 8.10 4.51
CA PHE A 9 3.50 6.78 4.28
C PHE A 9 3.90 6.64 2.82
N ARG A 10 3.04 7.13 1.93
CA ARG A 10 3.31 7.10 0.50
C ARG A 10 4.61 7.85 0.21
N HIS A 11 4.78 9.00 0.87
CA HIS A 11 5.98 9.80 0.70
C HIS A 11 7.22 9.00 1.06
N LYS A 12 7.16 8.31 2.20
CA LYS A 12 8.28 7.49 2.65
C LYS A 12 8.60 6.40 1.63
N VAL A 13 7.56 5.94 0.93
CA VAL A 13 7.74 4.91 -0.08
C VAL A 13 8.61 5.43 -1.22
N ASP A 14 8.29 6.62 -1.70
CA ASP A 14 9.06 7.24 -2.78
C ASP A 14 10.52 7.36 -2.36
N PHE A 15 10.74 7.75 -1.11
CA PHE A 15 12.08 7.90 -0.57
C PHE A 15 12.75 6.52 -0.42
N LEU A 16 11.94 5.53 -0.07
CA LEU A 16 12.44 4.18 0.11
C LEU A 16 12.31 3.35 -1.17
N ILE A 17 11.91 4.00 -2.26
CA ILE A 17 11.75 3.34 -3.54
C ILE A 17 12.20 4.26 -4.65
N GLU A 18 13.49 4.52 -4.67
CA GLU A 18 14.10 5.39 -5.67
C GLU A 18 13.71 4.96 -7.08
N ASN A 19 13.50 3.66 -7.26
CA ASN A 19 13.13 3.11 -8.56
C ASN A 19 11.70 3.52 -8.90
N ASP A 20 11.30 3.25 -10.14
CA ASP A 20 9.95 3.58 -10.60
C ASP A 20 9.10 2.32 -10.74
N ALA A 21 9.75 1.20 -11.06
CA ALA A 21 9.04 -0.06 -11.22
C ALA A 21 8.35 -0.48 -9.93
N GLU A 22 9.12 -0.46 -8.83
CA GLU A 22 8.57 -0.81 -7.53
C GLU A 22 7.31 -0.02 -7.28
N LYS A 23 7.30 1.21 -7.79
CA LYS A 23 6.13 2.08 -7.65
C LYS A 23 5.01 1.59 -8.54
N ASP A 24 5.38 1.07 -9.71
CA ASP A 24 4.40 0.55 -10.66
C ASP A 24 3.64 -0.63 -10.04
N TYR A 25 4.37 -1.50 -9.36
CA TYR A 25 3.77 -2.65 -8.71
C TYR A 25 2.84 -2.21 -7.59
N LEU A 26 3.29 -1.25 -6.80
CA LEU A 26 2.48 -0.72 -5.70
C LEU A 26 1.18 -0.14 -6.22
N TYR A 27 1.25 0.50 -7.38
CA TYR A 27 0.06 1.10 -7.99
C TYR A 27 -0.97 0.03 -8.34
N ASP A 28 -0.50 -1.02 -9.00
CA ASP A 28 -1.38 -2.11 -9.41
C ASP A 28 -2.05 -2.75 -8.19
N VAL A 29 -1.29 -2.87 -7.09
CA VAL A 29 -1.81 -3.45 -5.87
C VAL A 29 -2.98 -2.65 -5.34
N LEU A 30 -2.78 -1.34 -5.19
CA LEU A 30 -3.82 -0.45 -4.70
C LEU A 30 -5.02 -0.49 -5.63
N ARG A 31 -4.76 -0.48 -6.94
CA ARG A 31 -5.83 -0.54 -7.93
C ARG A 31 -6.68 -1.79 -7.72
N MET A 32 -6.03 -2.87 -7.33
CA MET A 32 -6.73 -4.13 -7.07
C MET A 32 -7.69 -3.96 -5.90
N TYR A 33 -7.20 -3.38 -4.81
CA TYR A 33 -8.02 -3.15 -3.63
C TYR A 33 -9.30 -2.40 -3.98
N HIS A 34 -9.17 -1.43 -4.88
CA HIS A 34 -10.32 -0.63 -5.30
C HIS A 34 -11.25 -1.40 -6.23
N GLN A 35 -10.67 -2.07 -7.21
CA GLN A 35 -11.44 -2.83 -8.20
C GLN A 35 -11.94 -4.17 -7.66
N THR A 36 -11.04 -4.98 -7.12
CA THR A 36 -11.42 -6.30 -6.61
C THR A 36 -11.75 -6.28 -5.11
N MET A 37 -11.11 -5.40 -4.37
CA MET A 37 -11.34 -5.29 -2.93
C MET A 37 -10.93 -6.58 -2.23
N ASP A 38 -9.92 -7.24 -2.77
CA ASP A 38 -9.43 -8.48 -2.19
C ASP A 38 -8.10 -8.25 -1.47
N VAL A 39 -8.09 -8.50 -0.16
CA VAL A 39 -6.88 -8.30 0.63
C VAL A 39 -5.89 -9.45 0.43
N ALA A 40 -6.36 -10.55 -0.15
CA ALA A 40 -5.51 -11.70 -0.39
C ALA A 40 -4.59 -11.44 -1.57
N VAL A 41 -5.09 -10.69 -2.54
CA VAL A 41 -4.32 -10.37 -3.72
C VAL A 41 -3.25 -9.33 -3.37
N LEU A 42 -3.62 -8.40 -2.50
CA LEU A 42 -2.71 -7.35 -2.06
C LEU A 42 -1.53 -7.95 -1.27
N VAL A 43 -1.83 -8.88 -0.37
CA VAL A 43 -0.80 -9.50 0.44
C VAL A 43 0.29 -10.11 -0.44
N GLY A 44 -0.12 -10.79 -1.50
CA GLY A 44 0.84 -11.41 -2.40
C GLY A 44 1.71 -10.40 -3.12
N ASP A 45 1.06 -9.47 -3.83
CA ASP A 45 1.78 -8.44 -4.58
C ASP A 45 2.65 -7.60 -3.65
N LEU A 46 2.05 -7.07 -2.59
CA LEU A 46 2.77 -6.25 -1.63
C LEU A 46 4.05 -6.94 -1.16
N LYS A 47 3.94 -8.22 -0.85
CA LYS A 47 5.10 -8.99 -0.40
C LYS A 47 6.22 -8.95 -1.44
N LEU A 48 5.85 -9.21 -2.68
CA LEU A 48 6.81 -9.20 -3.78
C LEU A 48 7.58 -7.88 -3.84
N VAL A 49 6.88 -6.79 -3.55
CA VAL A 49 7.50 -5.47 -3.56
C VAL A 49 7.82 -5.00 -2.13
N ILE A 50 7.57 -5.87 -1.15
CA ILE A 50 7.84 -5.54 0.24
C ILE A 50 8.44 -6.74 0.98
N ASN A 51 9.13 -7.58 0.24
CA ASN A 51 9.75 -8.76 0.81
C ASN A 51 11.17 -8.47 1.32
N GLU A 52 11.50 -7.19 1.50
CA GLU A 52 12.82 -6.81 1.98
C GLU A 52 12.72 -5.85 3.15
N PRO A 53 13.61 -5.98 4.15
CA PRO A 53 13.60 -5.12 5.34
C PRO A 53 13.43 -3.64 4.95
N SER A 54 14.08 -3.25 3.87
CA SER A 54 14.00 -1.88 3.38
C SER A 54 12.61 -1.58 2.83
N ARG A 55 11.99 -2.59 2.22
CA ARG A 55 10.66 -2.43 1.65
C ARG A 55 9.56 -2.80 2.65
N LEU A 56 9.95 -3.39 3.77
CA LEU A 56 9.01 -3.79 4.80
C LEU A 56 8.13 -2.62 5.26
N PRO A 57 8.74 -1.45 5.52
CA PRO A 57 8.01 -0.26 5.98
C PRO A 57 6.73 0.01 5.17
N LEU A 58 6.69 -0.45 3.93
CA LEU A 58 5.51 -0.23 3.09
C LEU A 58 4.36 -1.13 3.52
N PHE A 59 4.68 -2.33 3.99
CA PHE A 59 3.67 -3.28 4.44
C PHE A 59 2.85 -2.71 5.59
N ASP A 60 3.53 -2.20 6.60
CA ASP A 60 2.87 -1.62 7.77
C ASP A 60 2.30 -0.25 7.44
N ALA A 61 2.97 0.46 6.53
CA ALA A 61 2.56 1.79 6.12
C ALA A 61 1.16 1.80 5.50
N ILE A 62 0.96 0.95 4.50
CA ILE A 62 -0.33 0.87 3.82
C ILE A 62 -1.43 0.32 4.74
N ARG A 63 -1.04 -0.62 5.59
CA ARG A 63 -1.98 -1.27 6.53
C ARG A 63 -3.03 -0.29 7.06
N PRO A 64 -2.60 0.78 7.75
CA PRO A 64 -3.50 1.80 8.32
C PRO A 64 -4.74 2.07 7.46
N LEU A 65 -4.57 1.98 6.14
CA LEU A 65 -5.67 2.19 5.22
C LEU A 65 -6.71 1.11 5.41
N ILE A 66 -6.25 -0.14 5.32
CA ILE A 66 -7.09 -1.31 5.49
C ILE A 66 -7.98 -1.16 6.73
N PRO A 67 -9.27 -1.54 6.61
CA PRO A 67 -10.22 -1.46 7.73
C PRO A 67 -9.88 -2.44 8.84
N LEU A 68 -10.47 -2.25 10.02
CA LEU A 68 -10.23 -3.12 11.16
C LEU A 68 -10.39 -4.58 10.79
N LYS A 69 -11.50 -4.92 10.15
CA LYS A 69 -11.77 -6.28 9.74
C LYS A 69 -10.66 -6.82 8.85
N HIS A 70 -10.42 -6.13 7.73
CA HIS A 70 -9.38 -6.54 6.80
C HIS A 70 -8.02 -6.46 7.47
N GLN A 71 -7.90 -5.61 8.49
CA GLN A 71 -6.64 -5.47 9.22
C GLN A 71 -6.29 -6.78 9.91
N VAL A 72 -7.30 -7.41 10.51
CA VAL A 72 -7.11 -8.67 11.19
C VAL A 72 -6.76 -9.77 10.21
N GLU A 73 -7.49 -9.81 9.10
CA GLU A 73 -7.26 -10.80 8.05
C GLU A 73 -5.91 -10.56 7.39
N TYR A 74 -5.54 -9.29 7.29
CA TYR A 74 -4.27 -8.91 6.67
C TYR A 74 -3.11 -9.43 7.50
N ASP A 75 -3.26 -9.36 8.82
CA ASP A 75 -2.22 -9.84 9.73
C ASP A 75 -2.08 -11.34 9.66
N GLN A 76 -3.21 -12.04 9.59
CA GLN A 76 -3.22 -13.50 9.51
C GLN A 76 -2.62 -13.98 8.19
N LEU A 77 -2.74 -13.16 7.15
CA LEU A 77 -2.22 -13.51 5.83
C LEU A 77 -0.75 -13.15 5.67
N THR A 78 -0.29 -12.16 6.42
CA THR A 78 1.10 -11.73 6.33
C THR A 78 2.08 -12.89 6.58
N PRO A 79 1.85 -13.74 7.60
CA PRO A 79 2.75 -14.87 7.89
C PRO A 79 2.87 -15.82 6.71
N ARG A 80 3.89 -16.68 6.74
CA ARG A 80 4.12 -17.65 5.68
C ARG A 80 4.35 -19.04 6.25
N GLY B 1 -11.73 1.06 3.43
CA GLY B 1 -11.51 2.44 3.87
C GLY B 1 -11.38 3.40 2.70
N SER B 2 -11.42 4.70 3.00
CA SER B 2 -11.32 5.72 1.96
C SER B 2 -9.86 6.13 1.75
N LEU B 3 -9.04 5.96 2.79
CA LEU B 3 -7.63 6.32 2.71
C LEU B 3 -6.94 5.61 1.56
N LEU B 4 -7.45 4.43 1.21
CA LEU B 4 -6.88 3.65 0.12
C LEU B 4 -6.87 4.45 -1.18
N LYS B 5 -8.03 4.99 -1.54
CA LYS B 5 -8.17 5.79 -2.76
C LYS B 5 -7.30 7.04 -2.69
N GLU B 6 -7.12 7.56 -1.48
CA GLU B 6 -6.33 8.76 -1.28
C GLU B 6 -4.87 8.52 -1.64
N VAL B 7 -4.33 7.39 -1.20
CA VAL B 7 -2.94 7.05 -1.48
C VAL B 7 -2.72 6.82 -2.97
N LEU B 8 -3.51 5.92 -3.55
CA LEU B 8 -3.40 5.61 -4.97
C LEU B 8 -3.68 6.84 -5.82
N GLU B 9 -4.57 7.71 -5.32
CA GLU B 9 -4.92 8.93 -6.03
C GLU B 9 -3.80 9.95 -5.94
N ASP B 10 -3.19 10.04 -4.75
CA ASP B 10 -2.10 10.98 -4.53
C ASP B 10 -0.93 10.67 -5.44
N TYR B 11 -0.70 9.39 -5.69
CA TYR B 11 0.39 8.96 -6.56
C TYR B 11 0.05 9.23 -8.02
N LEU B 12 -1.13 8.79 -8.43
CA LEU B 12 -1.59 8.99 -9.80
C LEU B 12 -1.46 10.46 -10.19
N ARG B 13 -1.74 11.33 -9.24
CA ARG B 13 -1.64 12.77 -9.48
C ARG B 13 -0.19 13.20 -9.46
N LEU B 14 0.59 12.58 -8.60
CA LEU B 14 2.01 12.89 -8.49
C LEU B 14 2.71 12.53 -9.80
N LYS B 15 2.05 11.71 -10.62
CA LYS B 15 2.62 11.29 -11.90
C LYS B 15 2.03 12.10 -13.05
N LYS B 16 0.73 12.37 -12.96
CA LYS B 16 0.03 13.14 -13.98
C LYS B 16 0.18 14.63 -13.74
N MET A 1 -9.98 8.62 7.31
CA MET A 1 -10.30 9.89 6.60
C MET A 1 -9.14 10.87 6.68
N ASP A 2 -7.92 10.34 6.75
CA ASP A 2 -6.73 11.17 6.82
C ASP A 2 -6.05 11.27 5.46
N ARG A 3 -5.61 12.48 5.12
CA ARG A 3 -4.94 12.72 3.84
C ARG A 3 -3.45 12.90 4.03
N LYS A 4 -3.07 13.52 5.14
CA LYS A 4 -1.66 13.75 5.44
C LYS A 4 -0.96 12.45 5.80
N VAL A 5 -1.69 11.55 6.44
CA VAL A 5 -1.13 10.26 6.84
C VAL A 5 -0.82 9.42 5.61
N ALA A 6 -1.65 9.54 4.59
CA ALA A 6 -1.46 8.80 3.35
C ALA A 6 -0.23 9.30 2.60
N ARG A 7 -0.16 10.60 2.40
CA ARG A 7 0.96 11.20 1.71
C ARG A 7 2.25 10.99 2.50
N GLU A 8 2.10 10.85 3.81
CA GLU A 8 3.26 10.64 4.67
C GLU A 8 3.84 9.26 4.44
N PHE A 9 2.97 8.24 4.47
CA PHE A 9 3.42 6.88 4.25
C PHE A 9 3.84 6.72 2.79
N ARG A 10 3.03 7.26 1.89
CA ARG A 10 3.33 7.20 0.46
C ARG A 10 4.66 7.87 0.20
N HIS A 11 4.91 9.00 0.88
CA HIS A 11 6.16 9.72 0.72
C HIS A 11 7.33 8.82 1.11
N LYS A 12 7.15 8.08 2.20
CA LYS A 12 8.17 7.16 2.67
C LYS A 12 8.47 6.12 1.61
N VAL A 13 7.43 5.68 0.91
CA VAL A 13 7.58 4.68 -0.15
C VAL A 13 8.52 5.19 -1.23
N ASP A 14 8.28 6.41 -1.69
CA ASP A 14 9.11 7.01 -2.72
C ASP A 14 10.57 7.06 -2.25
N PHE A 15 10.76 7.35 -0.97
CA PHE A 15 12.09 7.42 -0.38
C PHE A 15 12.71 6.02 -0.31
N LEU A 16 11.86 5.03 -0.11
CA LEU A 16 12.33 3.64 -0.02
C LEU A 16 12.11 2.89 -1.33
N ILE A 17 11.71 3.61 -2.39
CA ILE A 17 11.48 3.01 -3.67
C ILE A 17 11.85 3.99 -4.77
N GLU A 18 13.13 4.25 -4.88
CA GLU A 18 13.66 5.17 -5.89
C GLU A 18 13.29 4.71 -7.29
N ASN A 19 13.23 3.40 -7.48
CA ASN A 19 12.88 2.83 -8.77
C ASN A 19 11.39 3.03 -9.07
N ASP A 20 11.08 3.36 -10.32
CA ASP A 20 9.70 3.58 -10.73
C ASP A 20 8.96 2.25 -10.90
N ALA A 21 9.70 1.20 -11.23
CA ALA A 21 9.11 -0.12 -11.41
C ALA A 21 8.44 -0.59 -10.13
N GLU A 22 9.19 -0.57 -9.04
CA GLU A 22 8.64 -0.97 -7.75
C GLU A 22 7.33 -0.24 -7.51
N LYS A 23 7.27 1.00 -7.97
CA LYS A 23 6.08 1.81 -7.84
C LYS A 23 4.99 1.30 -8.77
N ASP A 24 5.42 0.81 -9.94
CA ASP A 24 4.47 0.27 -10.91
C ASP A 24 3.72 -0.92 -10.32
N TYR A 25 4.45 -1.77 -9.61
CA TYR A 25 3.85 -2.94 -8.99
C TYR A 25 2.91 -2.52 -7.86
N LEU A 26 3.35 -1.53 -7.08
CA LEU A 26 2.54 -1.03 -5.97
C LEU A 26 1.24 -0.41 -6.49
N TYR A 27 1.35 0.29 -7.61
CA TYR A 27 0.18 0.94 -8.23
C TYR A 27 -0.85 -0.11 -8.64
N ASP A 28 -0.38 -1.19 -9.25
CA ASP A 28 -1.25 -2.27 -9.70
C ASP A 28 -1.93 -2.92 -8.51
N VAL A 29 -1.15 -3.19 -7.46
CA VAL A 29 -1.67 -3.82 -6.26
C VAL A 29 -2.78 -2.97 -5.64
N LEU A 30 -2.52 -1.67 -5.53
CA LEU A 30 -3.49 -0.74 -4.97
C LEU A 30 -4.78 -0.76 -5.78
N ARG A 31 -4.63 -0.74 -7.11
CA ARG A 31 -5.78 -0.77 -8.00
C ARG A 31 -6.63 -2.00 -7.75
N MET A 32 -5.98 -3.11 -7.43
CA MET A 32 -6.68 -4.35 -7.15
C MET A 32 -7.55 -4.19 -5.91
N TYR A 33 -6.97 -3.65 -4.84
CA TYR A 33 -7.71 -3.44 -3.60
C TYR A 33 -8.99 -2.64 -3.86
N HIS A 34 -8.89 -1.61 -4.69
CA HIS A 34 -10.04 -0.77 -5.01
C HIS A 34 -11.00 -1.47 -5.95
N GLN A 35 -10.46 -2.10 -6.99
CA GLN A 35 -11.28 -2.78 -7.99
C GLN A 35 -11.80 -4.14 -7.50
N THR A 36 -10.89 -5.00 -7.07
CA THR A 36 -11.28 -6.34 -6.60
C THR A 36 -11.52 -6.37 -5.10
N MET A 37 -10.64 -5.72 -4.34
CA MET A 37 -10.76 -5.69 -2.89
C MET A 37 -10.35 -7.03 -2.28
N ASP A 38 -9.40 -7.69 -2.92
CA ASP A 38 -8.91 -8.98 -2.45
C ASP A 38 -7.62 -8.81 -1.64
N VAL A 39 -7.68 -9.14 -0.36
CA VAL A 39 -6.53 -9.01 0.51
C VAL A 39 -5.55 -10.17 0.32
N ALA A 40 -6.01 -11.24 -0.30
CA ALA A 40 -5.17 -12.41 -0.54
C ALA A 40 -4.24 -12.15 -1.71
N VAL A 41 -4.75 -11.47 -2.72
CA VAL A 41 -3.97 -11.14 -3.89
C VAL A 41 -2.96 -10.04 -3.58
N LEU A 42 -3.37 -9.13 -2.68
CA LEU A 42 -2.51 -8.03 -2.28
C LEU A 42 -1.34 -8.53 -1.44
N VAL A 43 -1.61 -9.47 -0.54
CA VAL A 43 -0.57 -10.02 0.32
C VAL A 43 0.52 -10.67 -0.53
N GLY A 44 0.12 -11.37 -1.58
CA GLY A 44 1.07 -12.02 -2.45
C GLY A 44 1.96 -11.04 -3.19
N ASP A 45 1.34 -10.14 -3.93
CA ASP A 45 2.09 -9.13 -4.69
C ASP A 45 2.87 -8.21 -3.76
N LEU A 46 2.19 -7.70 -2.73
CA LEU A 46 2.81 -6.81 -1.76
C LEU A 46 4.10 -7.40 -1.23
N LYS A 47 4.07 -8.70 -0.95
CA LYS A 47 5.25 -9.39 -0.44
C LYS A 47 6.38 -9.34 -1.46
N LEU A 48 6.05 -9.60 -2.72
CA LEU A 48 7.03 -9.58 -3.80
C LEU A 48 7.76 -8.24 -3.84
N VAL A 49 7.04 -7.17 -3.55
CA VAL A 49 7.63 -5.83 -3.55
C VAL A 49 7.92 -5.35 -2.12
N ILE A 50 7.59 -6.18 -1.14
CA ILE A 50 7.82 -5.84 0.26
C ILE A 50 8.40 -7.02 1.03
N ASN A 51 9.14 -7.87 0.33
CA ASN A 51 9.76 -9.05 0.96
C ASN A 51 11.14 -8.73 1.52
N GLU A 52 11.46 -7.44 1.67
CA GLU A 52 12.75 -7.04 2.21
C GLU A 52 12.57 -6.02 3.33
N PRO A 53 13.43 -6.08 4.38
CA PRO A 53 13.35 -5.16 5.50
C PRO A 53 13.20 -3.71 5.04
N SER A 54 13.91 -3.37 3.97
CA SER A 54 13.85 -2.01 3.41
C SER A 54 12.49 -1.76 2.77
N ARG A 55 11.91 -2.82 2.21
CA ARG A 55 10.61 -2.71 1.55
C ARG A 55 9.47 -2.98 2.54
N LEU A 56 9.80 -3.49 3.71
CA LEU A 56 8.81 -3.79 4.74
C LEU A 56 7.93 -2.57 5.06
N PRO A 57 8.55 -1.40 5.24
CA PRO A 57 7.81 -0.16 5.56
C PRO A 57 6.54 0.03 4.74
N LEU A 58 6.51 -0.53 3.52
CA LEU A 58 5.35 -0.39 2.66
C LEU A 58 4.19 -1.26 3.15
N PHE A 59 4.52 -2.41 3.72
CA PHE A 59 3.50 -3.33 4.23
C PHE A 59 2.77 -2.71 5.42
N ASP A 60 3.54 -2.14 6.34
CA ASP A 60 2.96 -1.51 7.53
C ASP A 60 2.34 -0.17 7.19
N ALA A 61 2.90 0.50 6.18
CA ALA A 61 2.41 1.80 5.75
C ALA A 61 0.98 1.72 5.23
N ILE A 62 0.79 0.97 4.15
CA ILE A 62 -0.53 0.81 3.53
C ILE A 62 -1.52 0.14 4.49
N ARG A 63 -0.99 -0.73 5.35
CA ARG A 63 -1.81 -1.47 6.31
C ARG A 63 -2.94 -0.64 6.93
N PRO A 64 -2.61 0.46 7.64
CA PRO A 64 -3.62 1.31 8.30
C PRO A 64 -4.77 1.69 7.38
N LEU A 65 -4.53 1.70 6.08
CA LEU A 65 -5.57 2.04 5.11
C LEU A 65 -6.64 0.98 5.15
N ILE A 66 -6.21 -0.27 5.15
CA ILE A 66 -7.08 -1.41 5.19
C ILE A 66 -8.12 -1.28 6.32
N PRO A 67 -9.40 -1.62 6.03
CA PRO A 67 -10.47 -1.53 7.03
C PRO A 67 -10.23 -2.45 8.22
N LEU A 68 -10.98 -2.23 9.29
CA LEU A 68 -10.84 -3.03 10.51
C LEU A 68 -10.91 -4.53 10.20
N LYS A 69 -11.93 -4.93 9.45
CA LYS A 69 -12.10 -6.34 9.09
C LYS A 69 -10.86 -6.87 8.38
N HIS A 70 -10.55 -6.27 7.23
CA HIS A 70 -9.39 -6.66 6.45
C HIS A 70 -8.11 -6.47 7.27
N GLN A 71 -8.15 -5.55 8.22
CA GLN A 71 -7.01 -5.28 9.07
C GLN A 71 -6.65 -6.54 9.86
N VAL A 72 -7.67 -7.16 10.44
CA VAL A 72 -7.47 -8.38 11.20
C VAL A 72 -6.93 -9.48 10.31
N GLU A 73 -7.53 -9.60 9.13
CA GLU A 73 -7.10 -10.59 8.16
C GLU A 73 -5.69 -10.27 7.66
N TYR A 74 -5.36 -8.98 7.61
CA TYR A 74 -4.06 -8.53 7.16
C TYR A 74 -2.96 -9.04 8.09
N ASP A 75 -3.19 -8.90 9.39
CA ASP A 75 -2.24 -9.36 10.40
C ASP A 75 -2.07 -10.87 10.34
N GLN A 76 -3.19 -11.57 10.18
CA GLN A 76 -3.17 -13.03 10.11
C GLN A 76 -2.31 -13.49 8.93
N LEU A 77 -2.35 -12.74 7.85
CA LEU A 77 -1.58 -13.09 6.66
C LEU A 77 -0.16 -12.53 6.75
N THR A 78 -0.02 -11.38 7.40
CA THR A 78 1.29 -10.75 7.56
C THR A 78 1.97 -11.23 8.83
N PRO A 79 3.08 -11.99 8.71
CA PRO A 79 3.82 -12.52 9.86
C PRO A 79 4.22 -11.41 10.83
N ARG A 80 3.76 -11.53 12.08
CA ARG A 80 4.06 -10.55 13.10
C ARG A 80 3.95 -11.16 14.50
N GLY B 1 -15.31 2.47 2.83
CA GLY B 1 -14.00 2.50 2.21
C GLY B 1 -13.44 3.91 2.10
N SER B 2 -12.18 4.07 2.52
CA SER B 2 -11.53 5.38 2.47
C SER B 2 -10.03 5.24 2.71
N LEU B 3 -9.34 6.38 2.81
CA LEU B 3 -7.90 6.40 3.03
C LEU B 3 -7.15 5.88 1.81
N LEU B 4 -7.40 4.63 1.44
CA LEU B 4 -6.74 4.02 0.29
C LEU B 4 -6.91 4.88 -0.96
N LYS B 5 -8.16 5.23 -1.27
CA LYS B 5 -8.47 6.06 -2.43
C LYS B 5 -7.71 7.39 -2.37
N GLU B 6 -7.48 7.87 -1.15
CA GLU B 6 -6.77 9.13 -0.95
C GLU B 6 -5.32 9.00 -1.37
N VAL B 7 -4.71 7.85 -1.09
CA VAL B 7 -3.31 7.62 -1.43
C VAL B 7 -3.13 7.44 -2.94
N LEU B 8 -4.12 6.85 -3.59
CA LEU B 8 -4.06 6.64 -5.03
C LEU B 8 -4.12 7.97 -5.77
N GLU B 9 -5.06 8.82 -5.34
CA GLU B 9 -5.24 10.13 -5.95
C GLU B 9 -4.10 11.07 -5.55
N ASP B 10 -3.62 10.90 -4.32
CA ASP B 10 -2.54 11.74 -3.80
C ASP B 10 -1.30 11.63 -4.69
N TYR B 11 -0.91 10.39 -4.97
CA TYR B 11 0.26 10.13 -5.80
C TYR B 11 -0.05 10.40 -7.27
N LEU B 12 -1.21 9.92 -7.72
CA LEU B 12 -1.65 10.10 -9.09
C LEU B 12 -1.56 11.56 -9.51
N ARG B 13 -1.97 12.45 -8.62
CA ARG B 13 -1.93 13.87 -8.88
C ARG B 13 -0.52 14.42 -8.74
N LEU B 14 0.19 13.96 -7.72
CA LEU B 14 1.55 14.40 -7.49
C LEU B 14 2.42 14.10 -8.70
N LYS B 15 1.97 13.16 -9.55
CA LYS B 15 2.72 12.82 -10.75
C LYS B 15 2.13 13.47 -11.99
N LYS B 16 0.85 13.84 -11.91
CA LYS B 16 0.17 14.48 -13.04
C LYS B 16 0.58 15.94 -13.14
N MET A 1 -8.40 15.65 9.23
CA MET A 1 -8.69 14.40 8.48
C MET A 1 -7.54 13.39 8.62
N ASP A 2 -7.72 12.22 8.02
CA ASP A 2 -6.71 11.18 8.08
C ASP A 2 -6.04 10.98 6.72
N ARG A 3 -5.95 12.05 5.95
CA ARG A 3 -5.35 12.00 4.62
C ARG A 3 -3.84 12.12 4.70
N LYS A 4 -3.36 12.86 5.71
CA LYS A 4 -1.93 13.06 5.91
C LYS A 4 -1.22 11.73 6.11
N VAL A 5 -1.90 10.77 6.73
CA VAL A 5 -1.34 9.45 6.98
C VAL A 5 -1.00 8.74 5.67
N ALA A 6 -1.87 8.90 4.68
CA ALA A 6 -1.67 8.28 3.39
C ALA A 6 -0.47 8.88 2.67
N ARG A 7 -0.45 10.21 2.58
CA ARG A 7 0.65 10.90 1.92
C ARG A 7 1.92 10.71 2.73
N GLU A 8 1.78 10.50 4.03
CA GLU A 8 2.94 10.30 4.89
C GLU A 8 3.57 8.94 4.63
N PHE A 9 2.74 7.90 4.59
CA PHE A 9 3.24 6.57 4.33
C PHE A 9 3.68 6.48 2.88
N ARG A 10 2.86 7.03 1.98
CA ARG A 10 3.19 7.04 0.56
C ARG A 10 4.50 7.77 0.33
N HIS A 11 4.69 8.88 1.05
CA HIS A 11 5.90 9.67 0.94
C HIS A 11 7.10 8.80 1.29
N LYS A 12 6.96 8.01 2.35
CA LYS A 12 8.02 7.12 2.79
C LYS A 12 8.35 6.11 1.69
N VAL A 13 7.32 5.69 0.95
CA VAL A 13 7.49 4.75 -0.14
C VAL A 13 8.43 5.32 -1.20
N ASP A 14 8.16 6.55 -1.60
CA ASP A 14 8.98 7.22 -2.61
C ASP A 14 10.44 7.28 -2.14
N PHE A 15 10.62 7.56 -0.86
CA PHE A 15 11.96 7.64 -0.29
C PHE A 15 12.59 6.25 -0.21
N LEU A 16 11.75 5.23 -0.02
CA LEU A 16 12.23 3.85 0.07
C LEU A 16 12.07 3.12 -1.27
N ILE A 17 11.69 3.85 -2.31
CA ILE A 17 11.50 3.28 -3.62
C ILE A 17 11.88 4.30 -4.68
N GLU A 18 13.17 4.59 -4.75
CA GLU A 18 13.70 5.54 -5.71
C GLU A 18 13.32 5.16 -7.14
N ASN A 19 13.25 3.85 -7.37
CA ASN A 19 12.89 3.34 -8.70
C ASN A 19 11.42 3.59 -9.00
N ASP A 20 11.07 3.58 -10.27
CA ASP A 20 9.70 3.81 -10.70
C ASP A 20 8.94 2.49 -10.85
N ALA A 21 9.67 1.43 -11.20
CA ALA A 21 9.07 0.12 -11.38
C ALA A 21 8.40 -0.36 -10.11
N GLU A 22 9.14 -0.34 -9.01
CA GLU A 22 8.60 -0.74 -7.73
C GLU A 22 7.30 0.00 -7.46
N LYS A 23 7.25 1.24 -7.93
CA LYS A 23 6.05 2.07 -7.80
C LYS A 23 4.97 1.57 -8.74
N ASP A 24 5.38 1.08 -9.90
CA ASP A 24 4.44 0.57 -10.89
C ASP A 24 3.73 -0.66 -10.34
N TYR A 25 4.50 -1.56 -9.74
CA TYR A 25 3.94 -2.77 -9.16
C TYR A 25 3.01 -2.43 -8.01
N LEU A 26 3.41 -1.46 -7.20
CA LEU A 26 2.61 -1.02 -6.07
C LEU A 26 1.29 -0.43 -6.54
N TYR A 27 1.35 0.33 -7.63
CA TYR A 27 0.15 0.95 -8.19
C TYR A 27 -0.86 -0.12 -8.61
N ASP A 28 -0.36 -1.17 -9.24
CA ASP A 28 -1.22 -2.27 -9.68
C ASP A 28 -1.83 -2.99 -8.48
N VAL A 29 -1.05 -3.09 -7.41
CA VAL A 29 -1.52 -3.75 -6.20
C VAL A 29 -2.66 -2.96 -5.56
N LEU A 30 -2.49 -1.66 -5.48
CA LEU A 30 -3.50 -0.78 -4.90
C LEU A 30 -4.76 -0.78 -5.76
N ARG A 31 -4.58 -0.71 -7.07
CA ARG A 31 -5.70 -0.72 -8.00
C ARG A 31 -6.46 -2.04 -7.91
N MET A 32 -5.74 -3.11 -7.61
CA MET A 32 -6.33 -4.42 -7.48
C MET A 32 -7.23 -4.48 -6.25
N TYR A 33 -6.70 -4.08 -5.10
CA TYR A 33 -7.46 -4.09 -3.86
C TYR A 33 -8.72 -3.23 -3.99
N HIS A 34 -8.63 -2.15 -4.76
CA HIS A 34 -9.75 -1.26 -4.96
C HIS A 34 -10.79 -1.88 -5.89
N GLN A 35 -10.31 -2.52 -6.95
CA GLN A 35 -11.18 -3.15 -7.93
C GLN A 35 -11.75 -4.48 -7.43
N THR A 36 -10.87 -5.40 -7.04
CA THR A 36 -11.30 -6.73 -6.58
C THR A 36 -11.74 -6.71 -5.12
N MET A 37 -11.19 -5.80 -4.33
CA MET A 37 -11.54 -5.71 -2.91
C MET A 37 -11.13 -6.98 -2.17
N ASP A 38 -9.99 -7.55 -2.58
CA ASP A 38 -9.48 -8.76 -1.98
C ASP A 38 -8.11 -8.52 -1.35
N VAL A 39 -8.00 -8.83 -0.06
CA VAL A 39 -6.75 -8.64 0.67
C VAL A 39 -5.75 -9.75 0.36
N ALA A 40 -6.20 -10.77 -0.38
CA ALA A 40 -5.34 -11.88 -0.75
C ALA A 40 -4.43 -11.49 -1.89
N VAL A 41 -4.97 -10.72 -2.83
CA VAL A 41 -4.19 -10.25 -3.95
C VAL A 41 -3.15 -9.24 -3.50
N LEU A 42 -3.52 -8.46 -2.48
CA LEU A 42 -2.63 -7.45 -1.94
C LEU A 42 -1.43 -8.09 -1.25
N VAL A 43 -1.69 -9.07 -0.39
CA VAL A 43 -0.64 -9.76 0.34
C VAL A 43 0.35 -10.42 -0.62
N GLY A 44 -0.17 -11.06 -1.66
CA GLY A 44 0.68 -11.73 -2.63
C GLY A 44 1.62 -10.78 -3.33
N ASP A 45 1.07 -9.77 -4.01
CA ASP A 45 1.88 -8.80 -4.73
C ASP A 45 2.73 -7.96 -3.78
N LEU A 46 2.14 -7.57 -2.65
CA LEU A 46 2.85 -6.77 -1.67
C LEU A 46 4.18 -7.40 -1.30
N LYS A 47 4.17 -8.70 -1.02
CA LYS A 47 5.38 -9.42 -0.66
C LYS A 47 6.45 -9.25 -1.74
N LEU A 48 6.03 -9.44 -3.00
CA LEU A 48 6.95 -9.30 -4.13
C LEU A 48 7.65 -7.95 -4.10
N VAL A 49 6.92 -6.90 -3.75
CA VAL A 49 7.49 -5.56 -3.68
C VAL A 49 7.77 -5.16 -2.23
N ILE A 50 7.65 -6.11 -1.31
CA ILE A 50 7.89 -5.86 0.10
C ILE A 50 8.50 -7.07 0.78
N ASN A 51 9.25 -7.85 0.01
CA ASN A 51 9.90 -9.04 0.54
C ASN A 51 11.30 -8.74 1.06
N GLU A 52 11.61 -7.46 1.26
CA GLU A 52 12.92 -7.06 1.75
C GLU A 52 12.78 -6.13 2.95
N PRO A 53 13.75 -6.15 3.88
CA PRO A 53 13.72 -5.29 5.06
C PRO A 53 13.48 -3.82 4.69
N SER A 54 14.10 -3.40 3.59
CA SER A 54 13.96 -2.03 3.11
C SER A 54 12.56 -1.79 2.58
N ARG A 55 11.98 -2.83 1.98
CA ARG A 55 10.65 -2.74 1.40
C ARG A 55 9.57 -3.11 2.42
N LEU A 56 9.98 -3.69 3.54
CA LEU A 56 9.04 -4.10 4.59
C LEU A 56 8.14 -2.93 5.01
N PRO A 57 8.71 -1.74 5.24
CA PRO A 57 7.95 -0.56 5.66
C PRO A 57 6.68 -0.33 4.86
N LEU A 58 6.64 -0.83 3.62
CA LEU A 58 5.48 -0.66 2.77
C LEU A 58 4.27 -1.43 3.32
N PHE A 59 4.53 -2.59 3.90
CA PHE A 59 3.47 -3.41 4.46
C PHE A 59 2.73 -2.65 5.55
N ASP A 60 3.49 -2.01 6.43
CA ASP A 60 2.92 -1.23 7.53
C ASP A 60 2.34 0.09 7.03
N ALA A 61 2.94 0.62 5.97
CA ALA A 61 2.51 1.88 5.38
C ALA A 61 1.08 1.80 4.82
N ILE A 62 0.86 0.82 3.95
CA ILE A 62 -0.44 0.64 3.30
C ILE A 62 -1.50 0.11 4.27
N ARG A 63 -1.10 -0.79 5.16
CA ARG A 63 -2.02 -1.40 6.14
C ARG A 63 -3.06 -0.42 6.65
N PRO A 64 -2.64 0.73 7.22
CA PRO A 64 -3.56 1.74 7.75
C PRO A 64 -4.78 1.95 6.86
N LEU A 65 -4.58 1.84 5.55
CA LEU A 65 -5.66 2.02 4.58
C LEU A 65 -6.71 0.93 4.76
N ILE A 66 -6.23 -0.32 4.75
CA ILE A 66 -7.08 -1.48 4.91
C ILE A 66 -8.10 -1.27 6.03
N PRO A 67 -9.38 -1.62 5.79
CA PRO A 67 -10.46 -1.48 6.78
C PRO A 67 -10.11 -2.14 8.10
N LEU A 68 -10.87 -1.81 9.15
CA LEU A 68 -10.65 -2.37 10.48
C LEU A 68 -10.67 -3.89 10.43
N LYS A 69 -11.77 -4.45 9.93
CA LYS A 69 -11.92 -5.90 9.83
C LYS A 69 -10.77 -6.49 9.01
N HIS A 70 -10.57 -5.97 7.81
CA HIS A 70 -9.51 -6.44 6.93
C HIS A 70 -8.15 -6.25 7.60
N GLN A 71 -8.05 -5.22 8.44
CA GLN A 71 -6.81 -4.94 9.15
C GLN A 71 -6.44 -6.12 10.04
N VAL A 72 -7.42 -6.64 10.77
CA VAL A 72 -7.20 -7.78 11.65
C VAL A 72 -6.75 -8.98 10.83
N GLU A 73 -7.47 -9.25 9.74
CA GLU A 73 -7.14 -10.36 8.86
C GLU A 73 -5.79 -10.11 8.19
N TYR A 74 -5.46 -8.84 8.00
CA TYR A 74 -4.20 -8.45 7.37
C TYR A 74 -3.02 -8.95 8.19
N ASP A 75 -3.04 -8.64 9.48
CA ASP A 75 -1.97 -9.04 10.39
C ASP A 75 -1.91 -10.57 10.48
N GLN A 76 -3.07 -11.20 10.58
CA GLN A 76 -3.14 -12.65 10.67
C GLN A 76 -2.52 -13.31 9.44
N LEU A 77 -2.58 -12.60 8.30
CA LEU A 77 -2.02 -13.12 7.06
C LEU A 77 -0.54 -12.78 6.96
N THR A 78 -0.17 -11.59 7.42
CA THR A 78 1.22 -11.13 7.38
C THR A 78 1.67 -10.67 8.77
N PRO A 79 2.57 -11.44 9.41
CA PRO A 79 3.07 -11.09 10.75
C PRO A 79 4.13 -9.98 10.70
N ARG A 80 4.02 -9.03 11.62
CA ARG A 80 4.96 -7.93 11.70
C ARG A 80 5.22 -7.51 13.15
N GLY B 1 -14.06 4.73 5.20
CA GLY B 1 -13.03 5.72 4.95
C GLY B 1 -12.23 5.43 3.69
N SER B 2 -12.38 6.29 2.69
CA SER B 2 -11.67 6.14 1.43
C SER B 2 -10.20 6.45 1.59
N LEU B 3 -9.50 5.64 2.39
CA LEU B 3 -8.08 5.84 2.62
C LEU B 3 -7.25 5.35 1.42
N LEU B 4 -7.51 4.12 1.00
CA LEU B 4 -6.80 3.54 -0.13
C LEU B 4 -6.90 4.43 -1.36
N LYS B 5 -8.13 4.81 -1.72
CA LYS B 5 -8.36 5.68 -2.87
C LYS B 5 -7.61 7.00 -2.72
N GLU B 6 -7.47 7.45 -1.47
CA GLU B 6 -6.78 8.69 -1.19
C GLU B 6 -5.30 8.61 -1.56
N VAL B 7 -4.68 7.48 -1.26
CA VAL B 7 -3.27 7.29 -1.56
C VAL B 7 -3.04 7.15 -3.07
N LEU B 8 -3.97 6.50 -3.76
CA LEU B 8 -3.85 6.33 -5.21
C LEU B 8 -3.84 7.69 -5.90
N GLU B 9 -4.77 8.55 -5.50
CA GLU B 9 -4.89 9.89 -6.07
C GLU B 9 -3.71 10.76 -5.64
N ASP B 10 -3.23 10.54 -4.42
CA ASP B 10 -2.11 11.31 -3.89
C ASP B 10 -0.88 11.15 -4.77
N TYR B 11 -0.62 9.93 -5.20
CA TYR B 11 0.52 9.64 -6.06
C TYR B 11 0.28 10.15 -7.47
N LEU B 12 -0.88 9.81 -8.03
CA LEU B 12 -1.24 10.24 -9.37
C LEU B 12 -1.05 11.74 -9.53
N ARG B 13 -1.40 12.48 -8.48
CA ARG B 13 -1.26 13.93 -8.50
C ARG B 13 0.20 14.33 -8.31
N LEU B 14 0.90 13.59 -7.47
CA LEU B 14 2.31 13.86 -7.22
C LEU B 14 3.12 13.62 -8.48
N LYS B 15 2.52 12.94 -9.46
CA LYS B 15 3.20 12.66 -10.72
C LYS B 15 2.89 13.73 -11.75
N LYS B 16 1.62 14.05 -11.91
CA LYS B 16 1.18 15.07 -12.86
C LYS B 16 1.34 16.46 -12.27
N MET A 1 -7.71 14.60 11.46
CA MET A 1 -6.66 14.58 10.42
C MET A 1 -6.99 13.56 9.33
N ASP A 2 -6.59 13.87 8.10
CA ASP A 2 -6.84 12.99 6.97
C ASP A 2 -5.96 13.36 5.78
N ARG A 3 -5.60 12.36 4.98
CA ARG A 3 -4.77 12.56 3.79
C ARG A 3 -3.28 12.60 4.17
N LYS A 4 -2.96 13.31 5.25
CA LYS A 4 -1.58 13.43 5.69
C LYS A 4 -0.98 12.07 5.99
N VAL A 5 -1.73 11.23 6.69
CA VAL A 5 -1.28 9.90 7.04
C VAL A 5 -0.94 9.09 5.78
N ALA A 6 -1.79 9.23 4.77
CA ALA A 6 -1.58 8.52 3.51
C ALA A 6 -0.37 9.06 2.78
N ARG A 7 -0.31 10.38 2.65
CA ARG A 7 0.80 11.03 1.98
C ARG A 7 2.08 10.82 2.77
N GLU A 8 1.94 10.65 4.08
CA GLU A 8 3.09 10.43 4.95
C GLU A 8 3.68 9.06 4.70
N PHE A 9 2.84 8.05 4.69
CA PHE A 9 3.30 6.69 4.44
C PHE A 9 3.74 6.56 2.99
N ARG A 10 2.93 7.11 2.09
CA ARG A 10 3.25 7.09 0.67
C ARG A 10 4.58 7.80 0.44
N HIS A 11 4.79 8.91 1.15
CA HIS A 11 6.02 9.65 1.05
C HIS A 11 7.20 8.75 1.39
N LYS A 12 7.02 7.95 2.44
CA LYS A 12 8.04 7.01 2.87
C LYS A 12 8.37 6.04 1.74
N VAL A 13 7.33 5.65 1.00
CA VAL A 13 7.50 4.73 -0.12
C VAL A 13 8.48 5.31 -1.13
N ASP A 14 8.25 6.55 -1.52
CA ASP A 14 9.12 7.23 -2.47
C ASP A 14 10.55 7.25 -1.97
N PHE A 15 10.70 7.44 -0.66
CA PHE A 15 12.01 7.46 -0.03
C PHE A 15 12.63 6.07 -0.06
N LEU A 16 11.81 5.05 0.17
CA LEU A 16 12.28 3.67 0.19
C LEU A 16 12.12 3.02 -1.19
N ILE A 17 11.75 3.82 -2.19
CA ILE A 17 11.58 3.33 -3.53
C ILE A 17 11.92 4.42 -4.54
N GLU A 18 13.20 4.74 -4.59
CA GLU A 18 13.72 5.76 -5.49
C GLU A 18 13.35 5.44 -6.94
N ASN A 19 13.36 4.15 -7.28
CA ASN A 19 13.03 3.71 -8.62
C ASN A 19 11.58 4.03 -8.96
N ASP A 20 11.19 3.78 -10.20
CA ASP A 20 9.83 4.05 -10.65
C ASP A 20 9.06 2.74 -10.84
N ALA A 21 9.77 1.70 -11.26
CA ALA A 21 9.16 0.40 -11.49
C ALA A 21 8.53 -0.14 -10.21
N GLU A 22 9.33 -0.16 -9.15
CA GLU A 22 8.84 -0.63 -7.86
C GLU A 22 7.54 0.08 -7.52
N LYS A 23 7.46 1.34 -7.93
CA LYS A 23 6.27 2.14 -7.70
C LYS A 23 5.14 1.66 -8.60
N ASP A 24 5.50 1.21 -9.81
CA ASP A 24 4.51 0.72 -10.77
C ASP A 24 3.82 -0.51 -10.20
N TYR A 25 4.60 -1.41 -9.62
CA TYR A 25 4.06 -2.63 -9.03
C TYR A 25 3.16 -2.29 -7.84
N LEU A 26 3.62 -1.33 -7.03
CA LEU A 26 2.86 -0.91 -5.85
C LEU A 26 1.50 -0.37 -6.25
N TYR A 27 1.47 0.43 -7.33
CA TYR A 27 0.22 1.00 -7.82
C TYR A 27 -0.75 -0.10 -8.24
N ASP A 28 -0.23 -1.10 -8.94
CA ASP A 28 -1.05 -2.21 -9.40
C ASP A 28 -1.64 -2.97 -8.22
N VAL A 29 -0.89 -3.02 -7.13
CA VAL A 29 -1.35 -3.72 -5.92
C VAL A 29 -2.57 -3.02 -5.32
N LEU A 30 -2.44 -1.72 -5.11
CA LEU A 30 -3.53 -0.94 -4.54
C LEU A 30 -4.74 -0.97 -5.47
N ARG A 31 -4.48 -0.97 -6.78
CA ARG A 31 -5.56 -1.01 -7.76
C ARG A 31 -6.35 -2.29 -7.63
N MET A 32 -5.66 -3.40 -7.36
CA MET A 32 -6.31 -4.68 -7.20
C MET A 32 -7.21 -4.67 -5.97
N TYR A 33 -6.68 -4.19 -4.85
CA TYR A 33 -7.45 -4.12 -3.61
C TYR A 33 -8.72 -3.30 -3.80
N HIS A 34 -8.64 -2.28 -4.65
CA HIS A 34 -9.78 -1.42 -4.92
C HIS A 34 -10.86 -2.15 -5.71
N GLN A 35 -10.45 -2.75 -6.83
CA GLN A 35 -11.38 -3.47 -7.69
C GLN A 35 -11.71 -4.85 -7.13
N THR A 36 -10.69 -5.65 -6.86
CA THR A 36 -10.87 -7.00 -6.33
C THR A 36 -11.46 -6.98 -4.92
N MET A 37 -11.00 -6.03 -4.11
CA MET A 37 -11.48 -5.93 -2.73
C MET A 37 -11.06 -7.15 -1.92
N ASP A 38 -9.94 -7.76 -2.30
CA ASP A 38 -9.44 -8.94 -1.62
C ASP A 38 -8.05 -8.67 -1.05
N VAL A 39 -7.90 -8.95 0.25
CA VAL A 39 -6.62 -8.75 0.93
C VAL A 39 -5.62 -9.84 0.56
N ALA A 40 -6.09 -10.85 -0.17
CA ALA A 40 -5.23 -11.95 -0.59
C ALA A 40 -4.35 -11.51 -1.75
N VAL A 41 -4.93 -10.69 -2.63
CA VAL A 41 -4.20 -10.20 -3.78
C VAL A 41 -3.16 -9.18 -3.33
N LEU A 42 -3.48 -8.44 -2.29
CA LEU A 42 -2.59 -7.43 -1.74
C LEU A 42 -1.36 -8.08 -1.11
N VAL A 43 -1.59 -9.10 -0.30
CA VAL A 43 -0.50 -9.81 0.37
C VAL A 43 0.50 -10.37 -0.64
N GLY A 44 -0.02 -11.01 -1.68
CA GLY A 44 0.84 -11.61 -2.69
C GLY A 44 1.69 -10.58 -3.42
N ASP A 45 1.06 -9.59 -4.01
CA ASP A 45 1.78 -8.55 -4.75
C ASP A 45 2.65 -7.72 -3.82
N LEU A 46 2.10 -7.35 -2.66
CA LEU A 46 2.84 -6.56 -1.69
C LEU A 46 4.22 -7.15 -1.42
N LYS A 47 4.24 -8.43 -1.07
CA LYS A 47 5.49 -9.12 -0.78
C LYS A 47 6.47 -8.96 -1.94
N LEU A 48 5.99 -9.21 -3.15
CA LEU A 48 6.82 -9.09 -4.34
C LEU A 48 7.56 -7.75 -4.37
N VAL A 49 6.85 -6.68 -4.03
CA VAL A 49 7.45 -5.35 -4.00
C VAL A 49 7.81 -4.92 -2.58
N ILE A 50 7.65 -5.83 -1.63
CA ILE A 50 7.96 -5.55 -0.23
C ILE A 50 8.69 -6.74 0.41
N ASN A 51 9.40 -7.49 -0.40
CA ASN A 51 10.14 -8.65 0.08
C ASN A 51 11.52 -8.27 0.63
N GLU A 52 11.74 -6.97 0.86
CA GLU A 52 13.03 -6.52 1.38
C GLU A 52 12.82 -5.67 2.63
N PRO A 53 13.73 -5.79 3.63
CA PRO A 53 13.63 -5.02 4.87
C PRO A 53 13.36 -3.55 4.59
N SER A 54 13.99 -3.02 3.56
CA SER A 54 13.81 -1.63 3.16
C SER A 54 12.41 -1.40 2.62
N ARG A 55 11.87 -2.42 1.96
CA ARG A 55 10.53 -2.34 1.38
C ARG A 55 9.47 -2.80 2.36
N LEU A 56 9.88 -3.43 3.45
CA LEU A 56 8.96 -3.91 4.47
C LEU A 56 8.03 -2.80 4.98
N PRO A 57 8.59 -1.62 5.29
CA PRO A 57 7.82 -0.48 5.78
C PRO A 57 6.50 -0.25 5.03
N LEU A 58 6.48 -0.59 3.74
CA LEU A 58 5.29 -0.40 2.93
C LEU A 58 4.14 -1.28 3.42
N PHE A 59 4.46 -2.51 3.80
CA PHE A 59 3.46 -3.44 4.30
C PHE A 59 2.68 -2.83 5.45
N ASP A 60 3.41 -2.25 6.41
CA ASP A 60 2.79 -1.61 7.57
C ASP A 60 2.18 -0.28 7.18
N ALA A 61 2.79 0.38 6.20
CA ALA A 61 2.32 1.69 5.73
C ALA A 61 0.90 1.61 5.17
N ILE A 62 0.71 0.77 4.17
CA ILE A 62 -0.58 0.60 3.52
C ILE A 62 -1.65 0.07 4.48
N ARG A 63 -1.24 -0.83 5.36
CA ARG A 63 -2.14 -1.45 6.34
C ARG A 63 -3.20 -0.46 6.87
N PRO A 64 -2.77 0.59 7.58
CA PRO A 64 -3.69 1.60 8.14
C PRO A 64 -4.87 1.90 7.23
N LEU A 65 -4.65 1.85 5.92
CA LEU A 65 -5.71 2.11 4.96
C LEU A 65 -6.79 1.05 5.07
N ILE A 66 -6.34 -0.21 5.01
CA ILE A 66 -7.23 -1.36 5.09
C ILE A 66 -8.26 -1.19 6.23
N PRO A 67 -9.54 -1.50 5.96
CA PRO A 67 -10.61 -1.38 6.96
C PRO A 67 -10.26 -2.08 8.27
N LEU A 68 -11.02 -1.78 9.32
CA LEU A 68 -10.79 -2.37 10.63
C LEU A 68 -10.81 -3.89 10.56
N LYS A 69 -11.91 -4.44 10.07
CA LYS A 69 -12.06 -5.89 9.95
C LYS A 69 -10.97 -6.46 9.04
N HIS A 70 -10.77 -5.82 7.90
CA HIS A 70 -9.76 -6.26 6.95
C HIS A 70 -8.36 -6.11 7.55
N GLN A 71 -8.22 -5.18 8.49
CA GLN A 71 -6.94 -4.95 9.15
C GLN A 71 -6.48 -6.19 9.88
N VAL A 72 -7.32 -6.71 10.76
CA VAL A 72 -7.01 -7.91 11.52
C VAL A 72 -6.83 -9.10 10.57
N GLU A 73 -7.65 -9.14 9.54
CA GLU A 73 -7.58 -10.21 8.55
C GLU A 73 -6.32 -10.08 7.71
N TYR A 74 -5.88 -8.84 7.50
CA TYR A 74 -4.67 -8.56 6.73
C TYR A 74 -3.45 -9.14 7.43
N ASP A 75 -3.34 -8.88 8.73
CA ASP A 75 -2.22 -9.38 9.51
C ASP A 75 -2.24 -10.90 9.55
N GLN A 76 -3.42 -11.49 9.73
CA GLN A 76 -3.56 -12.93 9.77
C GLN A 76 -3.09 -13.56 8.46
N LEU A 77 -3.29 -12.85 7.36
CA LEU A 77 -2.90 -13.33 6.05
C LEU A 77 -1.38 -13.25 5.88
N THR A 78 -0.78 -12.22 6.46
CA THR A 78 0.67 -12.03 6.38
C THR A 78 1.33 -12.34 7.70
N PRO A 79 1.98 -13.52 7.81
CA PRO A 79 2.66 -13.94 9.04
C PRO A 79 4.05 -13.31 9.18
N ARG A 80 4.83 -13.81 10.13
CA ARG A 80 6.17 -13.31 10.36
C ARG A 80 7.19 -14.08 9.53
N GLY B 1 -12.81 2.59 3.84
CA GLY B 1 -12.48 3.19 2.56
C GLY B 1 -12.55 4.71 2.59
N SER B 2 -11.42 5.35 2.87
CA SER B 2 -11.38 6.80 2.93
C SER B 2 -9.95 7.30 2.68
N LEU B 3 -8.99 6.67 3.34
CA LEU B 3 -7.59 7.05 3.19
C LEU B 3 -6.94 6.30 2.04
N LEU B 4 -7.36 5.05 1.85
CA LEU B 4 -6.81 4.22 0.78
C LEU B 4 -6.94 4.93 -0.57
N LYS B 5 -8.15 5.37 -0.89
CA LYS B 5 -8.41 6.07 -2.15
C LYS B 5 -7.53 7.31 -2.25
N GLU B 6 -7.23 7.92 -1.11
CA GLU B 6 -6.41 9.12 -1.08
C GLU B 6 -4.98 8.82 -1.55
N VAL B 7 -4.48 7.66 -1.16
CA VAL B 7 -3.13 7.24 -1.54
C VAL B 7 -3.05 6.94 -3.03
N LEU B 8 -4.07 6.25 -3.54
CA LEU B 8 -4.12 5.91 -4.96
C LEU B 8 -4.04 7.18 -5.80
N GLU B 9 -4.79 8.19 -5.38
CA GLU B 9 -4.83 9.46 -6.08
C GLU B 9 -3.55 10.25 -5.82
N ASP B 10 -2.98 10.09 -4.63
CA ASP B 10 -1.76 10.80 -4.25
C ASP B 10 -0.62 10.54 -5.22
N TYR B 11 -0.35 9.27 -5.51
CA TYR B 11 0.72 8.93 -6.43
C TYR B 11 0.24 9.11 -7.87
N LEU B 12 -1.04 8.82 -8.10
CA LEU B 12 -1.62 9.00 -9.43
C LEU B 12 -1.51 10.45 -9.84
N ARG B 13 -1.68 11.34 -8.87
CA ARG B 13 -1.59 12.77 -9.11
C ARG B 13 -0.14 13.19 -9.24
N LEU B 14 0.72 12.57 -8.45
CA LEU B 14 2.14 12.86 -8.49
C LEU B 14 2.79 12.21 -9.71
N LYS B 15 2.01 11.40 -10.44
CA LYS B 15 2.50 10.74 -11.63
C LYS B 15 2.65 11.71 -12.79
N LYS B 16 1.53 12.03 -13.43
CA LYS B 16 1.51 12.95 -14.55
C LYS B 16 2.38 12.43 -15.69
N MET A 1 -6.86 14.25 10.68
CA MET A 1 -6.24 14.49 9.35
C MET A 1 -6.12 13.18 8.55
N ASP A 2 -7.22 12.78 7.92
CA ASP A 2 -7.24 11.56 7.14
C ASP A 2 -6.73 11.79 5.72
N ARG A 3 -5.42 12.01 5.60
CA ARG A 3 -4.81 12.26 4.30
C ARG A 3 -3.31 12.42 4.42
N LYS A 4 -2.88 13.09 5.50
CA LYS A 4 -1.46 13.31 5.73
C LYS A 4 -0.72 11.99 5.94
N VAL A 5 -1.34 11.09 6.70
CA VAL A 5 -0.75 9.79 6.98
C VAL A 5 -0.53 9.01 5.67
N ALA A 6 -1.45 9.19 4.73
CA ALA A 6 -1.35 8.51 3.45
C ALA A 6 -0.19 9.05 2.62
N ARG A 7 -0.16 10.37 2.48
CA ARG A 7 0.90 11.02 1.73
C ARG A 7 2.24 10.85 2.43
N GLU A 8 2.19 10.68 3.75
CA GLU A 8 3.39 10.48 4.54
C GLU A 8 3.98 9.11 4.28
N PHE A 9 3.14 8.09 4.28
CA PHE A 9 3.59 6.73 4.03
C PHE A 9 3.97 6.61 2.55
N ARG A 10 3.11 7.13 1.69
CA ARG A 10 3.37 7.10 0.25
C ARG A 10 4.69 7.81 -0.05
N HIS A 11 4.90 8.94 0.60
CA HIS A 11 6.14 9.70 0.41
C HIS A 11 7.33 8.84 0.81
N LYS A 12 7.17 8.11 1.90
CA LYS A 12 8.22 7.22 2.39
C LYS A 12 8.54 6.15 1.35
N VAL A 13 7.50 5.69 0.66
CA VAL A 13 7.66 4.68 -0.38
C VAL A 13 8.60 5.18 -1.47
N ASP A 14 8.31 6.37 -1.98
CA ASP A 14 9.15 6.96 -3.03
C ASP A 14 10.59 7.10 -2.53
N PHE A 15 10.73 7.39 -1.25
CA PHE A 15 12.05 7.54 -0.64
C PHE A 15 12.76 6.19 -0.58
N LEU A 16 12.01 5.14 -0.26
CA LEU A 16 12.57 3.80 -0.17
C LEU A 16 12.33 2.99 -1.44
N ILE A 17 11.87 3.67 -2.50
CA ILE A 17 11.61 3.02 -3.76
C ILE A 17 11.85 4.00 -4.90
N GLU A 18 13.10 4.33 -5.11
CA GLU A 18 13.50 5.25 -6.16
C GLU A 18 13.10 4.72 -7.53
N ASN A 19 13.21 3.40 -7.69
CA ASN A 19 12.85 2.75 -8.94
C ASN A 19 11.37 2.97 -9.27
N ASP A 20 11.08 3.20 -10.55
CA ASP A 20 9.69 3.43 -10.97
C ASP A 20 8.93 2.11 -11.05
N ALA A 21 9.60 1.05 -11.47
CA ALA A 21 8.97 -0.26 -11.59
C ALA A 21 8.39 -0.71 -10.26
N GLU A 22 9.21 -0.68 -9.23
CA GLU A 22 8.76 -1.05 -7.89
C GLU A 22 7.48 -0.32 -7.56
N LYS A 23 7.39 0.93 -8.04
CA LYS A 23 6.22 1.75 -7.83
C LYS A 23 5.07 1.24 -8.70
N ASP A 24 5.41 0.76 -9.90
CA ASP A 24 4.40 0.24 -10.81
C ASP A 24 3.73 -0.99 -10.19
N TYR A 25 4.52 -1.81 -9.52
CA TYR A 25 4.00 -3.01 -8.87
C TYR A 25 3.10 -2.62 -7.70
N LEU A 26 3.55 -1.65 -6.92
CA LEU A 26 2.79 -1.19 -5.77
C LEU A 26 1.46 -0.58 -6.20
N TYR A 27 1.51 0.25 -7.25
CA TYR A 27 0.31 0.89 -7.77
C TYR A 27 -0.68 -0.16 -8.26
N ASP A 28 -0.17 -1.22 -8.85
CA ASP A 28 -1.01 -2.30 -9.36
C ASP A 28 -1.67 -3.06 -8.22
N VAL A 29 -0.96 -3.15 -7.09
CA VAL A 29 -1.46 -3.85 -5.92
C VAL A 29 -2.58 -3.03 -5.26
N LEU A 30 -2.39 -1.73 -5.21
CA LEU A 30 -3.37 -0.83 -4.61
C LEU A 30 -4.63 -0.77 -5.48
N ARG A 31 -4.43 -0.71 -6.78
CA ARG A 31 -5.55 -0.66 -7.71
C ARG A 31 -6.32 -1.96 -7.70
N MET A 32 -5.60 -3.07 -7.57
CA MET A 32 -6.21 -4.39 -7.52
C MET A 32 -6.99 -4.56 -6.22
N TYR A 33 -6.37 -4.17 -5.11
CA TYR A 33 -7.01 -4.27 -3.81
C TYR A 33 -8.30 -3.45 -3.77
N HIS A 34 -8.29 -2.31 -4.44
CA HIS A 34 -9.45 -1.43 -4.47
C HIS A 34 -10.54 -1.99 -5.36
N GLN A 35 -10.16 -2.47 -6.54
CA GLN A 35 -11.11 -3.01 -7.50
C GLN A 35 -11.55 -4.42 -7.13
N THR A 36 -10.59 -5.32 -6.94
CA THR A 36 -10.88 -6.70 -6.60
C THR A 36 -11.34 -6.85 -5.15
N MET A 37 -10.96 -5.90 -4.32
CA MET A 37 -11.32 -5.95 -2.90
C MET A 37 -10.74 -7.19 -2.23
N ASP A 38 -9.69 -7.75 -2.83
CA ASP A 38 -9.04 -8.93 -2.30
C ASP A 38 -7.80 -8.55 -1.49
N VAL A 39 -7.82 -8.85 -0.19
CA VAL A 39 -6.70 -8.53 0.68
C VAL A 39 -5.60 -9.58 0.55
N ALA A 40 -5.95 -10.77 0.06
CA ALA A 40 -4.99 -11.84 -0.11
C ALA A 40 -4.13 -11.61 -1.34
N VAL A 41 -4.73 -10.99 -2.35
CA VAL A 41 -4.02 -10.70 -3.58
C VAL A 41 -3.03 -9.55 -3.38
N LEU A 42 -3.47 -8.53 -2.66
CA LEU A 42 -2.62 -7.37 -2.40
C LEU A 42 -1.48 -7.74 -1.45
N VAL A 43 -1.77 -8.63 -0.50
CA VAL A 43 -0.75 -9.07 0.45
C VAL A 43 0.32 -9.89 -0.26
N GLY A 44 -0.12 -10.78 -1.16
CA GLY A 44 0.83 -11.59 -1.90
C GLY A 44 1.80 -10.77 -2.71
N ASP A 45 1.27 -9.91 -3.57
CA ASP A 45 2.10 -9.05 -4.41
C ASP A 45 2.97 -8.14 -3.55
N LEU A 46 2.37 -7.58 -2.50
CA LEU A 46 3.09 -6.69 -1.61
C LEU A 46 4.40 -7.32 -1.14
N LYS A 47 4.34 -8.60 -0.79
CA LYS A 47 5.51 -9.33 -0.35
C LYS A 47 6.61 -9.27 -1.40
N LEU A 48 6.25 -9.60 -2.64
CA LEU A 48 7.18 -9.59 -3.75
C LEU A 48 7.91 -8.24 -3.84
N VAL A 49 7.19 -7.17 -3.57
CA VAL A 49 7.78 -5.83 -3.60
C VAL A 49 8.10 -5.32 -2.20
N ILE A 50 7.92 -6.19 -1.20
CA ILE A 50 8.19 -5.83 0.19
C ILE A 50 8.82 -6.99 0.94
N ASN A 51 9.55 -7.83 0.21
CA ASN A 51 10.19 -9.00 0.80
C ASN A 51 11.53 -8.66 1.47
N GLU A 52 11.85 -7.37 1.62
CA GLU A 52 13.10 -7.00 2.27
C GLU A 52 12.88 -5.91 3.32
N PRO A 53 13.77 -5.84 4.32
CA PRO A 53 13.67 -4.85 5.39
C PRO A 53 13.53 -3.43 4.86
N SER A 54 14.23 -3.14 3.78
CA SER A 54 14.17 -1.83 3.16
C SER A 54 12.80 -1.59 2.54
N ARG A 55 12.20 -2.67 2.05
CA ARG A 55 10.88 -2.59 1.43
C ARG A 55 9.76 -2.90 2.43
N LEU A 56 10.14 -3.38 3.61
CA LEU A 56 9.18 -3.72 4.66
C LEU A 56 8.26 -2.53 4.99
N PRO A 57 8.83 -1.36 5.31
CA PRO A 57 8.07 -0.17 5.66
C PRO A 57 6.84 0.06 4.78
N LEU A 58 6.86 -0.47 3.56
CA LEU A 58 5.74 -0.29 2.65
C LEU A 58 4.55 -1.16 3.05
N PHE A 59 4.83 -2.31 3.64
CA PHE A 59 3.77 -3.22 4.09
C PHE A 59 3.05 -2.67 5.31
N ASP A 60 3.81 -2.10 6.24
CA ASP A 60 3.25 -1.53 7.46
C ASP A 60 2.57 -0.21 7.17
N ALA A 61 3.10 0.50 6.17
CA ALA A 61 2.56 1.80 5.79
C ALA A 61 1.17 1.69 5.15
N ILE A 62 1.09 0.95 4.05
CA ILE A 62 -0.17 0.77 3.33
C ILE A 62 -1.24 0.13 4.22
N ARG A 63 -0.82 -0.78 5.08
CA ARG A 63 -1.73 -1.49 5.98
C ARG A 63 -2.79 -0.56 6.59
N PRO A 64 -2.38 0.41 7.42
CA PRO A 64 -3.30 1.36 8.06
C PRO A 64 -4.49 1.77 7.18
N LEU A 65 -4.27 1.78 5.86
CA LEU A 65 -5.32 2.14 4.93
C LEU A 65 -6.43 1.12 4.98
N ILE A 66 -6.03 -0.15 4.86
CA ILE A 66 -6.95 -1.28 4.91
C ILE A 66 -8.02 -1.10 6.00
N PRO A 67 -9.31 -1.22 5.64
CA PRO A 67 -10.42 -1.08 6.60
C PRO A 67 -10.27 -2.00 7.80
N LEU A 68 -11.05 -1.73 8.85
CA LEU A 68 -11.00 -2.54 10.06
C LEU A 68 -11.15 -4.03 9.76
N LYS A 69 -12.18 -4.37 8.97
CA LYS A 69 -12.43 -5.75 8.60
C LYS A 69 -11.21 -6.34 7.90
N HIS A 70 -10.85 -5.73 6.77
CA HIS A 70 -9.71 -6.18 6.00
C HIS A 70 -8.44 -6.12 6.85
N GLN A 71 -8.45 -5.27 7.87
CA GLN A 71 -7.31 -5.13 8.77
C GLN A 71 -7.13 -6.41 9.56
N VAL A 72 -8.24 -6.95 10.06
CA VAL A 72 -8.21 -8.19 10.82
C VAL A 72 -7.68 -9.32 9.94
N GLU A 73 -8.15 -9.35 8.70
CA GLU A 73 -7.72 -10.36 7.74
C GLU A 73 -6.26 -10.12 7.36
N TYR A 74 -5.86 -8.86 7.36
CA TYR A 74 -4.49 -8.49 7.02
C TYR A 74 -3.50 -9.16 7.96
N ASP A 75 -3.79 -9.05 9.26
CA ASP A 75 -2.93 -9.65 10.28
C ASP A 75 -2.99 -11.17 10.21
N GLN A 76 -4.19 -11.69 9.95
CA GLN A 76 -4.39 -13.14 9.86
C GLN A 76 -3.48 -13.74 8.80
N LEU A 77 -3.26 -13.00 7.72
CA LEU A 77 -2.39 -13.46 6.64
C LEU A 77 -0.93 -13.17 6.93
N THR A 78 -0.69 -12.09 7.67
CA THR A 78 0.67 -11.69 8.03
C THR A 78 0.74 -11.25 9.49
N PRO A 79 1.45 -12.02 10.34
CA PRO A 79 1.57 -11.70 11.77
C PRO A 79 2.42 -10.45 12.01
N ARG A 80 2.35 -9.92 13.23
CA ARG A 80 3.10 -8.72 13.59
C ARG A 80 4.25 -9.07 14.53
N GLY B 1 -11.39 4.09 7.63
CA GLY B 1 -11.81 2.90 6.92
C GLY B 1 -11.32 2.88 5.49
N SER B 2 -11.69 3.89 4.72
CA SER B 2 -11.29 3.99 3.32
C SER B 2 -10.24 5.08 3.13
N LEU B 3 -8.98 4.74 3.37
CA LEU B 3 -7.89 5.70 3.23
C LEU B 3 -7.04 5.37 2.02
N LEU B 4 -6.96 4.08 1.68
CA LEU B 4 -6.17 3.63 0.53
C LEU B 4 -6.56 4.41 -0.72
N LYS B 5 -7.86 4.61 -0.90
CA LYS B 5 -8.37 5.35 -2.05
C LYS B 5 -7.81 6.76 -2.09
N GLU B 6 -7.71 7.38 -0.91
CA GLU B 6 -7.19 8.73 -0.80
C GLU B 6 -5.72 8.79 -1.20
N VAL B 7 -4.99 7.71 -0.91
CA VAL B 7 -3.57 7.64 -1.24
C VAL B 7 -3.36 7.49 -2.75
N LEU B 8 -4.27 6.77 -3.40
CA LEU B 8 -4.18 6.58 -4.85
C LEU B 8 -4.40 7.91 -5.56
N GLU B 9 -5.42 8.65 -5.13
CA GLU B 9 -5.74 9.94 -5.71
C GLU B 9 -4.67 10.97 -5.36
N ASP B 10 -4.12 10.84 -4.16
CA ASP B 10 -3.09 11.76 -3.70
C ASP B 10 -1.89 11.74 -4.64
N TYR B 11 -1.43 10.53 -4.98
CA TYR B 11 -0.30 10.36 -5.88
C TYR B 11 -0.68 10.80 -7.29
N LEU B 12 -1.87 10.42 -7.73
CA LEU B 12 -2.36 10.78 -9.05
C LEU B 12 -2.22 12.28 -9.29
N ARG B 13 -2.49 13.06 -8.24
CA ARG B 13 -2.39 14.51 -8.33
C ARG B 13 -0.92 14.92 -8.26
N LEU B 14 -0.15 14.19 -7.48
CA LEU B 14 1.27 14.46 -7.34
C LEU B 14 1.98 14.25 -8.67
N LYS B 15 1.32 13.54 -9.59
CA LYS B 15 1.88 13.28 -10.91
C LYS B 15 1.87 14.54 -11.76
N LYS B 16 0.69 14.92 -12.23
CA LYS B 16 0.53 16.11 -13.07
C LYS B 16 0.85 17.37 -12.28
N MET A 1 -10.86 13.74 7.97
CA MET A 1 -9.53 14.12 8.51
C MET A 1 -8.60 12.92 8.59
N ASP A 2 -8.02 12.54 7.46
CA ASP A 2 -7.11 11.41 7.41
C ASP A 2 -6.53 11.24 6.01
N ARG A 3 -5.88 12.29 5.52
CA ARG A 3 -5.28 12.26 4.18
C ARG A 3 -3.76 12.39 4.26
N LYS A 4 -3.29 13.16 5.23
CA LYS A 4 -1.86 13.36 5.40
C LYS A 4 -1.14 12.04 5.64
N VAL A 5 -1.79 11.15 6.38
CA VAL A 5 -1.23 9.84 6.69
C VAL A 5 -0.90 9.06 5.42
N ALA A 6 -1.79 9.15 4.44
CA ALA A 6 -1.60 8.45 3.18
C ALA A 6 -0.41 9.02 2.41
N ARG A 7 -0.40 10.33 2.25
CA ARG A 7 0.68 11.00 1.54
C ARG A 7 1.98 10.86 2.32
N GLU A 8 1.86 10.71 3.63
CA GLU A 8 3.04 10.56 4.48
C GLU A 8 3.66 9.19 4.28
N PHE A 9 2.84 8.15 4.33
CA PHE A 9 3.33 6.79 4.14
C PHE A 9 3.76 6.61 2.69
N ARG A 10 2.95 7.13 1.77
CA ARG A 10 3.26 7.05 0.35
C ARG A 10 4.57 7.77 0.07
N HIS A 11 4.75 8.94 0.68
CA HIS A 11 5.98 9.70 0.50
C HIS A 11 7.17 8.85 0.90
N LYS A 12 7.01 8.12 2.00
CA LYS A 12 8.07 7.25 2.49
C LYS A 12 8.40 6.18 1.45
N VAL A 13 7.37 5.70 0.76
CA VAL A 13 7.55 4.70 -0.28
C VAL A 13 8.50 5.22 -1.36
N ASP A 14 8.24 6.42 -1.84
CA ASP A 14 9.08 7.03 -2.87
C ASP A 14 10.52 7.13 -2.37
N PHE A 15 10.67 7.44 -1.08
CA PHE A 15 11.99 7.55 -0.47
C PHE A 15 12.65 6.18 -0.39
N LEU A 16 11.86 5.15 -0.12
CA LEU A 16 12.37 3.79 0.00
C LEU A 16 12.19 3.01 -1.30
N ILE A 17 11.78 3.71 -2.36
CA ILE A 17 11.58 3.09 -3.65
C ILE A 17 11.87 4.09 -4.76
N GLU A 18 13.13 4.43 -4.88
CA GLU A 18 13.59 5.38 -5.90
C GLU A 18 13.22 4.90 -7.30
N ASN A 19 13.23 3.58 -7.49
CA ASN A 19 12.88 3.00 -8.78
C ASN A 19 11.44 3.30 -9.15
N ASP A 20 11.04 2.89 -10.36
CA ASP A 20 9.69 3.11 -10.83
C ASP A 20 8.91 1.81 -10.91
N ALA A 21 9.63 0.72 -11.16
CA ALA A 21 9.00 -0.60 -11.27
C ALA A 21 8.35 -0.99 -9.95
N GLU A 22 9.12 -0.94 -8.88
CA GLU A 22 8.60 -1.26 -7.55
C GLU A 22 7.31 -0.49 -7.32
N LYS A 23 7.27 0.72 -7.84
CA LYS A 23 6.09 1.57 -7.72
C LYS A 23 4.98 1.05 -8.62
N ASP A 24 5.37 0.50 -9.77
CA ASP A 24 4.40 -0.05 -10.71
C ASP A 24 3.64 -1.21 -10.06
N TYR A 25 4.38 -2.05 -9.35
CA TYR A 25 3.78 -3.20 -8.68
C TYR A 25 2.88 -2.72 -7.54
N LEU A 26 3.33 -1.71 -6.82
CA LEU A 26 2.56 -1.16 -5.72
C LEU A 26 1.23 -0.59 -6.21
N TYR A 27 1.27 0.02 -7.39
CA TYR A 27 0.07 0.60 -7.98
C TYR A 27 -0.94 -0.49 -8.32
N ASP A 28 -0.45 -1.57 -8.92
CA ASP A 28 -1.30 -2.69 -9.31
C ASP A 28 -2.00 -3.28 -8.09
N VAL A 29 -1.26 -3.37 -6.98
CA VAL A 29 -1.80 -3.93 -5.76
C VAL A 29 -2.93 -3.04 -5.21
N LEU A 30 -2.65 -1.76 -5.11
CA LEU A 30 -3.64 -0.80 -4.62
C LEU A 30 -4.84 -0.73 -5.55
N ARG A 31 -4.58 -0.91 -6.84
CA ARG A 31 -5.63 -0.89 -7.85
C ARG A 31 -6.57 -2.07 -7.68
N MET A 32 -5.99 -3.24 -7.41
CA MET A 32 -6.78 -4.45 -7.22
C MET A 32 -7.66 -4.33 -5.98
N TYR A 33 -7.08 -3.81 -4.91
CA TYR A 33 -7.82 -3.63 -3.66
C TYR A 33 -9.01 -2.70 -3.86
N HIS A 34 -8.82 -1.66 -4.66
CA HIS A 34 -9.90 -0.71 -4.93
C HIS A 34 -10.93 -1.29 -5.88
N GLN A 35 -10.45 -1.89 -6.96
CA GLN A 35 -11.34 -2.48 -7.98
C GLN A 35 -11.93 -3.82 -7.55
N THR A 36 -11.06 -4.77 -7.20
CA THR A 36 -11.51 -6.10 -6.81
C THR A 36 -11.67 -6.25 -5.29
N MET A 37 -10.80 -5.58 -4.54
CA MET A 37 -10.85 -5.65 -3.08
C MET A 37 -10.35 -7.01 -2.59
N ASP A 38 -9.41 -7.60 -3.32
CA ASP A 38 -8.85 -8.88 -2.95
C ASP A 38 -7.72 -8.69 -1.94
N VAL A 39 -7.92 -9.21 -0.74
CA VAL A 39 -6.91 -9.10 0.31
C VAL A 39 -5.80 -10.10 0.10
N ALA A 40 -6.10 -11.18 -0.62
CA ALA A 40 -5.12 -12.22 -0.89
C ALA A 40 -4.21 -11.80 -2.03
N VAL A 41 -4.80 -11.14 -3.02
CA VAL A 41 -4.04 -10.68 -4.18
C VAL A 41 -3.17 -9.49 -3.81
N LEU A 42 -3.69 -8.64 -2.93
CA LEU A 42 -2.96 -7.45 -2.50
C LEU A 42 -1.83 -7.83 -1.54
N VAL A 43 -2.08 -8.80 -0.66
CA VAL A 43 -1.05 -9.23 0.28
C VAL A 43 0.06 -9.98 -0.45
N GLY A 44 -0.32 -10.85 -1.38
CA GLY A 44 0.65 -11.60 -2.13
C GLY A 44 1.59 -10.71 -2.92
N ASP A 45 1.01 -9.78 -3.68
CA ASP A 45 1.81 -8.86 -4.49
C ASP A 45 2.70 -7.98 -3.61
N LEU A 46 2.11 -7.42 -2.56
CA LEU A 46 2.84 -6.56 -1.65
C LEU A 46 4.12 -7.24 -1.16
N LYS A 47 4.02 -8.52 -0.85
CA LYS A 47 5.18 -9.29 -0.38
C LYS A 47 6.30 -9.26 -1.42
N LEU A 48 5.95 -9.60 -2.65
CA LEU A 48 6.92 -9.62 -3.74
C LEU A 48 7.64 -8.29 -3.85
N VAL A 49 6.92 -7.21 -3.57
CA VAL A 49 7.51 -5.88 -3.63
C VAL A 49 7.86 -5.36 -2.23
N ILE A 50 7.65 -6.21 -1.22
CA ILE A 50 7.94 -5.83 0.15
C ILE A 50 8.59 -7.00 0.91
N ASN A 51 9.28 -7.85 0.18
CA ASN A 51 9.95 -8.99 0.77
C ASN A 51 11.34 -8.64 1.31
N GLU A 52 11.62 -7.35 1.46
CA GLU A 52 12.91 -6.91 1.97
C GLU A 52 12.74 -5.97 3.15
N PRO A 53 13.61 -6.09 4.18
CA PRO A 53 13.54 -5.23 5.37
C PRO A 53 13.35 -3.77 4.99
N SER A 54 14.03 -3.35 3.92
CA SER A 54 13.93 -1.98 3.44
C SER A 54 12.55 -1.71 2.85
N ARG A 55 11.98 -2.72 2.22
CA ARG A 55 10.66 -2.59 1.59
C ARG A 55 9.54 -2.95 2.57
N LEU A 56 9.91 -3.59 3.69
CA LEU A 56 8.93 -3.97 4.71
C LEU A 56 7.99 -2.83 5.08
N PRO A 57 8.54 -1.65 5.42
CA PRO A 57 7.75 -0.47 5.82
C PRO A 57 6.48 -0.28 4.98
N LEU A 58 6.49 -0.73 3.74
CA LEU A 58 5.32 -0.58 2.86
C LEU A 58 4.13 -1.35 3.41
N PHE A 59 4.39 -2.53 3.97
CA PHE A 59 3.33 -3.36 4.52
C PHE A 59 2.61 -2.63 5.65
N ASP A 60 3.38 -1.98 6.51
CA ASP A 60 2.82 -1.23 7.63
C ASP A 60 2.23 0.08 7.16
N ALA A 61 2.81 0.64 6.10
CA ALA A 61 2.35 1.89 5.54
C ALA A 61 0.93 1.77 5.00
N ILE A 62 0.74 0.89 4.04
CA ILE A 62 -0.56 0.66 3.42
C ILE A 62 -1.56 0.05 4.41
N ARG A 63 -1.04 -0.72 5.36
CA ARG A 63 -1.88 -1.39 6.37
C ARG A 63 -3.03 -0.52 6.89
N PRO A 64 -2.73 0.66 7.46
CA PRO A 64 -3.76 1.56 8.00
C PRO A 64 -4.92 1.80 7.05
N LEU A 65 -4.65 1.73 5.75
CA LEU A 65 -5.70 1.93 4.75
C LEU A 65 -6.71 0.80 4.84
N ILE A 66 -6.19 -0.43 4.86
CA ILE A 66 -7.01 -1.62 4.93
C ILE A 66 -8.06 -1.49 6.04
N PRO A 67 -9.32 -1.86 5.74
CA PRO A 67 -10.42 -1.78 6.72
C PRO A 67 -10.06 -2.45 8.05
N LEU A 68 -10.85 -2.18 9.08
CA LEU A 68 -10.60 -2.76 10.39
C LEU A 68 -10.56 -4.28 10.33
N LYS A 69 -11.65 -4.88 9.83
CA LYS A 69 -11.73 -6.33 9.71
C LYS A 69 -10.61 -6.85 8.82
N HIS A 70 -10.47 -6.22 7.66
CA HIS A 70 -9.43 -6.61 6.70
C HIS A 70 -8.05 -6.44 7.33
N GLN A 71 -7.92 -5.49 8.25
CA GLN A 71 -6.67 -5.24 8.94
C GLN A 71 -6.27 -6.44 9.79
N VAL A 72 -7.27 -7.00 10.47
CA VAL A 72 -7.04 -8.17 11.32
C VAL A 72 -6.57 -9.35 10.48
N GLU A 73 -7.24 -9.56 9.36
CA GLU A 73 -6.89 -10.65 8.45
C GLU A 73 -5.56 -10.36 7.75
N TYR A 74 -5.30 -9.08 7.52
CA TYR A 74 -4.07 -8.66 6.86
C TYR A 74 -2.87 -8.85 7.80
N ASP A 75 -3.06 -8.53 9.06
CA ASP A 75 -2.01 -8.67 10.06
C ASP A 75 -1.68 -10.14 10.30
N GLN A 76 -2.71 -10.97 10.28
CA GLN A 76 -2.54 -12.40 10.49
C GLN A 76 -1.76 -13.03 9.34
N LEU A 77 -2.07 -12.60 8.13
CA LEU A 77 -1.39 -13.12 6.93
C LEU A 77 0.07 -12.67 6.89
N THR A 78 0.32 -11.46 7.37
CA THR A 78 1.68 -10.92 7.39
C THR A 78 2.36 -11.21 8.73
N PRO A 79 3.56 -11.84 8.69
CA PRO A 79 4.31 -12.16 9.91
C PRO A 79 4.56 -10.93 10.78
N ARG A 80 5.41 -11.10 11.80
CA ARG A 80 5.73 -10.00 12.71
C ARG A 80 4.47 -9.46 13.38
N GLY B 1 -14.02 5.85 6.18
CA GLY B 1 -13.89 6.29 4.80
C GLY B 1 -12.93 5.42 4.01
N SER B 2 -12.69 5.81 2.76
CA SER B 2 -11.79 5.07 1.89
C SER B 2 -10.43 5.76 1.80
N LEU B 3 -9.44 5.18 2.46
CA LEU B 3 -8.09 5.74 2.45
C LEU B 3 -7.31 5.29 1.21
N LEU B 4 -7.69 4.13 0.67
CA LEU B 4 -7.03 3.60 -0.51
C LEU B 4 -6.97 4.64 -1.62
N LYS B 5 -8.12 5.21 -1.97
CA LYS B 5 -8.21 6.23 -3.00
C LYS B 5 -7.37 7.45 -2.64
N GLU B 6 -7.28 7.73 -1.35
CA GLU B 6 -6.51 8.88 -0.87
C GLU B 6 -5.04 8.74 -1.25
N VAL B 7 -4.52 7.52 -1.14
CA VAL B 7 -3.12 7.26 -1.46
C VAL B 7 -2.88 7.34 -2.97
N LEU B 8 -3.75 6.69 -3.74
CA LEU B 8 -3.62 6.69 -5.20
C LEU B 8 -3.81 8.10 -5.74
N GLU B 9 -4.83 8.79 -5.25
CA GLU B 9 -5.13 10.14 -5.69
C GLU B 9 -4.03 11.10 -5.27
N ASP B 10 -3.49 10.89 -4.07
CA ASP B 10 -2.43 11.74 -3.55
C ASP B 10 -1.16 11.65 -4.40
N TYR B 11 -0.89 10.44 -4.90
CA TYR B 11 0.31 10.23 -5.72
C TYR B 11 0.12 10.77 -7.13
N LEU B 12 -0.93 10.32 -7.81
CA LEU B 12 -1.21 10.77 -9.16
C LEU B 12 -1.22 12.29 -9.24
N ARG B 13 -1.69 12.93 -8.16
CA ARG B 13 -1.72 14.37 -8.10
C ARG B 13 -0.33 14.91 -7.81
N LEU B 14 0.42 14.19 -6.99
CA LEU B 14 1.78 14.58 -6.66
C LEU B 14 2.69 14.45 -7.88
N LYS B 15 2.19 13.77 -8.91
CA LYS B 15 2.95 13.59 -10.14
C LYS B 15 3.11 14.90 -10.90
N LYS B 16 2.03 15.34 -11.52
CA LYS B 16 2.02 16.58 -12.29
C LYS B 16 2.42 17.76 -11.41
#